data_1L0B
# 
_entry.id   1L0B 
# 
_audit_conform.dict_name       mmcif_pdbx.dic 
_audit_conform.dict_version    5.386 
_audit_conform.dict_location   http://mmcif.pdb.org/dictionaries/ascii/mmcif_pdbx.dic 
# 
loop_
_database_2.database_id 
_database_2.database_code 
_database_2.pdbx_database_accession 
_database_2.pdbx_DOI 
PDB   1L0B         pdb_00001l0b 10.2210/pdb1l0b/pdb 
RCSB  RCSB015523   ?            ?                   
WWPDB D_1000015523 ?            ?                   
# 
loop_
_pdbx_audit_revision_history.ordinal 
_pdbx_audit_revision_history.data_content_type 
_pdbx_audit_revision_history.major_revision 
_pdbx_audit_revision_history.minor_revision 
_pdbx_audit_revision_history.revision_date 
1 'Structure model' 1 0 2002-03-20 
2 'Structure model' 1 1 2008-04-28 
3 'Structure model' 1 2 2011-07-13 
4 'Structure model' 1 3 2024-02-14 
# 
_pdbx_audit_revision_details.ordinal             1 
_pdbx_audit_revision_details.revision_ordinal    1 
_pdbx_audit_revision_details.data_content_type   'Structure model' 
_pdbx_audit_revision_details.provider            repository 
_pdbx_audit_revision_details.type                'Initial release' 
_pdbx_audit_revision_details.description         ? 
_pdbx_audit_revision_details.details             ? 
# 
loop_
_pdbx_audit_revision_group.ordinal 
_pdbx_audit_revision_group.revision_ordinal 
_pdbx_audit_revision_group.data_content_type 
_pdbx_audit_revision_group.group 
1 2 'Structure model' 'Version format compliance' 
2 3 'Structure model' 'Version format compliance' 
3 4 'Structure model' 'Data collection'           
4 4 'Structure model' 'Database references'       
# 
loop_
_pdbx_audit_revision_category.ordinal 
_pdbx_audit_revision_category.revision_ordinal 
_pdbx_audit_revision_category.data_content_type 
_pdbx_audit_revision_category.category 
1 4 'Structure model' chem_comp_atom 
2 4 'Structure model' chem_comp_bond 
3 4 'Structure model' database_2     
# 
loop_
_pdbx_audit_revision_item.ordinal 
_pdbx_audit_revision_item.revision_ordinal 
_pdbx_audit_revision_item.data_content_type 
_pdbx_audit_revision_item.item 
1 4 'Structure model' '_database_2.pdbx_DOI'                
2 4 'Structure model' '_database_2.pdbx_database_accession' 
# 
_pdbx_database_status.status_code                     REL 
_pdbx_database_status.entry_id                        1L0B 
_pdbx_database_status.recvd_initial_deposition_date   2002-02-08 
_pdbx_database_status.deposit_site                    RCSB 
_pdbx_database_status.process_site                    RCSB 
_pdbx_database_status.SG_entry                        . 
_pdbx_database_status.pdb_format_compatible           Y 
_pdbx_database_status.status_code_mr                  ? 
_pdbx_database_status.status_code_sf                  ? 
_pdbx_database_status.status_code_cs                  ? 
_pdbx_database_status.status_code_nmr_data            ? 
_pdbx_database_status.methods_development_category    ? 
# 
loop_
_audit_author.name 
_audit_author.pdbx_ordinal 
'Joo, W.S.'        1 
'Jeffrey, P.D.'    2 
'Cantor, S.B.'     3 
'Finnin, M.S.'     4 
'Livingston, D.M.' 5 
'Pavletich, N.P.'  6 
# 
_citation.id                        primary 
_citation.title                     
'Structure of the 53BP1 BRCT region bound to p53 and its comparison to the Brca1 BRCT structure.' 
_citation.journal_abbrev            'Genes Dev.' 
_citation.journal_volume            16 
_citation.page_first                583 
_citation.page_last                 593 
_citation.year                      2002 
_citation.journal_id_ASTM           GEDEEP 
_citation.country                   US 
_citation.journal_id_ISSN           0890-9369 
_citation.journal_id_CSD            2056 
_citation.book_publisher            ? 
_citation.pdbx_database_id_PubMed   11877378 
_citation.pdbx_database_id_DOI      10.1101/gad.959202 
# 
loop_
_citation_author.citation_id 
_citation_author.name 
_citation_author.ordinal 
_citation_author.identifier_ORCID 
primary 'Joo, W.S.'        1 ? 
primary 'Jeffrey, P.D.'    2 ? 
primary 'Cantor, S.B.'     3 ? 
primary 'Finnin, M.S.'     4 ? 
primary 'Livingston, D.M.' 5 ? 
primary 'Pavletich, N.P.'  6 ? 
# 
loop_
_entity.id 
_entity.type 
_entity.src_method 
_entity.pdbx_description 
_entity.formula_weight 
_entity.pdbx_number_of_molecules 
_entity.pdbx_ec 
_entity.pdbx_mutation 
_entity.pdbx_fragment 
_entity.details 
1 polymer man BRCA1 26104.854 1   ? ? 'tandem-BRCT region' ? 
2 water   nat water 18.015    177 ? ? ?                    ? 
# 
_entity_poly.entity_id                      1 
_entity_poly.type                           'polypeptide(L)' 
_entity_poly.nstd_linkage                   no 
_entity_poly.nstd_monomer                   no 
_entity_poly.pdbx_seq_one_letter_code       
;KERAERDISMVVSGLTPKEVMIVQKFAEKYRLALTDVITEETTHVIIKTDAEFVCERTLKYFLGIAGGKWIVSYSWVIKS
IQERKLLSVHEFEVKGDVVTGSNHQGPRRSRESQEKLFEGLQIYCCEPFTNMPKDELERMLQLCGASVVKELPLLTRDTG
AHPIVLVQPSAWTEDNDCPDIGQLCKGRLVMWDWVLDSISVYRCRDLDAYLVQNITCGRDGSEPQDSND
;
_entity_poly.pdbx_seq_one_letter_code_can   
;KERAERDISMVVSGLTPKEVMIVQKFAEKYRLALTDVITEETTHVIIKTDAEFVCERTLKYFLGIAGGKWIVSYSWVIKS
IQERKLLSVHEFEVKGDVVTGSNHQGPRRSRESQEKLFEGLQIYCCEPFTNMPKDELERMLQLCGASVVKELPLLTRDTG
AHPIVLVQPSAWTEDNDCPDIGQLCKGRLVMWDWVLDSISVYRCRDLDAYLVQNITCGRDGSEPQDSND
;
_entity_poly.pdbx_strand_id                 A 
_entity_poly.pdbx_target_identifier         ? 
# 
_pdbx_entity_nonpoly.entity_id   2 
_pdbx_entity_nonpoly.name        water 
_pdbx_entity_nonpoly.comp_id     HOH 
# 
loop_
_entity_poly_seq.entity_id 
_entity_poly_seq.num 
_entity_poly_seq.mon_id 
_entity_poly_seq.hetero 
1 1   LYS n 
1 2   GLU n 
1 3   ARG n 
1 4   ALA n 
1 5   GLU n 
1 6   ARG n 
1 7   ASP n 
1 8   ILE n 
1 9   SER n 
1 10  MET n 
1 11  VAL n 
1 12  VAL n 
1 13  SER n 
1 14  GLY n 
1 15  LEU n 
1 16  THR n 
1 17  PRO n 
1 18  LYS n 
1 19  GLU n 
1 20  VAL n 
1 21  MET n 
1 22  ILE n 
1 23  VAL n 
1 24  GLN n 
1 25  LYS n 
1 26  PHE n 
1 27  ALA n 
1 28  GLU n 
1 29  LYS n 
1 30  TYR n 
1 31  ARG n 
1 32  LEU n 
1 33  ALA n 
1 34  LEU n 
1 35  THR n 
1 36  ASP n 
1 37  VAL n 
1 38  ILE n 
1 39  THR n 
1 40  GLU n 
1 41  GLU n 
1 42  THR n 
1 43  THR n 
1 44  HIS n 
1 45  VAL n 
1 46  ILE n 
1 47  ILE n 
1 48  LYS n 
1 49  THR n 
1 50  ASP n 
1 51  ALA n 
1 52  GLU n 
1 53  PHE n 
1 54  VAL n 
1 55  CYS n 
1 56  GLU n 
1 57  ARG n 
1 58  THR n 
1 59  LEU n 
1 60  LYS n 
1 61  TYR n 
1 62  PHE n 
1 63  LEU n 
1 64  GLY n 
1 65  ILE n 
1 66  ALA n 
1 67  GLY n 
1 68  GLY n 
1 69  LYS n 
1 70  TRP n 
1 71  ILE n 
1 72  VAL n 
1 73  SER n 
1 74  TYR n 
1 75  SER n 
1 76  TRP n 
1 77  VAL n 
1 78  ILE n 
1 79  LYS n 
1 80  SER n 
1 81  ILE n 
1 82  GLN n 
1 83  GLU n 
1 84  ARG n 
1 85  LYS n 
1 86  LEU n 
1 87  LEU n 
1 88  SER n 
1 89  VAL n 
1 90  HIS n 
1 91  GLU n 
1 92  PHE n 
1 93  GLU n 
1 94  VAL n 
1 95  LYS n 
1 96  GLY n 
1 97  ASP n 
1 98  VAL n 
1 99  VAL n 
1 100 THR n 
1 101 GLY n 
1 102 SER n 
1 103 ASN n 
1 104 HIS n 
1 105 GLN n 
1 106 GLY n 
1 107 PRO n 
1 108 ARG n 
1 109 ARG n 
1 110 SER n 
1 111 ARG n 
1 112 GLU n 
1 113 SER n 
1 114 GLN n 
1 115 GLU n 
1 116 LYS n 
1 117 LEU n 
1 118 PHE n 
1 119 GLU n 
1 120 GLY n 
1 121 LEU n 
1 122 GLN n 
1 123 ILE n 
1 124 TYR n 
1 125 CYS n 
1 126 CYS n 
1 127 GLU n 
1 128 PRO n 
1 129 PHE n 
1 130 THR n 
1 131 ASN n 
1 132 MET n 
1 133 PRO n 
1 134 LYS n 
1 135 ASP n 
1 136 GLU n 
1 137 LEU n 
1 138 GLU n 
1 139 ARG n 
1 140 MET n 
1 141 LEU n 
1 142 GLN n 
1 143 LEU n 
1 144 CYS n 
1 145 GLY n 
1 146 ALA n 
1 147 SER n 
1 148 VAL n 
1 149 VAL n 
1 150 LYS n 
1 151 GLU n 
1 152 LEU n 
1 153 PRO n 
1 154 LEU n 
1 155 LEU n 
1 156 THR n 
1 157 ARG n 
1 158 ASP n 
1 159 THR n 
1 160 GLY n 
1 161 ALA n 
1 162 HIS n 
1 163 PRO n 
1 164 ILE n 
1 165 VAL n 
1 166 LEU n 
1 167 VAL n 
1 168 GLN n 
1 169 PRO n 
1 170 SER n 
1 171 ALA n 
1 172 TRP n 
1 173 THR n 
1 174 GLU n 
1 175 ASP n 
1 176 ASN n 
1 177 ASP n 
1 178 CYS n 
1 179 PRO n 
1 180 ASP n 
1 181 ILE n 
1 182 GLY n 
1 183 GLN n 
1 184 LEU n 
1 185 CYS n 
1 186 LYS n 
1 187 GLY n 
1 188 ARG n 
1 189 LEU n 
1 190 VAL n 
1 191 MET n 
1 192 TRP n 
1 193 ASP n 
1 194 TRP n 
1 195 VAL n 
1 196 LEU n 
1 197 ASP n 
1 198 SER n 
1 199 ILE n 
1 200 SER n 
1 201 VAL n 
1 202 TYR n 
1 203 ARG n 
1 204 CYS n 
1 205 ARG n 
1 206 ASP n 
1 207 LEU n 
1 208 ASP n 
1 209 ALA n 
1 210 TYR n 
1 211 LEU n 
1 212 VAL n 
1 213 GLN n 
1 214 ASN n 
1 215 ILE n 
1 216 THR n 
1 217 CYS n 
1 218 GLY n 
1 219 ARG n 
1 220 ASP n 
1 221 GLY n 
1 222 SER n 
1 223 GLU n 
1 224 PRO n 
1 225 GLN n 
1 226 ASP n 
1 227 SER n 
1 228 ASN n 
1 229 ASP n 
# 
_entity_src_gen.entity_id                          1 
_entity_src_gen.pdbx_src_id                        1 
_entity_src_gen.pdbx_alt_source_flag               sample 
_entity_src_gen.pdbx_seq_type                      ? 
_entity_src_gen.pdbx_beg_seq_num                   ? 
_entity_src_gen.pdbx_end_seq_num                   ? 
_entity_src_gen.gene_src_common_name               'Norway rat' 
_entity_src_gen.gene_src_genus                     Rattus 
_entity_src_gen.pdbx_gene_src_gene                 ? 
_entity_src_gen.gene_src_species                   ? 
_entity_src_gen.gene_src_strain                    ? 
_entity_src_gen.gene_src_tissue                    ? 
_entity_src_gen.gene_src_tissue_fraction           ? 
_entity_src_gen.gene_src_details                   ? 
_entity_src_gen.pdbx_gene_src_fragment             ? 
_entity_src_gen.pdbx_gene_src_scientific_name      'Rattus norvegicus' 
_entity_src_gen.pdbx_gene_src_ncbi_taxonomy_id     10116 
_entity_src_gen.pdbx_gene_src_variant              ? 
_entity_src_gen.pdbx_gene_src_cell_line            ? 
_entity_src_gen.pdbx_gene_src_atcc                 ? 
_entity_src_gen.pdbx_gene_src_organ                ? 
_entity_src_gen.pdbx_gene_src_organelle            ? 
_entity_src_gen.pdbx_gene_src_cell                 ? 
_entity_src_gen.pdbx_gene_src_cellular_location    ? 
_entity_src_gen.host_org_common_name               ? 
_entity_src_gen.pdbx_host_org_scientific_name      'Escherichia coli BL21(DE3)' 
_entity_src_gen.pdbx_host_org_ncbi_taxonomy_id     469008 
_entity_src_gen.host_org_genus                     Escherichia 
_entity_src_gen.pdbx_host_org_gene                 ? 
_entity_src_gen.pdbx_host_org_organ                ? 
_entity_src_gen.host_org_species                   'Escherichia coli' 
_entity_src_gen.pdbx_host_org_tissue               ? 
_entity_src_gen.pdbx_host_org_tissue_fraction      ? 
_entity_src_gen.pdbx_host_org_strain               'BL21(DE3)' 
_entity_src_gen.pdbx_host_org_variant              ? 
_entity_src_gen.pdbx_host_org_cell_line            ? 
_entity_src_gen.pdbx_host_org_atcc                 ? 
_entity_src_gen.pdbx_host_org_culture_collection   ? 
_entity_src_gen.pdbx_host_org_cell                 ? 
_entity_src_gen.pdbx_host_org_organelle            ? 
_entity_src_gen.pdbx_host_org_cellular_location    ? 
_entity_src_gen.pdbx_host_org_vector_type          ? 
_entity_src_gen.pdbx_host_org_vector               ? 
_entity_src_gen.host_org_details                   ? 
_entity_src_gen.expression_system_id               ? 
_entity_src_gen.plasmid_name                       ? 
_entity_src_gen.plasmid_details                    ? 
_entity_src_gen.pdbx_description                   ? 
# 
loop_
_chem_comp.id 
_chem_comp.type 
_chem_comp.mon_nstd_flag 
_chem_comp.name 
_chem_comp.pdbx_synonyms 
_chem_comp.formula 
_chem_comp.formula_weight 
ALA 'L-peptide linking' y ALANINE         ? 'C3 H7 N O2'     89.093  
ARG 'L-peptide linking' y ARGININE        ? 'C6 H15 N4 O2 1' 175.209 
ASN 'L-peptide linking' y ASPARAGINE      ? 'C4 H8 N2 O3'    132.118 
ASP 'L-peptide linking' y 'ASPARTIC ACID' ? 'C4 H7 N O4'     133.103 
CYS 'L-peptide linking' y CYSTEINE        ? 'C3 H7 N O2 S'   121.158 
GLN 'L-peptide linking' y GLUTAMINE       ? 'C5 H10 N2 O3'   146.144 
GLU 'L-peptide linking' y 'GLUTAMIC ACID' ? 'C5 H9 N O4'     147.129 
GLY 'peptide linking'   y GLYCINE         ? 'C2 H5 N O2'     75.067  
HIS 'L-peptide linking' y HISTIDINE       ? 'C6 H10 N3 O2 1' 156.162 
HOH non-polymer         . WATER           ? 'H2 O'           18.015  
ILE 'L-peptide linking' y ISOLEUCINE      ? 'C6 H13 N O2'    131.173 
LEU 'L-peptide linking' y LEUCINE         ? 'C6 H13 N O2'    131.173 
LYS 'L-peptide linking' y LYSINE          ? 'C6 H15 N2 O2 1' 147.195 
MET 'L-peptide linking' y METHIONINE      ? 'C5 H11 N O2 S'  149.211 
PHE 'L-peptide linking' y PHENYLALANINE   ? 'C9 H11 N O2'    165.189 
PRO 'L-peptide linking' y PROLINE         ? 'C5 H9 N O2'     115.130 
SER 'L-peptide linking' y SERINE          ? 'C3 H7 N O3'     105.093 
THR 'L-peptide linking' y THREONINE       ? 'C4 H9 N O3'     119.119 
TRP 'L-peptide linking' y TRYPTOPHAN      ? 'C11 H12 N2 O2'  204.225 
TYR 'L-peptide linking' y TYROSINE        ? 'C9 H11 N O3'    181.189 
VAL 'L-peptide linking' y VALINE          ? 'C5 H11 N O2'    117.146 
# 
loop_
_pdbx_poly_seq_scheme.asym_id 
_pdbx_poly_seq_scheme.entity_id 
_pdbx_poly_seq_scheme.seq_id 
_pdbx_poly_seq_scheme.mon_id 
_pdbx_poly_seq_scheme.ndb_seq_num 
_pdbx_poly_seq_scheme.pdb_seq_num 
_pdbx_poly_seq_scheme.auth_seq_num 
_pdbx_poly_seq_scheme.pdb_mon_id 
_pdbx_poly_seq_scheme.auth_mon_id 
_pdbx_poly_seq_scheme.pdb_strand_id 
_pdbx_poly_seq_scheme.pdb_ins_code 
_pdbx_poly_seq_scheme.hetero 
A 1 1   LYS 1   1589 ?    ?   ?   A . n 
A 1 2   GLU 2   1590 ?    ?   ?   A . n 
A 1 3   ARG 3   1591 1591 ARG ARG A . n 
A 1 4   ALA 4   1592 1592 ALA ALA A . n 
A 1 5   GLU 5   1593 1593 GLU GLU A . n 
A 1 6   ARG 6   1594 1594 ARG ARG A . n 
A 1 7   ASP 7   1595 1595 ASP ASP A . n 
A 1 8   ILE 8   1596 1596 ILE ILE A . n 
A 1 9   SER 9   1597 1597 SER SER A . n 
A 1 10  MET 10  1598 1598 MET MET A . n 
A 1 11  VAL 11  1599 1599 VAL VAL A . n 
A 1 12  VAL 12  1600 1600 VAL VAL A . n 
A 1 13  SER 13  1601 1601 SER SER A . n 
A 1 14  GLY 14  1602 1602 GLY GLY A . n 
A 1 15  LEU 15  1603 1603 LEU LEU A . n 
A 1 16  THR 16  1604 1604 THR THR A . n 
A 1 17  PRO 17  1605 1605 PRO PRO A . n 
A 1 18  LYS 18  1606 1606 LYS LYS A . n 
A 1 19  GLU 19  1607 1607 GLU GLU A . n 
A 1 20  VAL 20  1608 1608 VAL VAL A . n 
A 1 21  MET 21  1609 1609 MET MET A . n 
A 1 22  ILE 22  1610 1610 ILE ILE A . n 
A 1 23  VAL 23  1611 1611 VAL VAL A . n 
A 1 24  GLN 24  1612 1612 GLN GLN A . n 
A 1 25  LYS 25  1613 1613 LYS LYS A . n 
A 1 26  PHE 26  1614 1614 PHE PHE A . n 
A 1 27  ALA 27  1615 1615 ALA ALA A . n 
A 1 28  GLU 28  1616 1616 GLU GLU A . n 
A 1 29  LYS 29  1617 1617 LYS LYS A . n 
A 1 30  TYR 30  1618 1618 TYR TYR A . n 
A 1 31  ARG 31  1619 1619 ARG ARG A . n 
A 1 32  LEU 32  1620 1620 LEU LEU A . n 
A 1 33  ALA 33  1621 1621 ALA ALA A . n 
A 1 34  LEU 34  1622 1622 LEU LEU A . n 
A 1 35  THR 35  1623 1623 THR THR A . n 
A 1 36  ASP 36  1624 1624 ASP ASP A . n 
A 1 37  VAL 37  1625 1625 VAL VAL A . n 
A 1 38  ILE 38  1626 1626 ILE ILE A . n 
A 1 39  THR 39  1627 1627 THR THR A . n 
A 1 40  GLU 40  1628 1628 GLU GLU A . n 
A 1 41  GLU 41  1629 1629 GLU GLU A . n 
A 1 42  THR 42  1630 1630 THR THR A . n 
A 1 43  THR 43  1631 1631 THR THR A . n 
A 1 44  HIS 44  1632 1632 HIS HIS A . n 
A 1 45  VAL 45  1633 1633 VAL VAL A . n 
A 1 46  ILE 46  1634 1634 ILE ILE A . n 
A 1 47  ILE 47  1635 1635 ILE ILE A . n 
A 1 48  LYS 48  1636 1636 LYS LYS A . n 
A 1 49  THR 49  1637 1637 THR THR A . n 
A 1 50  ASP 50  1638 1638 ASP ASP A . n 
A 1 51  ALA 51  1639 1639 ALA ALA A . n 
A 1 52  GLU 52  1640 1640 GLU GLU A . n 
A 1 53  PHE 53  1641 1641 PHE PHE A . n 
A 1 54  VAL 54  1642 1642 VAL VAL A . n 
A 1 55  CYS 55  1643 1643 CYS CYS A . n 
A 1 56  GLU 56  1644 1644 GLU GLU A . n 
A 1 57  ARG 57  1645 1645 ARG ARG A . n 
A 1 58  THR 58  1646 1646 THR THR A . n 
A 1 59  LEU 59  1647 1647 LEU LEU A . n 
A 1 60  LYS 60  1648 1648 LYS LYS A . n 
A 1 61  TYR 61  1649 1649 TYR TYR A . n 
A 1 62  PHE 62  1650 1650 PHE PHE A . n 
A 1 63  LEU 63  1651 1651 LEU LEU A . n 
A 1 64  GLY 64  1652 1652 GLY GLY A . n 
A 1 65  ILE 65  1653 1653 ILE ILE A . n 
A 1 66  ALA 66  1654 1654 ALA ALA A . n 
A 1 67  GLY 67  1655 1655 GLY GLY A . n 
A 1 68  GLY 68  1656 1656 GLY GLY A . n 
A 1 69  LYS 69  1657 1657 LYS LYS A . n 
A 1 70  TRP 70  1658 1658 TRP TRP A . n 
A 1 71  ILE 71  1659 1659 ILE ILE A . n 
A 1 72  VAL 72  1660 1660 VAL VAL A . n 
A 1 73  SER 73  1661 1661 SER SER A . n 
A 1 74  TYR 74  1662 1662 TYR TYR A . n 
A 1 75  SER 75  1663 1663 SER SER A . n 
A 1 76  TRP 76  1664 1664 TRP TRP A . n 
A 1 77  VAL 77  1665 1665 VAL VAL A . n 
A 1 78  ILE 78  1666 1666 ILE ILE A . n 
A 1 79  LYS 79  1667 1667 LYS LYS A . n 
A 1 80  SER 80  1668 1668 SER SER A . n 
A 1 81  ILE 81  1669 1669 ILE ILE A . n 
A 1 82  GLN 82  1670 1670 GLN GLN A . n 
A 1 83  GLU 83  1671 1671 GLU GLU A . n 
A 1 84  ARG 84  1672 1672 ARG ARG A . n 
A 1 85  LYS 85  1673 1673 LYS LYS A . n 
A 1 86  LEU 86  1674 1674 LEU LEU A . n 
A 1 87  LEU 87  1675 1675 LEU LEU A . n 
A 1 88  SER 88  1676 1676 SER SER A . n 
A 1 89  VAL 89  1677 1677 VAL VAL A . n 
A 1 90  HIS 90  1678 1678 HIS HIS A . n 
A 1 91  GLU 91  1679 1679 GLU GLU A . n 
A 1 92  PHE 92  1680 1680 PHE PHE A . n 
A 1 93  GLU 93  1681 1681 GLU GLU A . n 
A 1 94  VAL 94  1682 1682 VAL VAL A . n 
A 1 95  LYS 95  1683 1683 LYS LYS A . n 
A 1 96  GLY 96  1684 1684 GLY GLY A . n 
A 1 97  ASP 97  1685 1685 ASP ASP A . n 
A 1 98  VAL 98  1686 1686 VAL VAL A . n 
A 1 99  VAL 99  1687 1687 VAL VAL A . n 
A 1 100 THR 100 1688 1688 THR THR A . n 
A 1 101 GLY 101 1689 1689 GLY GLY A . n 
A 1 102 SER 102 1690 1690 SER SER A . n 
A 1 103 ASN 103 1691 1691 ASN ASN A . n 
A 1 104 HIS 104 1692 1692 HIS HIS A . n 
A 1 105 GLN 105 1693 1693 GLN GLN A . n 
A 1 106 GLY 106 1694 1694 GLY GLY A . n 
A 1 107 PRO 107 1695 1695 PRO PRO A . n 
A 1 108 ARG 108 1696 1696 ARG ARG A . n 
A 1 109 ARG 109 1697 1697 ARG ARG A . n 
A 1 110 SER 110 1698 1698 SER SER A . n 
A 1 111 ARG 111 1699 1699 ARG ARG A . n 
A 1 112 GLU 112 1700 1700 GLU GLU A . n 
A 1 113 SER 113 1701 1701 SER SER A . n 
A 1 114 GLN 114 1702 1702 GLN GLN A . n 
A 1 115 GLU 115 1703 ?    ?   ?   A . n 
A 1 116 LYS 116 1704 ?    ?   ?   A . n 
A 1 117 LEU 117 1705 1705 LEU LEU A . n 
A 1 118 PHE 118 1706 1706 PHE PHE A . n 
A 1 119 GLU 119 1707 1707 GLU GLU A . n 
A 1 120 GLY 120 1708 1708 GLY GLY A . n 
A 1 121 LEU 121 1709 1709 LEU LEU A . n 
A 1 122 GLN 122 1710 1710 GLN GLN A . n 
A 1 123 ILE 123 1711 1711 ILE ILE A . n 
A 1 124 TYR 124 1712 1712 TYR TYR A . n 
A 1 125 CYS 125 1713 1713 CYS CYS A . n 
A 1 126 CYS 126 1714 1714 CYS CYS A . n 
A 1 127 GLU 127 1715 1715 GLU GLU A . n 
A 1 128 PRO 128 1716 1716 PRO PRO A . n 
A 1 129 PHE 129 1717 1717 PHE PHE A . n 
A 1 130 THR 130 1718 1718 THR THR A . n 
A 1 131 ASN 131 1719 1719 ASN ASN A . n 
A 1 132 MET 132 1720 1720 MET MET A . n 
A 1 133 PRO 133 1721 1721 PRO PRO A . n 
A 1 134 LYS 134 1722 1722 LYS LYS A . n 
A 1 135 ASP 135 1723 1723 ASP ASP A . n 
A 1 136 GLU 136 1724 1724 GLU GLU A . n 
A 1 137 LEU 137 1725 1725 LEU LEU A . n 
A 1 138 GLU 138 1726 1726 GLU GLU A . n 
A 1 139 ARG 139 1727 1727 ARG ARG A . n 
A 1 140 MET 140 1728 1728 MET MET A . n 
A 1 141 LEU 141 1729 1729 LEU LEU A . n 
A 1 142 GLN 142 1730 1730 GLN GLN A . n 
A 1 143 LEU 143 1731 1731 LEU LEU A . n 
A 1 144 CYS 144 1732 1732 CYS CYS A . n 
A 1 145 GLY 145 1733 1733 GLY GLY A . n 
A 1 146 ALA 146 1734 1734 ALA ALA A . n 
A 1 147 SER 147 1735 1735 SER SER A . n 
A 1 148 VAL 148 1736 1736 VAL VAL A . n 
A 1 149 VAL 149 1737 1737 VAL VAL A . n 
A 1 150 LYS 150 1738 1738 LYS LYS A . n 
A 1 151 GLU 151 1739 1739 GLU GLU A . n 
A 1 152 LEU 152 1740 1740 LEU LEU A . n 
A 1 153 PRO 153 1741 1741 PRO PRO A . n 
A 1 154 LEU 154 1742 1742 LEU LEU A . n 
A 1 155 LEU 155 1743 1743 LEU LEU A . n 
A 1 156 THR 156 1744 1744 THR THR A . n 
A 1 157 ARG 157 1745 1745 ARG ARG A . n 
A 1 158 ASP 158 1746 1746 ASP ASP A . n 
A 1 159 THR 159 1747 1747 THR THR A . n 
A 1 160 GLY 160 1748 1748 GLY GLY A . n 
A 1 161 ALA 161 1749 1749 ALA ALA A . n 
A 1 162 HIS 162 1750 1750 HIS HIS A . n 
A 1 163 PRO 163 1751 1751 PRO PRO A . n 
A 1 164 ILE 164 1752 1752 ILE ILE A . n 
A 1 165 VAL 165 1753 1753 VAL VAL A . n 
A 1 166 LEU 166 1754 1754 LEU LEU A . n 
A 1 167 VAL 167 1755 1755 VAL VAL A . n 
A 1 168 GLN 168 1756 1756 GLN GLN A . n 
A 1 169 PRO 169 1757 ?    ?   ?   A . n 
A 1 170 SER 170 1758 ?    ?   ?   A . n 
A 1 171 ALA 171 1759 ?    ?   ?   A . n 
A 1 172 TRP 172 1760 ?    ?   ?   A . n 
A 1 173 THR 173 1761 ?    ?   ?   A . n 
A 1 174 GLU 174 1762 ?    ?   ?   A . n 
A 1 175 ASP 175 1763 ?    ?   ?   A . n 
A 1 176 ASN 176 1764 ?    ?   ?   A . n 
A 1 177 ASP 177 1765 ?    ?   ?   A . n 
A 1 178 CYS 178 1766 ?    ?   ?   A . n 
A 1 179 PRO 179 1767 ?    ?   ?   A . n 
A 1 180 ASP 180 1768 ?    ?   ?   A . n 
A 1 181 ILE 181 1769 ?    ?   ?   A . n 
A 1 182 GLY 182 1770 ?    ?   ?   A . n 
A 1 183 GLN 183 1771 ?    ?   ?   A . n 
A 1 184 LEU 184 1772 ?    ?   ?   A . n 
A 1 185 CYS 185 1773 ?    ?   ?   A . n 
A 1 186 LYS 186 1774 ?    ?   ?   A . n 
A 1 187 GLY 187 1775 ?    ?   ?   A . n 
A 1 188 ARG 188 1776 1776 ARG ALA A . n 
A 1 189 LEU 189 1777 1777 LEU LEU A . n 
A 1 190 VAL 190 1778 1778 VAL VAL A . n 
A 1 191 MET 191 1779 1779 MET MET A . n 
A 1 192 TRP 192 1780 1780 TRP TRP A . n 
A 1 193 ASP 193 1781 1781 ASP ASP A . n 
A 1 194 TRP 194 1782 1782 TRP TRP A . n 
A 1 195 VAL 195 1783 1783 VAL VAL A . n 
A 1 196 LEU 196 1784 1784 LEU LEU A . n 
A 1 197 ASP 197 1785 1785 ASP ASP A . n 
A 1 198 SER 198 1786 1786 SER SER A . n 
A 1 199 ILE 199 1787 1787 ILE ILE A . n 
A 1 200 SER 200 1788 1788 SER SER A . n 
A 1 201 VAL 201 1789 1789 VAL VAL A . n 
A 1 202 TYR 202 1790 1790 TYR TYR A . n 
A 1 203 ARG 203 1791 1791 ARG ARG A . n 
A 1 204 CYS 204 1792 1792 CYS CYS A . n 
A 1 205 ARG 205 1793 1793 ARG ARG A . n 
A 1 206 ASP 206 1794 1794 ASP ASP A . n 
A 1 207 LEU 207 1795 1795 LEU LEU A . n 
A 1 208 ASP 208 1796 1796 ASP ASP A . n 
A 1 209 ALA 209 1797 1797 ALA ALA A . n 
A 1 210 TYR 210 1798 1798 TYR TYR A . n 
A 1 211 LEU 211 1799 1799 LEU LEU A . n 
A 1 212 VAL 212 1800 1800 VAL VAL A . n 
A 1 213 GLN 213 1801 1801 GLN ALA A . n 
A 1 214 ASN 214 1802 ?    ?   ?   A . n 
A 1 215 ILE 215 1803 ?    ?   ?   A . n 
A 1 216 THR 216 1804 ?    ?   ?   A . n 
A 1 217 CYS 217 1805 ?    ?   ?   A . n 
A 1 218 GLY 218 1806 ?    ?   ?   A . n 
A 1 219 ARG 219 1807 ?    ?   ?   A . n 
A 1 220 ASP 220 1808 ?    ?   ?   A . n 
A 1 221 GLY 221 1809 ?    ?   ?   A . n 
A 1 222 SER 222 1810 ?    ?   ?   A . n 
A 1 223 GLU 223 1811 ?    ?   ?   A . n 
A 1 224 PRO 224 1812 ?    ?   ?   A . n 
A 1 225 GLN 225 1813 ?    ?   ?   A . n 
A 1 226 ASP 226 1814 ?    ?   ?   A . n 
A 1 227 SER 227 1815 ?    ?   ?   A . n 
A 1 228 ASN 228 1816 ?    ?   ?   A . n 
A 1 229 ASP 229 1817 ?    ?   ?   A . n 
# 
loop_
_pdbx_nonpoly_scheme.asym_id 
_pdbx_nonpoly_scheme.entity_id 
_pdbx_nonpoly_scheme.mon_id 
_pdbx_nonpoly_scheme.ndb_seq_num 
_pdbx_nonpoly_scheme.pdb_seq_num 
_pdbx_nonpoly_scheme.auth_seq_num 
_pdbx_nonpoly_scheme.pdb_mon_id 
_pdbx_nonpoly_scheme.auth_mon_id 
_pdbx_nonpoly_scheme.pdb_strand_id 
_pdbx_nonpoly_scheme.pdb_ins_code 
B 2 HOH 1   1   1   HOH HOH A . 
B 2 HOH 2   2   2   HOH HOH A . 
B 2 HOH 3   3   3   HOH HOH A . 
B 2 HOH 4   4   4   HOH HOH A . 
B 2 HOH 5   5   5   HOH HOH A . 
B 2 HOH 6   6   6   HOH HOH A . 
B 2 HOH 7   7   7   HOH HOH A . 
B 2 HOH 8   8   8   HOH HOH A . 
B 2 HOH 9   9   9   HOH HOH A . 
B 2 HOH 10  10  10  HOH HOH A . 
B 2 HOH 11  11  11  HOH HOH A . 
B 2 HOH 12  12  12  HOH HOH A . 
B 2 HOH 13  13  13  HOH HOH A . 
B 2 HOH 14  14  14  HOH HOH A . 
B 2 HOH 15  15  15  HOH HOH A . 
B 2 HOH 16  16  16  HOH HOH A . 
B 2 HOH 17  17  17  HOH HOH A . 
B 2 HOH 18  18  18  HOH HOH A . 
B 2 HOH 19  19  19  HOH HOH A . 
B 2 HOH 20  20  20  HOH HOH A . 
B 2 HOH 21  21  21  HOH HOH A . 
B 2 HOH 22  22  22  HOH HOH A . 
B 2 HOH 23  23  23  HOH HOH A . 
B 2 HOH 24  24  24  HOH HOH A . 
B 2 HOH 25  25  25  HOH HOH A . 
B 2 HOH 26  26  26  HOH HOH A . 
B 2 HOH 27  27  27  HOH HOH A . 
B 2 HOH 28  28  28  HOH HOH A . 
B 2 HOH 29  29  29  HOH HOH A . 
B 2 HOH 30  30  30  HOH HOH A . 
B 2 HOH 31  31  31  HOH HOH A . 
B 2 HOH 32  32  32  HOH HOH A . 
B 2 HOH 33  33  33  HOH HOH A . 
B 2 HOH 34  34  34  HOH HOH A . 
B 2 HOH 35  35  35  HOH HOH A . 
B 2 HOH 36  36  36  HOH HOH A . 
B 2 HOH 37  37  37  HOH HOH A . 
B 2 HOH 38  38  38  HOH HOH A . 
B 2 HOH 39  39  39  HOH HOH A . 
B 2 HOH 40  40  40  HOH HOH A . 
B 2 HOH 41  41  41  HOH HOH A . 
B 2 HOH 42  42  42  HOH HOH A . 
B 2 HOH 43  43  43  HOH HOH A . 
B 2 HOH 44  44  44  HOH HOH A . 
B 2 HOH 45  45  45  HOH HOH A . 
B 2 HOH 46  46  46  HOH HOH A . 
B 2 HOH 47  47  47  HOH HOH A . 
B 2 HOH 48  48  48  HOH HOH A . 
B 2 HOH 49  49  49  HOH HOH A . 
B 2 HOH 50  50  50  HOH HOH A . 
B 2 HOH 51  51  51  HOH HOH A . 
B 2 HOH 52  52  52  HOH HOH A . 
B 2 HOH 53  53  53  HOH HOH A . 
B 2 HOH 54  54  54  HOH HOH A . 
B 2 HOH 55  55  55  HOH HOH A . 
B 2 HOH 56  56  56  HOH HOH A . 
B 2 HOH 57  57  57  HOH HOH A . 
B 2 HOH 58  58  58  HOH HOH A . 
B 2 HOH 59  59  59  HOH HOH A . 
B 2 HOH 60  60  60  HOH HOH A . 
B 2 HOH 61  61  61  HOH HOH A . 
B 2 HOH 62  62  62  HOH HOH A . 
B 2 HOH 63  63  63  HOH HOH A . 
B 2 HOH 64  64  64  HOH HOH A . 
B 2 HOH 65  65  65  HOH HOH A . 
B 2 HOH 66  66  66  HOH HOH A . 
B 2 HOH 67  67  67  HOH HOH A . 
B 2 HOH 68  68  68  HOH HOH A . 
B 2 HOH 69  69  69  HOH HOH A . 
B 2 HOH 70  70  70  HOH HOH A . 
B 2 HOH 71  71  71  HOH HOH A . 
B 2 HOH 72  72  72  HOH HOH A . 
B 2 HOH 73  73  73  HOH HOH A . 
B 2 HOH 74  74  74  HOH HOH A . 
B 2 HOH 75  75  75  HOH HOH A . 
B 2 HOH 76  76  76  HOH HOH A . 
B 2 HOH 77  77  77  HOH HOH A . 
B 2 HOH 78  78  78  HOH HOH A . 
B 2 HOH 79  79  79  HOH HOH A . 
B 2 HOH 80  80  80  HOH HOH A . 
B 2 HOH 81  81  81  HOH HOH A . 
B 2 HOH 82  82  82  HOH HOH A . 
B 2 HOH 83  83  83  HOH HOH A . 
B 2 HOH 84  84  84  HOH HOH A . 
B 2 HOH 85  85  85  HOH HOH A . 
B 2 HOH 86  86  86  HOH HOH A . 
B 2 HOH 87  87  87  HOH HOH A . 
B 2 HOH 88  88  88  HOH HOH A . 
B 2 HOH 89  89  89  HOH HOH A . 
B 2 HOH 90  90  90  HOH HOH A . 
B 2 HOH 91  91  91  HOH HOH A . 
B 2 HOH 92  92  92  HOH HOH A . 
B 2 HOH 93  93  93  HOH HOH A . 
B 2 HOH 94  94  94  HOH HOH A . 
B 2 HOH 95  95  95  HOH HOH A . 
B 2 HOH 96  96  96  HOH HOH A . 
B 2 HOH 97  97  97  HOH HOH A . 
B 2 HOH 98  98  98  HOH HOH A . 
B 2 HOH 99  99  99  HOH HOH A . 
B 2 HOH 100 100 100 HOH HOH A . 
B 2 HOH 101 101 101 HOH HOH A . 
B 2 HOH 102 102 102 HOH HOH A . 
B 2 HOH 103 103 103 HOH HOH A . 
B 2 HOH 104 104 104 HOH HOH A . 
B 2 HOH 105 105 105 HOH HOH A . 
B 2 HOH 106 106 106 HOH HOH A . 
B 2 HOH 107 107 107 HOH HOH A . 
B 2 HOH 108 108 108 HOH HOH A . 
B 2 HOH 109 109 109 HOH HOH A . 
B 2 HOH 110 110 110 HOH HOH A . 
B 2 HOH 111 111 111 HOH HOH A . 
B 2 HOH 112 112 112 HOH HOH A . 
B 2 HOH 113 113 113 HOH HOH A . 
B 2 HOH 114 114 114 HOH HOH A . 
B 2 HOH 115 115 115 HOH HOH A . 
B 2 HOH 116 116 116 HOH HOH A . 
B 2 HOH 117 117 117 HOH HOH A . 
B 2 HOH 118 118 118 HOH HOH A . 
B 2 HOH 119 119 119 HOH HOH A . 
B 2 HOH 120 120 120 HOH HOH A . 
B 2 HOH 121 121 121 HOH HOH A . 
B 2 HOH 122 122 122 HOH HOH A . 
B 2 HOH 123 123 123 HOH HOH A . 
B 2 HOH 124 124 124 HOH HOH A . 
B 2 HOH 125 125 125 HOH HOH A . 
B 2 HOH 126 126 126 HOH HOH A . 
B 2 HOH 127 127 127 HOH HOH A . 
B 2 HOH 128 128 128 HOH HOH A . 
B 2 HOH 129 129 129 HOH HOH A . 
B 2 HOH 130 130 130 HOH HOH A . 
B 2 HOH 131 131 131 HOH HOH A . 
B 2 HOH 132 132 132 HOH HOH A . 
B 2 HOH 133 133 133 HOH HOH A . 
B 2 HOH 134 134 134 HOH HOH A . 
B 2 HOH 135 135 135 HOH HOH A . 
B 2 HOH 136 136 136 HOH HOH A . 
B 2 HOH 137 137 137 HOH HOH A . 
B 2 HOH 138 138 138 HOH HOH A . 
B 2 HOH 139 139 139 HOH HOH A . 
B 2 HOH 140 140 140 HOH HOH A . 
B 2 HOH 141 141 141 HOH HOH A . 
B 2 HOH 142 142 142 HOH HOH A . 
B 2 HOH 143 143 143 HOH HOH A . 
B 2 HOH 144 144 144 HOH HOH A . 
B 2 HOH 145 145 145 HOH HOH A . 
B 2 HOH 146 146 146 HOH HOH A . 
B 2 HOH 147 147 147 HOH HOH A . 
B 2 HOH 148 148 148 HOH HOH A . 
B 2 HOH 149 149 149 HOH HOH A . 
B 2 HOH 150 150 150 HOH HOH A . 
B 2 HOH 151 151 151 HOH HOH A . 
B 2 HOH 152 152 152 HOH HOH A . 
B 2 HOH 153 153 153 HOH HOH A . 
B 2 HOH 154 154 154 HOH HOH A . 
B 2 HOH 155 155 155 HOH HOH A . 
B 2 HOH 156 156 156 HOH HOH A . 
B 2 HOH 157 157 157 HOH HOH A . 
B 2 HOH 158 158 158 HOH HOH A . 
B 2 HOH 159 159 159 HOH HOH A . 
B 2 HOH 160 160 160 HOH HOH A . 
B 2 HOH 161 161 161 HOH HOH A . 
B 2 HOH 162 162 162 HOH HOH A . 
B 2 HOH 163 163 163 HOH HOH A . 
B 2 HOH 164 164 164 HOH HOH A . 
B 2 HOH 165 165 165 HOH HOH A . 
B 2 HOH 166 166 166 HOH HOH A . 
B 2 HOH 167 167 167 HOH HOH A . 
B 2 HOH 168 168 168 HOH HOH A . 
B 2 HOH 169 169 169 HOH HOH A . 
B 2 HOH 170 170 170 HOH HOH A . 
B 2 HOH 171 171 171 HOH HOH A . 
B 2 HOH 172 172 172 HOH HOH A . 
B 2 HOH 173 173 173 HOH HOH A . 
B 2 HOH 174 174 174 HOH HOH A . 
B 2 HOH 175 175 175 HOH HOH A . 
B 2 HOH 176 176 176 HOH HOH A . 
B 2 HOH 177 177 177 HOH HOH A . 
# 
loop_
_pdbx_unobs_or_zero_occ_atoms.id 
_pdbx_unobs_or_zero_occ_atoms.PDB_model_num 
_pdbx_unobs_or_zero_occ_atoms.polymer_flag 
_pdbx_unobs_or_zero_occ_atoms.occupancy_flag 
_pdbx_unobs_or_zero_occ_atoms.auth_asym_id 
_pdbx_unobs_or_zero_occ_atoms.auth_comp_id 
_pdbx_unobs_or_zero_occ_atoms.auth_seq_id 
_pdbx_unobs_or_zero_occ_atoms.PDB_ins_code 
_pdbx_unobs_or_zero_occ_atoms.auth_atom_id 
_pdbx_unobs_or_zero_occ_atoms.label_alt_id 
_pdbx_unobs_or_zero_occ_atoms.label_asym_id 
_pdbx_unobs_or_zero_occ_atoms.label_comp_id 
_pdbx_unobs_or_zero_occ_atoms.label_seq_id 
_pdbx_unobs_or_zero_occ_atoms.label_atom_id 
1  1 Y 1 A ARG 1776 ? CG  ? A ARG 188 CG  
2  1 Y 1 A ARG 1776 ? CD  ? A ARG 188 CD  
3  1 Y 1 A ARG 1776 ? NE  ? A ARG 188 NE  
4  1 Y 1 A ARG 1776 ? CZ  ? A ARG 188 CZ  
5  1 Y 1 A ARG 1776 ? NH1 ? A ARG 188 NH1 
6  1 Y 1 A ARG 1776 ? NH2 ? A ARG 188 NH2 
7  1 Y 1 A GLN 1801 ? CG  ? A GLN 213 CG  
8  1 Y 1 A GLN 1801 ? CD  ? A GLN 213 CD  
9  1 Y 1 A GLN 1801 ? OE1 ? A GLN 213 OE1 
10 1 Y 1 A GLN 1801 ? NE2 ? A GLN 213 NE2 
# 
loop_
_software.name 
_software.classification 
_software.version 
_software.citation_id 
_software.pdbx_ordinal 
MLPHARE   phasing          . ? 1 
CNS       refinement       . ? 2 
DENZO     'data reduction' . ? 3 
SCALEPACK 'data scaling'   . ? 4 
# 
_cell.entry_id           1L0B 
_cell.length_a           84.512 
_cell.length_b           58.722 
_cell.length_c           65.327 
_cell.angle_alpha        90.00 
_cell.angle_beta         111.28 
_cell.angle_gamma        90.00 
_cell.Z_PDB              4 
_cell.pdbx_unique_axis   ? 
# 
_symmetry.entry_id                         1L0B 
_symmetry.space_group_name_H-M             'C 1 2 1' 
_symmetry.pdbx_full_space_group_name_H-M   ? 
_symmetry.cell_setting                     ? 
_symmetry.Int_Tables_number                5 
# 
_exptl.entry_id          1L0B 
_exptl.method            'X-RAY DIFFRACTION' 
_exptl.crystals_number   1 
# 
_exptl_crystal.id                    1 
_exptl_crystal.density_meas          ? 
_exptl_crystal.density_percent_sol   57.47 
_exptl_crystal.density_Matthews      2.89 
_exptl_crystal.description           ? 
# 
_exptl_crystal_grow.crystal_id      1 
_exptl_crystal_grow.method          'VAPOR DIFFUSION, HANGING DROP' 
_exptl_crystal_grow.temp            277 
_exptl_crystal_grow.temp_details    ? 
_exptl_crystal_grow.pH              8.5 
_exptl_crystal_grow.pdbx_details    
'PEG 8000, Tris-hydrochloride, sodium chloride, pH 8.5, VAPOR DIFFUSION, HANGING DROP, temperature 277K' 
_exptl_crystal_grow.pdbx_pH_range   . 
# 
loop_
_diffrn.id 
_diffrn.ambient_temp 
_diffrn.ambient_temp_details 
_diffrn.crystal_id 
1 103 ? 1 
2 103 ? 1 
3 103 ? 1 
# 
loop_
_diffrn_detector.diffrn_id 
_diffrn_detector.detector 
_diffrn_detector.type 
_diffrn_detector.pdbx_collection_date 
_diffrn_detector.details 
1 CCD 'ADSC QUANTUM 4' 2001-05-13 ? 
2 CCD MARRESEARCH      2001-04-28 ? 
3 CCD MARRESEARCH      2001-04-28 ? 
# 
loop_
_diffrn_radiation.diffrn_id 
_diffrn_radiation.wavelength_id 
_diffrn_radiation.pdbx_monochromatic_or_laue_m_l 
_diffrn_radiation.monochromator 
_diffrn_radiation.pdbx_diffrn_protocol 
_diffrn_radiation.pdbx_scattering_type 
1 1 M 'Rh-coated Si' 'SINGLE WAVELENGTH' x-ray 
2 1 M 'Si 111'       'SINGLE WAVELENGTH' x-ray 
3 1 M 'Si 111'       'SINGLE WAVELENGTH' x-ray 
# 
loop_
_diffrn_radiation_wavelength.id 
_diffrn_radiation_wavelength.wavelength 
_diffrn_radiation_wavelength.wt 
1 0.928 1.0 
2 1.051 1.0 
# 
loop_
_diffrn_source.diffrn_id 
_diffrn_source.source 
_diffrn_source.type 
_diffrn_source.pdbx_synchrotron_site 
_diffrn_source.pdbx_synchrotron_beamline 
_diffrn_source.pdbx_wavelength 
_diffrn_source.pdbx_wavelength_list 
1 SYNCHROTRON 'CHESS BEAMLINE A1' CHESS A1  ? 0.928 
2 SYNCHROTRON 'NSLS BEAMLINE X9A' NSLS  X9A ? 1.051 
3 SYNCHROTRON 'NSLS BEAMLINE X9A' NSLS  X9A ? 1.051 
# 
_reflns.entry_id                     1L0B 
_reflns.observed_criterion_sigma_I   -3 
_reflns.observed_criterion_sigma_F   0 
_reflns.d_resolution_low             15.0 
_reflns.d_resolution_high            2.1 
_reflns.number_obs                   17223 
_reflns.number_all                   ? 
_reflns.percent_possible_obs         ? 
_reflns.pdbx_Rmerge_I_obs            ? 
_reflns.pdbx_Rsym_value              ? 
_reflns.pdbx_netI_over_sigmaI        ? 
_reflns.B_iso_Wilson_estimate        ? 
_reflns.pdbx_redundancy              ? 
_reflns.R_free_details               ? 
_reflns.limit_h_max                  ? 
_reflns.limit_h_min                  ? 
_reflns.limit_k_max                  ? 
_reflns.limit_k_min                  ? 
_reflns.limit_l_max                  ? 
_reflns.limit_l_min                  ? 
_reflns.observed_criterion_F_max     ? 
_reflns.observed_criterion_F_min     ? 
_reflns.pdbx_diffrn_id               1,2,3 
_reflns.pdbx_ordinal                 1 
# 
_reflns_shell.d_res_high             2.10 
_reflns_shell.d_res_low              2.18 
_reflns_shell.percent_possible_all   ? 
_reflns_shell.Rmerge_I_obs           ? 
_reflns_shell.pdbx_Rsym_value        ? 
_reflns_shell.meanI_over_sigI_obs    ? 
_reflns_shell.pdbx_redundancy        ? 
_reflns_shell.percent_possible_obs   ? 
_reflns_shell.number_unique_all      ? 
_reflns_shell.pdbx_diffrn_id         ? 
_reflns_shell.pdbx_ordinal           1 
# 
_refine.entry_id                                 1L0B 
_refine.ls_number_reflns_obs                     ? 
_refine.ls_number_reflns_all                     ? 
_refine.pdbx_ls_sigma_I                          ? 
_refine.pdbx_ls_sigma_F                          0 
_refine.pdbx_data_cutoff_high_absF               ? 
_refine.pdbx_data_cutoff_low_absF                ? 
_refine.ls_d_res_low                             15.0 
_refine.ls_d_res_high                            2.3 
_refine.ls_percent_reflns_obs                    ? 
_refine.ls_R_factor_obs                          ? 
_refine.ls_R_factor_all                          ? 
_refine.ls_R_factor_R_work                       ? 
_refine.ls_R_factor_R_free                       ? 
_refine.ls_R_factor_R_free_error                 ? 
_refine.ls_R_factor_R_free_error_details         ? 
_refine.ls_percent_reflns_R_free                 ? 
_refine.ls_number_reflns_R_free                  ? 
_refine.ls_number_parameters                     ? 
_refine.ls_number_restraints                     ? 
_refine.occupancy_min                            ? 
_refine.occupancy_max                            ? 
_refine.B_iso_mean                               ? 
_refine.aniso_B[1][1]                            ? 
_refine.aniso_B[2][2]                            ? 
_refine.aniso_B[3][3]                            ? 
_refine.aniso_B[1][2]                            ? 
_refine.aniso_B[1][3]                            ? 
_refine.aniso_B[2][3]                            ? 
_refine.solvent_model_details                    ? 
_refine.solvent_model_param_ksol                 ? 
_refine.solvent_model_param_bsol                 ? 
_refine.pdbx_ls_cross_valid_method               ? 
_refine.details                                  ? 
_refine.pdbx_starting_model                      ? 
_refine.pdbx_method_to_determine_struct          ? 
_refine.pdbx_isotropic_thermal_model             ? 
_refine.pdbx_stereochemistry_target_values       ? 
_refine.pdbx_stereochem_target_val_spec_case     ? 
_refine.pdbx_R_Free_selection_details            ? 
_refine.pdbx_overall_ESU_R_Free                  ? 
_refine.overall_SU_B                             ? 
_refine.ls_redundancy_reflns_obs                 ? 
_refine.B_iso_min                                ? 
_refine.B_iso_max                                ? 
_refine.correlation_coeff_Fo_to_Fc               ? 
_refine.overall_SU_R_Cruickshank_DPI             ? 
_refine.overall_SU_R_free                        ? 
_refine.overall_SU_ML                            ? 
_refine.pdbx_overall_ESU_R                       ? 
_refine.pdbx_data_cutoff_high_rms_absF           ? 
_refine.correlation_coeff_Fo_to_Fc_free          ? 
_refine.pdbx_solvent_vdw_probe_radii             ? 
_refine.pdbx_solvent_ion_probe_radii             ? 
_refine.pdbx_solvent_shrinkage_radii             ? 
_refine.pdbx_refine_id                           'X-RAY DIFFRACTION' 
_refine.pdbx_diffrn_id                           1 
_refine.pdbx_TLS_residual_ADP_flag               ? 
_refine.pdbx_overall_phase_error                 ? 
_refine.pdbx_overall_SU_R_free_Cruickshank_DPI   ? 
_refine.pdbx_overall_SU_R_Blow_DPI               ? 
_refine.pdbx_overall_SU_R_free_Blow_DPI          ? 
# 
_refine_hist.pdbx_refine_id                   'X-RAY DIFFRACTION' 
_refine_hist.cycle_id                         LAST 
_refine_hist.pdbx_number_atoms_protein        1523 
_refine_hist.pdbx_number_atoms_nucleic_acid   0 
_refine_hist.pdbx_number_atoms_ligand         0 
_refine_hist.number_atoms_solvent             177 
_refine_hist.number_atoms_total               1700 
_refine_hist.d_res_high                       2.3 
_refine_hist.d_res_low                        15.0 
# 
_struct.entry_id                  1L0B 
_struct.title                     'Crystal Structure of rat Brca1 tandem-BRCT region' 
_struct.pdbx_model_details        ? 
_struct.pdbx_CASP_flag            ? 
_struct.pdbx_model_type_details   ? 
# 
_struct_keywords.entry_id        1L0B 
_struct_keywords.pdbx_keywords   'UNKNOWN FUNCTION' 
_struct_keywords.text            'TANDEM-BRCT, THREE-HELIX BUNDLE, UNKNOWN FUNCTION' 
# 
loop_
_struct_asym.id 
_struct_asym.pdbx_blank_PDB_chainid_flag 
_struct_asym.pdbx_modified 
_struct_asym.entity_id 
_struct_asym.details 
A N N 1 ? 
B N N 2 ? 
# 
_struct_ref.id                         1 
_struct_ref.db_name                    UNP 
_struct_ref.db_code                    BRCA1_RAT 
_struct_ref.entity_id                  1 
_struct_ref.pdbx_seq_one_letter_code   
;KERAERDISMVVSGLTPKEVMIVQKFAEKYRLALTDVITEETTHVIIKTDAEFVCERTLKYFLGIAGGKWIVSYSWVIKS
IQERKLLSVHEFEVKGDVVTGSNHQGPRRSRESQEKLFEGLQIYCCEPFTNMPKDELERMLQLCGASVVKELPLLTRDTG
AHPIVLVQPSAWTEDNDCPDIGQLCKGRLVMWDWVLDSISVYRCRDLDAYLVQNITCGRDGSEPQDSND
;
_struct_ref.pdbx_align_begin           1589 
_struct_ref.pdbx_db_accession          O54952 
_struct_ref.pdbx_db_isoform            ? 
# 
_struct_ref_seq.align_id                      1 
_struct_ref_seq.ref_id                        1 
_struct_ref_seq.pdbx_PDB_id_code              1L0B 
_struct_ref_seq.pdbx_strand_id                A 
_struct_ref_seq.seq_align_beg                 1 
_struct_ref_seq.pdbx_seq_align_beg_ins_code   ? 
_struct_ref_seq.seq_align_end                 229 
_struct_ref_seq.pdbx_seq_align_end_ins_code   ? 
_struct_ref_seq.pdbx_db_accession             O54952 
_struct_ref_seq.db_align_beg                  1589 
_struct_ref_seq.pdbx_db_align_beg_ins_code    ? 
_struct_ref_seq.db_align_end                  1817 
_struct_ref_seq.pdbx_db_align_end_ins_code    ? 
_struct_ref_seq.pdbx_auth_seq_align_beg       1589 
_struct_ref_seq.pdbx_auth_seq_align_end       1817 
# 
_pdbx_struct_assembly.id                   1 
_pdbx_struct_assembly.details              author_defined_assembly 
_pdbx_struct_assembly.method_details       ? 
_pdbx_struct_assembly.oligomeric_details   monomeric 
_pdbx_struct_assembly.oligomeric_count     1 
# 
_pdbx_struct_assembly_gen.assembly_id       1 
_pdbx_struct_assembly_gen.oper_expression   1 
_pdbx_struct_assembly_gen.asym_id_list      A,B 
# 
_pdbx_struct_oper_list.id                   1 
_pdbx_struct_oper_list.type                 'identity operation' 
_pdbx_struct_oper_list.name                 1_555 
_pdbx_struct_oper_list.symmetry_operation   x,y,z 
_pdbx_struct_oper_list.matrix[1][1]         1.0000000000 
_pdbx_struct_oper_list.matrix[1][2]         0.0000000000 
_pdbx_struct_oper_list.matrix[1][3]         0.0000000000 
_pdbx_struct_oper_list.vector[1]            0.0000000000 
_pdbx_struct_oper_list.matrix[2][1]         0.0000000000 
_pdbx_struct_oper_list.matrix[2][2]         1.0000000000 
_pdbx_struct_oper_list.matrix[2][3]         0.0000000000 
_pdbx_struct_oper_list.vector[2]            0.0000000000 
_pdbx_struct_oper_list.matrix[3][1]         0.0000000000 
_pdbx_struct_oper_list.matrix[3][2]         0.0000000000 
_pdbx_struct_oper_list.matrix[3][3]         1.0000000000 
_pdbx_struct_oper_list.vector[3]            0.0000000000 
# 
_struct_biol.id                    1 
_struct_biol.pdbx_parent_biol_id   ? 
_struct_biol.details               ? 
# 
loop_
_struct_conf.conf_type_id 
_struct_conf.id 
_struct_conf.pdbx_PDB_helix_id 
_struct_conf.beg_label_comp_id 
_struct_conf.beg_label_asym_id 
_struct_conf.beg_label_seq_id 
_struct_conf.pdbx_beg_PDB_ins_code 
_struct_conf.end_label_comp_id 
_struct_conf.end_label_asym_id 
_struct_conf.end_label_seq_id 
_struct_conf.pdbx_end_PDB_ins_code 
_struct_conf.beg_auth_comp_id 
_struct_conf.beg_auth_asym_id 
_struct_conf.beg_auth_seq_id 
_struct_conf.end_auth_comp_id 
_struct_conf.end_auth_asym_id 
_struct_conf.end_auth_seq_id 
_struct_conf.pdbx_PDB_helix_class 
_struct_conf.details 
_struct_conf.pdbx_PDB_helix_length 
HELX_P HELX_P1 1 THR A 16  ? TYR A 30  ? THR A 1604 TYR A 1618 1 ? 15 
HELX_P HELX_P2 2 THR A 58  ? GLY A 67  ? THR A 1646 GLY A 1655 1 ? 10 
HELX_P HELX_P3 3 TYR A 74  ? GLN A 82  ? TYR A 1662 GLN A 1670 1 ? 9  
HELX_P HELX_P4 4 VAL A 89  ? GLU A 93  ? VAL A 1677 GLU A 1681 5 ? 5  
HELX_P HELX_P5 5 GLN A 105 ? GLN A 114 ? GLN A 1693 GLN A 1702 1 ? 10 
HELX_P HELX_P6 6 PRO A 133 ? CYS A 144 ? PRO A 1721 CYS A 1732 1 ? 12 
HELX_P HELX_P7 7 LEU A 154 ? ASP A 158 ? LEU A 1742 ASP A 1746 5 ? 5  
HELX_P HELX_P8 8 TRP A 192 ? VAL A 201 ? TRP A 1780 VAL A 1789 1 ? 10 
HELX_P HELX_P9 9 ASP A 206 ? LEU A 211 ? ASP A 1794 LEU A 1799 5 ? 6  
# 
_struct_conf_type.id          HELX_P 
_struct_conf_type.criteria    ? 
_struct_conf_type.reference   ? 
# 
_struct_mon_prot_cis.pdbx_id                1 
_struct_mon_prot_cis.label_comp_id          LEU 
_struct_mon_prot_cis.label_seq_id           152 
_struct_mon_prot_cis.label_asym_id          A 
_struct_mon_prot_cis.label_alt_id           . 
_struct_mon_prot_cis.pdbx_PDB_ins_code      ? 
_struct_mon_prot_cis.auth_comp_id           LEU 
_struct_mon_prot_cis.auth_seq_id            1740 
_struct_mon_prot_cis.auth_asym_id           A 
_struct_mon_prot_cis.pdbx_label_comp_id_2   PRO 
_struct_mon_prot_cis.pdbx_label_seq_id_2    153 
_struct_mon_prot_cis.pdbx_label_asym_id_2   A 
_struct_mon_prot_cis.pdbx_PDB_ins_code_2    ? 
_struct_mon_prot_cis.pdbx_auth_comp_id_2    PRO 
_struct_mon_prot_cis.pdbx_auth_seq_id_2     1741 
_struct_mon_prot_cis.pdbx_auth_asym_id_2    A 
_struct_mon_prot_cis.pdbx_PDB_model_num     1 
_struct_mon_prot_cis.pdbx_omega_angle       0.15 
# 
loop_
_struct_sheet.id 
_struct_sheet.type 
_struct_sheet.number_strands 
_struct_sheet.details 
A ? 4 ? 
B ? 2 ? 
C ? 4 ? 
# 
loop_
_struct_sheet_order.sheet_id 
_struct_sheet_order.range_id_1 
_struct_sheet_order.range_id_2 
_struct_sheet_order.offset 
_struct_sheet_order.sense 
A 1 2 ? parallel 
A 2 3 ? parallel 
A 3 4 ? parallel 
B 1 2 ? parallel 
C 1 2 ? parallel 
C 2 3 ? parallel 
C 3 4 ? parallel 
# 
loop_
_struct_sheet_range.sheet_id 
_struct_sheet_range.id 
_struct_sheet_range.beg_label_comp_id 
_struct_sheet_range.beg_label_asym_id 
_struct_sheet_range.beg_label_seq_id 
_struct_sheet_range.pdbx_beg_PDB_ins_code 
_struct_sheet_range.end_label_comp_id 
_struct_sheet_range.end_label_asym_id 
_struct_sheet_range.end_label_seq_id 
_struct_sheet_range.pdbx_end_PDB_ins_code 
_struct_sheet_range.beg_auth_comp_id 
_struct_sheet_range.beg_auth_asym_id 
_struct_sheet_range.beg_auth_seq_id 
_struct_sheet_range.end_auth_comp_id 
_struct_sheet_range.end_auth_asym_id 
_struct_sheet_range.end_auth_seq_id 
A 1 ALA A 33  ? LEU A 34  ? ALA A 1621 LEU A 1622 
A 2 SER A 9   ? SER A 13  ? SER A 1597 SER A 1601 
A 3 HIS A 44  ? ILE A 47  ? HIS A 1632 ILE A 1635 
A 4 TRP A 70  ? SER A 73  ? TRP A 1658 SER A 1661 
B 1 VAL A 54  ? CYS A 55  ? VAL A 1642 CYS A 1643 
B 2 GLY A 96  ? ASP A 97  ? GLY A 1684 ASP A 1685 
C 1 SER A 147 ? VAL A 149 ? SER A 1735 VAL A 1737 
C 2 GLN A 122 ? CYS A 125 ? GLN A 1710 CYS A 1713 
C 3 ILE A 164 ? VAL A 167 ? ILE A 1752 VAL A 1755 
C 4 LEU A 189 ? MET A 191 ? LEU A 1777 MET A 1779 
# 
loop_
_pdbx_struct_sheet_hbond.sheet_id 
_pdbx_struct_sheet_hbond.range_id_1 
_pdbx_struct_sheet_hbond.range_id_2 
_pdbx_struct_sheet_hbond.range_1_label_atom_id 
_pdbx_struct_sheet_hbond.range_1_label_comp_id 
_pdbx_struct_sheet_hbond.range_1_label_asym_id 
_pdbx_struct_sheet_hbond.range_1_label_seq_id 
_pdbx_struct_sheet_hbond.range_1_PDB_ins_code 
_pdbx_struct_sheet_hbond.range_1_auth_atom_id 
_pdbx_struct_sheet_hbond.range_1_auth_comp_id 
_pdbx_struct_sheet_hbond.range_1_auth_asym_id 
_pdbx_struct_sheet_hbond.range_1_auth_seq_id 
_pdbx_struct_sheet_hbond.range_2_label_atom_id 
_pdbx_struct_sheet_hbond.range_2_label_comp_id 
_pdbx_struct_sheet_hbond.range_2_label_asym_id 
_pdbx_struct_sheet_hbond.range_2_label_seq_id 
_pdbx_struct_sheet_hbond.range_2_PDB_ins_code 
_pdbx_struct_sheet_hbond.range_2_auth_atom_id 
_pdbx_struct_sheet_hbond.range_2_auth_comp_id 
_pdbx_struct_sheet_hbond.range_2_auth_asym_id 
_pdbx_struct_sheet_hbond.range_2_auth_seq_id 
A 1 2 O ALA A 33  ? O ALA A 1621 N MET A 10  ? N MET A 1598 
A 2 3 N SER A 13  ? N SER A 1601 O ILE A 46  ? O ILE A 1634 
A 3 4 N VAL A 45  ? N VAL A 1633 O VAL A 72  ? O VAL A 1660 
B 1 2 N CYS A 55  ? N CYS A 1643 O GLY A 96  ? O GLY A 1684 
C 1 2 O VAL A 149 ? O VAL A 1737 N ILE A 123 ? N ILE A 1711 
C 2 3 N TYR A 124 ? N TYR A 1712 O ILE A 164 ? O ILE A 1752 
C 3 4 N VAL A 165 ? N VAL A 1753 O VAL A 190 ? O VAL A 1778 
# 
_pdbx_validate_close_contact.id               1 
_pdbx_validate_close_contact.PDB_model_num    1 
_pdbx_validate_close_contact.auth_atom_id_1   OE2 
_pdbx_validate_close_contact.auth_asym_id_1   A 
_pdbx_validate_close_contact.auth_comp_id_1   GLU 
_pdbx_validate_close_contact.auth_seq_id_1    1681 
_pdbx_validate_close_contact.PDB_ins_code_1   ? 
_pdbx_validate_close_contact.label_alt_id_1   ? 
_pdbx_validate_close_contact.auth_atom_id_2   NH1 
_pdbx_validate_close_contact.auth_asym_id_2   A 
_pdbx_validate_close_contact.auth_comp_id_2   ARG 
_pdbx_validate_close_contact.auth_seq_id_2    1699 
_pdbx_validate_close_contact.PDB_ins_code_2   ? 
_pdbx_validate_close_contact.label_alt_id_2   ? 
_pdbx_validate_close_contact.dist             2.11 
# 
_pdbx_validate_symm_contact.id                1 
_pdbx_validate_symm_contact.PDB_model_num     1 
_pdbx_validate_symm_contact.auth_atom_id_1    O 
_pdbx_validate_symm_contact.auth_asym_id_1    A 
_pdbx_validate_symm_contact.auth_comp_id_1    PRO 
_pdbx_validate_symm_contact.auth_seq_id_1     1741 
_pdbx_validate_symm_contact.PDB_ins_code_1    ? 
_pdbx_validate_symm_contact.label_alt_id_1    ? 
_pdbx_validate_symm_contact.site_symmetry_1   1_555 
_pdbx_validate_symm_contact.auth_atom_id_2    NH2 
_pdbx_validate_symm_contact.auth_asym_id_2    A 
_pdbx_validate_symm_contact.auth_comp_id_2    ARG 
_pdbx_validate_symm_contact.auth_seq_id_2     1793 
_pdbx_validate_symm_contact.PDB_ins_code_2    ? 
_pdbx_validate_symm_contact.label_alt_id_2    ? 
_pdbx_validate_symm_contact.site_symmetry_2   4_555 
_pdbx_validate_symm_contact.dist              2.18 
# 
loop_
_pdbx_validate_torsion.id 
_pdbx_validate_torsion.PDB_model_num 
_pdbx_validate_torsion.auth_comp_id 
_pdbx_validate_torsion.auth_asym_id 
_pdbx_validate_torsion.auth_seq_id 
_pdbx_validate_torsion.PDB_ins_code 
_pdbx_validate_torsion.label_alt_id 
_pdbx_validate_torsion.phi 
_pdbx_validate_torsion.psi 
1 1 ARG A 1594 ? ? -3.62   134.49  
2 1 THR A 1627 ? ? -112.62 -165.89 
3 1 GLU A 1715 ? ? -4.93   -57.81  
4 1 THR A 1718 ? ? -78.16  -73.27  
5 1 ASN A 1719 ? ? -64.32  -84.98  
6 1 LEU A 1743 ? ? 51.68   -131.50 
# 
loop_
_pdbx_unobs_or_zero_occ_residues.id 
_pdbx_unobs_or_zero_occ_residues.PDB_model_num 
_pdbx_unobs_or_zero_occ_residues.polymer_flag 
_pdbx_unobs_or_zero_occ_residues.occupancy_flag 
_pdbx_unobs_or_zero_occ_residues.auth_asym_id 
_pdbx_unobs_or_zero_occ_residues.auth_comp_id 
_pdbx_unobs_or_zero_occ_residues.auth_seq_id 
_pdbx_unobs_or_zero_occ_residues.PDB_ins_code 
_pdbx_unobs_or_zero_occ_residues.label_asym_id 
_pdbx_unobs_or_zero_occ_residues.label_comp_id 
_pdbx_unobs_or_zero_occ_residues.label_seq_id 
1  1 Y 1 A LYS 1589 ? A LYS 1   
2  1 Y 1 A GLU 1590 ? A GLU 2   
3  1 Y 1 A GLU 1703 ? A GLU 115 
4  1 Y 1 A LYS 1704 ? A LYS 116 
5  1 Y 1 A PRO 1757 ? A PRO 169 
6  1 Y 1 A SER 1758 ? A SER 170 
7  1 Y 1 A ALA 1759 ? A ALA 171 
8  1 Y 1 A TRP 1760 ? A TRP 172 
9  1 Y 1 A THR 1761 ? A THR 173 
10 1 Y 1 A GLU 1762 ? A GLU 174 
11 1 Y 1 A ASP 1763 ? A ASP 175 
12 1 Y 1 A ASN 1764 ? A ASN 176 
13 1 Y 1 A ASP 1765 ? A ASP 177 
14 1 Y 1 A CYS 1766 ? A CYS 178 
15 1 Y 1 A PRO 1767 ? A PRO 179 
16 1 Y 1 A ASP 1768 ? A ASP 180 
17 1 Y 1 A ILE 1769 ? A ILE 181 
18 1 Y 1 A GLY 1770 ? A GLY 182 
19 1 Y 1 A GLN 1771 ? A GLN 183 
20 1 Y 1 A LEU 1772 ? A LEU 184 
21 1 Y 1 A CYS 1773 ? A CYS 185 
22 1 Y 1 A LYS 1774 ? A LYS 186 
23 1 Y 1 A GLY 1775 ? A GLY 187 
24 1 Y 1 A ASN 1802 ? A ASN 214 
25 1 Y 1 A ILE 1803 ? A ILE 215 
26 1 Y 1 A THR 1804 ? A THR 216 
27 1 Y 1 A CYS 1805 ? A CYS 217 
28 1 Y 1 A GLY 1806 ? A GLY 218 
29 1 Y 1 A ARG 1807 ? A ARG 219 
30 1 Y 1 A ASP 1808 ? A ASP 220 
31 1 Y 1 A GLY 1809 ? A GLY 221 
32 1 Y 1 A SER 1810 ? A SER 222 
33 1 Y 1 A GLU 1811 ? A GLU 223 
34 1 Y 1 A PRO 1812 ? A PRO 224 
35 1 Y 1 A GLN 1813 ? A GLN 225 
36 1 Y 1 A ASP 1814 ? A ASP 226 
37 1 Y 1 A SER 1815 ? A SER 227 
38 1 Y 1 A ASN 1816 ? A ASN 228 
39 1 Y 1 A ASP 1817 ? A ASP 229 
# 
loop_
_chem_comp_atom.comp_id 
_chem_comp_atom.atom_id 
_chem_comp_atom.type_symbol 
_chem_comp_atom.pdbx_aromatic_flag 
_chem_comp_atom.pdbx_stereo_config 
_chem_comp_atom.pdbx_ordinal 
ALA N    N N N 1   
ALA CA   C N S 2   
ALA C    C N N 3   
ALA O    O N N 4   
ALA CB   C N N 5   
ALA OXT  O N N 6   
ALA H    H N N 7   
ALA H2   H N N 8   
ALA HA   H N N 9   
ALA HB1  H N N 10  
ALA HB2  H N N 11  
ALA HB3  H N N 12  
ALA HXT  H N N 13  
ARG N    N N N 14  
ARG CA   C N S 15  
ARG C    C N N 16  
ARG O    O N N 17  
ARG CB   C N N 18  
ARG CG   C N N 19  
ARG CD   C N N 20  
ARG NE   N N N 21  
ARG CZ   C N N 22  
ARG NH1  N N N 23  
ARG NH2  N N N 24  
ARG OXT  O N N 25  
ARG H    H N N 26  
ARG H2   H N N 27  
ARG HA   H N N 28  
ARG HB2  H N N 29  
ARG HB3  H N N 30  
ARG HG2  H N N 31  
ARG HG3  H N N 32  
ARG HD2  H N N 33  
ARG HD3  H N N 34  
ARG HE   H N N 35  
ARG HH11 H N N 36  
ARG HH12 H N N 37  
ARG HH21 H N N 38  
ARG HH22 H N N 39  
ARG HXT  H N N 40  
ASN N    N N N 41  
ASN CA   C N S 42  
ASN C    C N N 43  
ASN O    O N N 44  
ASN CB   C N N 45  
ASN CG   C N N 46  
ASN OD1  O N N 47  
ASN ND2  N N N 48  
ASN OXT  O N N 49  
ASN H    H N N 50  
ASN H2   H N N 51  
ASN HA   H N N 52  
ASN HB2  H N N 53  
ASN HB3  H N N 54  
ASN HD21 H N N 55  
ASN HD22 H N N 56  
ASN HXT  H N N 57  
ASP N    N N N 58  
ASP CA   C N S 59  
ASP C    C N N 60  
ASP O    O N N 61  
ASP CB   C N N 62  
ASP CG   C N N 63  
ASP OD1  O N N 64  
ASP OD2  O N N 65  
ASP OXT  O N N 66  
ASP H    H N N 67  
ASP H2   H N N 68  
ASP HA   H N N 69  
ASP HB2  H N N 70  
ASP HB3  H N N 71  
ASP HD2  H N N 72  
ASP HXT  H N N 73  
CYS N    N N N 74  
CYS CA   C N R 75  
CYS C    C N N 76  
CYS O    O N N 77  
CYS CB   C N N 78  
CYS SG   S N N 79  
CYS OXT  O N N 80  
CYS H    H N N 81  
CYS H2   H N N 82  
CYS HA   H N N 83  
CYS HB2  H N N 84  
CYS HB3  H N N 85  
CYS HG   H N N 86  
CYS HXT  H N N 87  
GLN N    N N N 88  
GLN CA   C N S 89  
GLN C    C N N 90  
GLN O    O N N 91  
GLN CB   C N N 92  
GLN CG   C N N 93  
GLN CD   C N N 94  
GLN OE1  O N N 95  
GLN NE2  N N N 96  
GLN OXT  O N N 97  
GLN H    H N N 98  
GLN H2   H N N 99  
GLN HA   H N N 100 
GLN HB2  H N N 101 
GLN HB3  H N N 102 
GLN HG2  H N N 103 
GLN HG3  H N N 104 
GLN HE21 H N N 105 
GLN HE22 H N N 106 
GLN HXT  H N N 107 
GLU N    N N N 108 
GLU CA   C N S 109 
GLU C    C N N 110 
GLU O    O N N 111 
GLU CB   C N N 112 
GLU CG   C N N 113 
GLU CD   C N N 114 
GLU OE1  O N N 115 
GLU OE2  O N N 116 
GLU OXT  O N N 117 
GLU H    H N N 118 
GLU H2   H N N 119 
GLU HA   H N N 120 
GLU HB2  H N N 121 
GLU HB3  H N N 122 
GLU HG2  H N N 123 
GLU HG3  H N N 124 
GLU HE2  H N N 125 
GLU HXT  H N N 126 
GLY N    N N N 127 
GLY CA   C N N 128 
GLY C    C N N 129 
GLY O    O N N 130 
GLY OXT  O N N 131 
GLY H    H N N 132 
GLY H2   H N N 133 
GLY HA2  H N N 134 
GLY HA3  H N N 135 
GLY HXT  H N N 136 
HIS N    N N N 137 
HIS CA   C N S 138 
HIS C    C N N 139 
HIS O    O N N 140 
HIS CB   C N N 141 
HIS CG   C Y N 142 
HIS ND1  N Y N 143 
HIS CD2  C Y N 144 
HIS CE1  C Y N 145 
HIS NE2  N Y N 146 
HIS OXT  O N N 147 
HIS H    H N N 148 
HIS H2   H N N 149 
HIS HA   H N N 150 
HIS HB2  H N N 151 
HIS HB3  H N N 152 
HIS HD1  H N N 153 
HIS HD2  H N N 154 
HIS HE1  H N N 155 
HIS HE2  H N N 156 
HIS HXT  H N N 157 
HOH O    O N N 158 
HOH H1   H N N 159 
HOH H2   H N N 160 
ILE N    N N N 161 
ILE CA   C N S 162 
ILE C    C N N 163 
ILE O    O N N 164 
ILE CB   C N S 165 
ILE CG1  C N N 166 
ILE CG2  C N N 167 
ILE CD1  C N N 168 
ILE OXT  O N N 169 
ILE H    H N N 170 
ILE H2   H N N 171 
ILE HA   H N N 172 
ILE HB   H N N 173 
ILE HG12 H N N 174 
ILE HG13 H N N 175 
ILE HG21 H N N 176 
ILE HG22 H N N 177 
ILE HG23 H N N 178 
ILE HD11 H N N 179 
ILE HD12 H N N 180 
ILE HD13 H N N 181 
ILE HXT  H N N 182 
LEU N    N N N 183 
LEU CA   C N S 184 
LEU C    C N N 185 
LEU O    O N N 186 
LEU CB   C N N 187 
LEU CG   C N N 188 
LEU CD1  C N N 189 
LEU CD2  C N N 190 
LEU OXT  O N N 191 
LEU H    H N N 192 
LEU H2   H N N 193 
LEU HA   H N N 194 
LEU HB2  H N N 195 
LEU HB3  H N N 196 
LEU HG   H N N 197 
LEU HD11 H N N 198 
LEU HD12 H N N 199 
LEU HD13 H N N 200 
LEU HD21 H N N 201 
LEU HD22 H N N 202 
LEU HD23 H N N 203 
LEU HXT  H N N 204 
LYS N    N N N 205 
LYS CA   C N S 206 
LYS C    C N N 207 
LYS O    O N N 208 
LYS CB   C N N 209 
LYS CG   C N N 210 
LYS CD   C N N 211 
LYS CE   C N N 212 
LYS NZ   N N N 213 
LYS OXT  O N N 214 
LYS H    H N N 215 
LYS H2   H N N 216 
LYS HA   H N N 217 
LYS HB2  H N N 218 
LYS HB3  H N N 219 
LYS HG2  H N N 220 
LYS HG3  H N N 221 
LYS HD2  H N N 222 
LYS HD3  H N N 223 
LYS HE2  H N N 224 
LYS HE3  H N N 225 
LYS HZ1  H N N 226 
LYS HZ2  H N N 227 
LYS HZ3  H N N 228 
LYS HXT  H N N 229 
MET N    N N N 230 
MET CA   C N S 231 
MET C    C N N 232 
MET O    O N N 233 
MET CB   C N N 234 
MET CG   C N N 235 
MET SD   S N N 236 
MET CE   C N N 237 
MET OXT  O N N 238 
MET H    H N N 239 
MET H2   H N N 240 
MET HA   H N N 241 
MET HB2  H N N 242 
MET HB3  H N N 243 
MET HG2  H N N 244 
MET HG3  H N N 245 
MET HE1  H N N 246 
MET HE2  H N N 247 
MET HE3  H N N 248 
MET HXT  H N N 249 
PHE N    N N N 250 
PHE CA   C N S 251 
PHE C    C N N 252 
PHE O    O N N 253 
PHE CB   C N N 254 
PHE CG   C Y N 255 
PHE CD1  C Y N 256 
PHE CD2  C Y N 257 
PHE CE1  C Y N 258 
PHE CE2  C Y N 259 
PHE CZ   C Y N 260 
PHE OXT  O N N 261 
PHE H    H N N 262 
PHE H2   H N N 263 
PHE HA   H N N 264 
PHE HB2  H N N 265 
PHE HB3  H N N 266 
PHE HD1  H N N 267 
PHE HD2  H N N 268 
PHE HE1  H N N 269 
PHE HE2  H N N 270 
PHE HZ   H N N 271 
PHE HXT  H N N 272 
PRO N    N N N 273 
PRO CA   C N S 274 
PRO C    C N N 275 
PRO O    O N N 276 
PRO CB   C N N 277 
PRO CG   C N N 278 
PRO CD   C N N 279 
PRO OXT  O N N 280 
PRO H    H N N 281 
PRO HA   H N N 282 
PRO HB2  H N N 283 
PRO HB3  H N N 284 
PRO HG2  H N N 285 
PRO HG3  H N N 286 
PRO HD2  H N N 287 
PRO HD3  H N N 288 
PRO HXT  H N N 289 
SER N    N N N 290 
SER CA   C N S 291 
SER C    C N N 292 
SER O    O N N 293 
SER CB   C N N 294 
SER OG   O N N 295 
SER OXT  O N N 296 
SER H    H N N 297 
SER H2   H N N 298 
SER HA   H N N 299 
SER HB2  H N N 300 
SER HB3  H N N 301 
SER HG   H N N 302 
SER HXT  H N N 303 
THR N    N N N 304 
THR CA   C N S 305 
THR C    C N N 306 
THR O    O N N 307 
THR CB   C N R 308 
THR OG1  O N N 309 
THR CG2  C N N 310 
THR OXT  O N N 311 
THR H    H N N 312 
THR H2   H N N 313 
THR HA   H N N 314 
THR HB   H N N 315 
THR HG1  H N N 316 
THR HG21 H N N 317 
THR HG22 H N N 318 
THR HG23 H N N 319 
THR HXT  H N N 320 
TRP N    N N N 321 
TRP CA   C N S 322 
TRP C    C N N 323 
TRP O    O N N 324 
TRP CB   C N N 325 
TRP CG   C Y N 326 
TRP CD1  C Y N 327 
TRP CD2  C Y N 328 
TRP NE1  N Y N 329 
TRP CE2  C Y N 330 
TRP CE3  C Y N 331 
TRP CZ2  C Y N 332 
TRP CZ3  C Y N 333 
TRP CH2  C Y N 334 
TRP OXT  O N N 335 
TRP H    H N N 336 
TRP H2   H N N 337 
TRP HA   H N N 338 
TRP HB2  H N N 339 
TRP HB3  H N N 340 
TRP HD1  H N N 341 
TRP HE1  H N N 342 
TRP HE3  H N N 343 
TRP HZ2  H N N 344 
TRP HZ3  H N N 345 
TRP HH2  H N N 346 
TRP HXT  H N N 347 
TYR N    N N N 348 
TYR CA   C N S 349 
TYR C    C N N 350 
TYR O    O N N 351 
TYR CB   C N N 352 
TYR CG   C Y N 353 
TYR CD1  C Y N 354 
TYR CD2  C Y N 355 
TYR CE1  C Y N 356 
TYR CE2  C Y N 357 
TYR CZ   C Y N 358 
TYR OH   O N N 359 
TYR OXT  O N N 360 
TYR H    H N N 361 
TYR H2   H N N 362 
TYR HA   H N N 363 
TYR HB2  H N N 364 
TYR HB3  H N N 365 
TYR HD1  H N N 366 
TYR HD2  H N N 367 
TYR HE1  H N N 368 
TYR HE2  H N N 369 
TYR HH   H N N 370 
TYR HXT  H N N 371 
VAL N    N N N 372 
VAL CA   C N S 373 
VAL C    C N N 374 
VAL O    O N N 375 
VAL CB   C N N 376 
VAL CG1  C N N 377 
VAL CG2  C N N 378 
VAL OXT  O N N 379 
VAL H    H N N 380 
VAL H2   H N N 381 
VAL HA   H N N 382 
VAL HB   H N N 383 
VAL HG11 H N N 384 
VAL HG12 H N N 385 
VAL HG13 H N N 386 
VAL HG21 H N N 387 
VAL HG22 H N N 388 
VAL HG23 H N N 389 
VAL HXT  H N N 390 
# 
loop_
_chem_comp_bond.comp_id 
_chem_comp_bond.atom_id_1 
_chem_comp_bond.atom_id_2 
_chem_comp_bond.value_order 
_chem_comp_bond.pdbx_aromatic_flag 
_chem_comp_bond.pdbx_stereo_config 
_chem_comp_bond.pdbx_ordinal 
ALA N   CA   sing N N 1   
ALA N   H    sing N N 2   
ALA N   H2   sing N N 3   
ALA CA  C    sing N N 4   
ALA CA  CB   sing N N 5   
ALA CA  HA   sing N N 6   
ALA C   O    doub N N 7   
ALA C   OXT  sing N N 8   
ALA CB  HB1  sing N N 9   
ALA CB  HB2  sing N N 10  
ALA CB  HB3  sing N N 11  
ALA OXT HXT  sing N N 12  
ARG N   CA   sing N N 13  
ARG N   H    sing N N 14  
ARG N   H2   sing N N 15  
ARG CA  C    sing N N 16  
ARG CA  CB   sing N N 17  
ARG CA  HA   sing N N 18  
ARG C   O    doub N N 19  
ARG C   OXT  sing N N 20  
ARG CB  CG   sing N N 21  
ARG CB  HB2  sing N N 22  
ARG CB  HB3  sing N N 23  
ARG CG  CD   sing N N 24  
ARG CG  HG2  sing N N 25  
ARG CG  HG3  sing N N 26  
ARG CD  NE   sing N N 27  
ARG CD  HD2  sing N N 28  
ARG CD  HD3  sing N N 29  
ARG NE  CZ   sing N N 30  
ARG NE  HE   sing N N 31  
ARG CZ  NH1  sing N N 32  
ARG CZ  NH2  doub N N 33  
ARG NH1 HH11 sing N N 34  
ARG NH1 HH12 sing N N 35  
ARG NH2 HH21 sing N N 36  
ARG NH2 HH22 sing N N 37  
ARG OXT HXT  sing N N 38  
ASN N   CA   sing N N 39  
ASN N   H    sing N N 40  
ASN N   H2   sing N N 41  
ASN CA  C    sing N N 42  
ASN CA  CB   sing N N 43  
ASN CA  HA   sing N N 44  
ASN C   O    doub N N 45  
ASN C   OXT  sing N N 46  
ASN CB  CG   sing N N 47  
ASN CB  HB2  sing N N 48  
ASN CB  HB3  sing N N 49  
ASN CG  OD1  doub N N 50  
ASN CG  ND2  sing N N 51  
ASN ND2 HD21 sing N N 52  
ASN ND2 HD22 sing N N 53  
ASN OXT HXT  sing N N 54  
ASP N   CA   sing N N 55  
ASP N   H    sing N N 56  
ASP N   H2   sing N N 57  
ASP CA  C    sing N N 58  
ASP CA  CB   sing N N 59  
ASP CA  HA   sing N N 60  
ASP C   O    doub N N 61  
ASP C   OXT  sing N N 62  
ASP CB  CG   sing N N 63  
ASP CB  HB2  sing N N 64  
ASP CB  HB3  sing N N 65  
ASP CG  OD1  doub N N 66  
ASP CG  OD2  sing N N 67  
ASP OD2 HD2  sing N N 68  
ASP OXT HXT  sing N N 69  
CYS N   CA   sing N N 70  
CYS N   H    sing N N 71  
CYS N   H2   sing N N 72  
CYS CA  C    sing N N 73  
CYS CA  CB   sing N N 74  
CYS CA  HA   sing N N 75  
CYS C   O    doub N N 76  
CYS C   OXT  sing N N 77  
CYS CB  SG   sing N N 78  
CYS CB  HB2  sing N N 79  
CYS CB  HB3  sing N N 80  
CYS SG  HG   sing N N 81  
CYS OXT HXT  sing N N 82  
GLN N   CA   sing N N 83  
GLN N   H    sing N N 84  
GLN N   H2   sing N N 85  
GLN CA  C    sing N N 86  
GLN CA  CB   sing N N 87  
GLN CA  HA   sing N N 88  
GLN C   O    doub N N 89  
GLN C   OXT  sing N N 90  
GLN CB  CG   sing N N 91  
GLN CB  HB2  sing N N 92  
GLN CB  HB3  sing N N 93  
GLN CG  CD   sing N N 94  
GLN CG  HG2  sing N N 95  
GLN CG  HG3  sing N N 96  
GLN CD  OE1  doub N N 97  
GLN CD  NE2  sing N N 98  
GLN NE2 HE21 sing N N 99  
GLN NE2 HE22 sing N N 100 
GLN OXT HXT  sing N N 101 
GLU N   CA   sing N N 102 
GLU N   H    sing N N 103 
GLU N   H2   sing N N 104 
GLU CA  C    sing N N 105 
GLU CA  CB   sing N N 106 
GLU CA  HA   sing N N 107 
GLU C   O    doub N N 108 
GLU C   OXT  sing N N 109 
GLU CB  CG   sing N N 110 
GLU CB  HB2  sing N N 111 
GLU CB  HB3  sing N N 112 
GLU CG  CD   sing N N 113 
GLU CG  HG2  sing N N 114 
GLU CG  HG3  sing N N 115 
GLU CD  OE1  doub N N 116 
GLU CD  OE2  sing N N 117 
GLU OE2 HE2  sing N N 118 
GLU OXT HXT  sing N N 119 
GLY N   CA   sing N N 120 
GLY N   H    sing N N 121 
GLY N   H2   sing N N 122 
GLY CA  C    sing N N 123 
GLY CA  HA2  sing N N 124 
GLY CA  HA3  sing N N 125 
GLY C   O    doub N N 126 
GLY C   OXT  sing N N 127 
GLY OXT HXT  sing N N 128 
HIS N   CA   sing N N 129 
HIS N   H    sing N N 130 
HIS N   H2   sing N N 131 
HIS CA  C    sing N N 132 
HIS CA  CB   sing N N 133 
HIS CA  HA   sing N N 134 
HIS C   O    doub N N 135 
HIS C   OXT  sing N N 136 
HIS CB  CG   sing N N 137 
HIS CB  HB2  sing N N 138 
HIS CB  HB3  sing N N 139 
HIS CG  ND1  sing Y N 140 
HIS CG  CD2  doub Y N 141 
HIS ND1 CE1  doub Y N 142 
HIS ND1 HD1  sing N N 143 
HIS CD2 NE2  sing Y N 144 
HIS CD2 HD2  sing N N 145 
HIS CE1 NE2  sing Y N 146 
HIS CE1 HE1  sing N N 147 
HIS NE2 HE2  sing N N 148 
HIS OXT HXT  sing N N 149 
HOH O   H1   sing N N 150 
HOH O   H2   sing N N 151 
ILE N   CA   sing N N 152 
ILE N   H    sing N N 153 
ILE N   H2   sing N N 154 
ILE CA  C    sing N N 155 
ILE CA  CB   sing N N 156 
ILE CA  HA   sing N N 157 
ILE C   O    doub N N 158 
ILE C   OXT  sing N N 159 
ILE CB  CG1  sing N N 160 
ILE CB  CG2  sing N N 161 
ILE CB  HB   sing N N 162 
ILE CG1 CD1  sing N N 163 
ILE CG1 HG12 sing N N 164 
ILE CG1 HG13 sing N N 165 
ILE CG2 HG21 sing N N 166 
ILE CG2 HG22 sing N N 167 
ILE CG2 HG23 sing N N 168 
ILE CD1 HD11 sing N N 169 
ILE CD1 HD12 sing N N 170 
ILE CD1 HD13 sing N N 171 
ILE OXT HXT  sing N N 172 
LEU N   CA   sing N N 173 
LEU N   H    sing N N 174 
LEU N   H2   sing N N 175 
LEU CA  C    sing N N 176 
LEU CA  CB   sing N N 177 
LEU CA  HA   sing N N 178 
LEU C   O    doub N N 179 
LEU C   OXT  sing N N 180 
LEU CB  CG   sing N N 181 
LEU CB  HB2  sing N N 182 
LEU CB  HB3  sing N N 183 
LEU CG  CD1  sing N N 184 
LEU CG  CD2  sing N N 185 
LEU CG  HG   sing N N 186 
LEU CD1 HD11 sing N N 187 
LEU CD1 HD12 sing N N 188 
LEU CD1 HD13 sing N N 189 
LEU CD2 HD21 sing N N 190 
LEU CD2 HD22 sing N N 191 
LEU CD2 HD23 sing N N 192 
LEU OXT HXT  sing N N 193 
LYS N   CA   sing N N 194 
LYS N   H    sing N N 195 
LYS N   H2   sing N N 196 
LYS CA  C    sing N N 197 
LYS CA  CB   sing N N 198 
LYS CA  HA   sing N N 199 
LYS C   O    doub N N 200 
LYS C   OXT  sing N N 201 
LYS CB  CG   sing N N 202 
LYS CB  HB2  sing N N 203 
LYS CB  HB3  sing N N 204 
LYS CG  CD   sing N N 205 
LYS CG  HG2  sing N N 206 
LYS CG  HG3  sing N N 207 
LYS CD  CE   sing N N 208 
LYS CD  HD2  sing N N 209 
LYS CD  HD3  sing N N 210 
LYS CE  NZ   sing N N 211 
LYS CE  HE2  sing N N 212 
LYS CE  HE3  sing N N 213 
LYS NZ  HZ1  sing N N 214 
LYS NZ  HZ2  sing N N 215 
LYS NZ  HZ3  sing N N 216 
LYS OXT HXT  sing N N 217 
MET N   CA   sing N N 218 
MET N   H    sing N N 219 
MET N   H2   sing N N 220 
MET CA  C    sing N N 221 
MET CA  CB   sing N N 222 
MET CA  HA   sing N N 223 
MET C   O    doub N N 224 
MET C   OXT  sing N N 225 
MET CB  CG   sing N N 226 
MET CB  HB2  sing N N 227 
MET CB  HB3  sing N N 228 
MET CG  SD   sing N N 229 
MET CG  HG2  sing N N 230 
MET CG  HG3  sing N N 231 
MET SD  CE   sing N N 232 
MET CE  HE1  sing N N 233 
MET CE  HE2  sing N N 234 
MET CE  HE3  sing N N 235 
MET OXT HXT  sing N N 236 
PHE N   CA   sing N N 237 
PHE N   H    sing N N 238 
PHE N   H2   sing N N 239 
PHE CA  C    sing N N 240 
PHE CA  CB   sing N N 241 
PHE CA  HA   sing N N 242 
PHE C   O    doub N N 243 
PHE C   OXT  sing N N 244 
PHE CB  CG   sing N N 245 
PHE CB  HB2  sing N N 246 
PHE CB  HB3  sing N N 247 
PHE CG  CD1  doub Y N 248 
PHE CG  CD2  sing Y N 249 
PHE CD1 CE1  sing Y N 250 
PHE CD1 HD1  sing N N 251 
PHE CD2 CE2  doub Y N 252 
PHE CD2 HD2  sing N N 253 
PHE CE1 CZ   doub Y N 254 
PHE CE1 HE1  sing N N 255 
PHE CE2 CZ   sing Y N 256 
PHE CE2 HE2  sing N N 257 
PHE CZ  HZ   sing N N 258 
PHE OXT HXT  sing N N 259 
PRO N   CA   sing N N 260 
PRO N   CD   sing N N 261 
PRO N   H    sing N N 262 
PRO CA  C    sing N N 263 
PRO CA  CB   sing N N 264 
PRO CA  HA   sing N N 265 
PRO C   O    doub N N 266 
PRO C   OXT  sing N N 267 
PRO CB  CG   sing N N 268 
PRO CB  HB2  sing N N 269 
PRO CB  HB3  sing N N 270 
PRO CG  CD   sing N N 271 
PRO CG  HG2  sing N N 272 
PRO CG  HG3  sing N N 273 
PRO CD  HD2  sing N N 274 
PRO CD  HD3  sing N N 275 
PRO OXT HXT  sing N N 276 
SER N   CA   sing N N 277 
SER N   H    sing N N 278 
SER N   H2   sing N N 279 
SER CA  C    sing N N 280 
SER CA  CB   sing N N 281 
SER CA  HA   sing N N 282 
SER C   O    doub N N 283 
SER C   OXT  sing N N 284 
SER CB  OG   sing N N 285 
SER CB  HB2  sing N N 286 
SER CB  HB3  sing N N 287 
SER OG  HG   sing N N 288 
SER OXT HXT  sing N N 289 
THR N   CA   sing N N 290 
THR N   H    sing N N 291 
THR N   H2   sing N N 292 
THR CA  C    sing N N 293 
THR CA  CB   sing N N 294 
THR CA  HA   sing N N 295 
THR C   O    doub N N 296 
THR C   OXT  sing N N 297 
THR CB  OG1  sing N N 298 
THR CB  CG2  sing N N 299 
THR CB  HB   sing N N 300 
THR OG1 HG1  sing N N 301 
THR CG2 HG21 sing N N 302 
THR CG2 HG22 sing N N 303 
THR CG2 HG23 sing N N 304 
THR OXT HXT  sing N N 305 
TRP N   CA   sing N N 306 
TRP N   H    sing N N 307 
TRP N   H2   sing N N 308 
TRP CA  C    sing N N 309 
TRP CA  CB   sing N N 310 
TRP CA  HA   sing N N 311 
TRP C   O    doub N N 312 
TRP C   OXT  sing N N 313 
TRP CB  CG   sing N N 314 
TRP CB  HB2  sing N N 315 
TRP CB  HB3  sing N N 316 
TRP CG  CD1  doub Y N 317 
TRP CG  CD2  sing Y N 318 
TRP CD1 NE1  sing Y N 319 
TRP CD1 HD1  sing N N 320 
TRP CD2 CE2  doub Y N 321 
TRP CD2 CE3  sing Y N 322 
TRP NE1 CE2  sing Y N 323 
TRP NE1 HE1  sing N N 324 
TRP CE2 CZ2  sing Y N 325 
TRP CE3 CZ3  doub Y N 326 
TRP CE3 HE3  sing N N 327 
TRP CZ2 CH2  doub Y N 328 
TRP CZ2 HZ2  sing N N 329 
TRP CZ3 CH2  sing Y N 330 
TRP CZ3 HZ3  sing N N 331 
TRP CH2 HH2  sing N N 332 
TRP OXT HXT  sing N N 333 
TYR N   CA   sing N N 334 
TYR N   H    sing N N 335 
TYR N   H2   sing N N 336 
TYR CA  C    sing N N 337 
TYR CA  CB   sing N N 338 
TYR CA  HA   sing N N 339 
TYR C   O    doub N N 340 
TYR C   OXT  sing N N 341 
TYR CB  CG   sing N N 342 
TYR CB  HB2  sing N N 343 
TYR CB  HB3  sing N N 344 
TYR CG  CD1  doub Y N 345 
TYR CG  CD2  sing Y N 346 
TYR CD1 CE1  sing Y N 347 
TYR CD1 HD1  sing N N 348 
TYR CD2 CE2  doub Y N 349 
TYR CD2 HD2  sing N N 350 
TYR CE1 CZ   doub Y N 351 
TYR CE1 HE1  sing N N 352 
TYR CE2 CZ   sing Y N 353 
TYR CE2 HE2  sing N N 354 
TYR CZ  OH   sing N N 355 
TYR OH  HH   sing N N 356 
TYR OXT HXT  sing N N 357 
VAL N   CA   sing N N 358 
VAL N   H    sing N N 359 
VAL N   H2   sing N N 360 
VAL CA  C    sing N N 361 
VAL CA  CB   sing N N 362 
VAL CA  HA   sing N N 363 
VAL C   O    doub N N 364 
VAL C   OXT  sing N N 365 
VAL CB  CG1  sing N N 366 
VAL CB  CG2  sing N N 367 
VAL CB  HB   sing N N 368 
VAL CG1 HG11 sing N N 369 
VAL CG1 HG12 sing N N 370 
VAL CG1 HG13 sing N N 371 
VAL CG2 HG21 sing N N 372 
VAL CG2 HG22 sing N N 373 
VAL CG2 HG23 sing N N 374 
VAL OXT HXT  sing N N 375 
# 
_atom_sites.entry_id                    1L0B 
_atom_sites.fract_transf_matrix[1][1]   0.00887587 
_atom_sites.fract_transf_matrix[1][2]   -0.00345530 
_atom_sites.fract_transf_matrix[1][3]   -0.00839896 
_atom_sites.fract_transf_matrix[2][1]   0.01160463 
_atom_sites.fract_transf_matrix[2][2]   -0.00046314 
_atom_sites.fract_transf_matrix[2][3]   0.01245411 
_atom_sites.fract_transf_matrix[3][1]   0.00084590 
_atom_sites.fract_transf_matrix[3][2]   -0.01634670 
_atom_sites.fract_transf_matrix[3][3]   -0.00139610 
_atom_sites.fract_transf_vector[1]      0.455842 
_atom_sites.fract_transf_vector[2]      0.028724 
_atom_sites.fract_transf_vector[3]      0.210531 
# 
loop_
_atom_type.symbol 
C 
N 
O 
S 
# 
loop_
_atom_site.group_PDB 
_atom_site.id 
_atom_site.type_symbol 
_atom_site.label_atom_id 
_atom_site.label_alt_id 
_atom_site.label_comp_id 
_atom_site.label_asym_id 
_atom_site.label_entity_id 
_atom_site.label_seq_id 
_atom_site.pdbx_PDB_ins_code 
_atom_site.Cartn_x 
_atom_site.Cartn_y 
_atom_site.Cartn_z 
_atom_site.occupancy 
_atom_site.B_iso_or_equiv 
_atom_site.pdbx_formal_charge 
_atom_site.auth_seq_id 
_atom_site.auth_comp_id 
_atom_site.auth_asym_id 
_atom_site.auth_atom_id 
_atom_site.pdbx_PDB_model_num 
ATOM   1    N N   . ARG A 1 3   ? 19.644  6.372   -16.641 1.00 73.64  ? 1591 ARG A N   1 
ATOM   2    C CA  . ARG A 1 3   ? 18.537  6.312   -15.635 1.00 75.84  ? 1591 ARG A CA  1 
ATOM   3    C C   . ARG A 1 3   ? 18.571  5.006   -14.836 1.00 75.64  ? 1591 ARG A C   1 
ATOM   4    O O   . ARG A 1 3   ? 17.573  4.295   -14.768 1.00 85.70  ? 1591 ARG A O   1 
ATOM   5    C CB  . ARG A 1 3   ? 17.185  6.439   -16.348 1.00 78.53  ? 1591 ARG A CB  1 
ATOM   6    C CG  . ARG A 1 3   ? 15.940  6.393   -15.444 1.00 79.83  ? 1591 ARG A CG  1 
ATOM   7    C CD  . ARG A 1 3   ? 15.653  7.723   -14.741 1.00 80.65  ? 1591 ARG A CD  1 
ATOM   8    N NE  . ARG A 1 3   ? 14.305  7.752   -14.168 1.00 82.49  ? 1591 ARG A NE  1 
ATOM   9    C CZ  . ARG A 1 3   ? 13.754  8.804   -13.564 1.00 84.19  ? 1591 ARG A CZ  1 
ATOM   10   N NH1 . ARG A 1 3   ? 14.424  9.944   -13.436 1.00 81.04  ? 1591 ARG A NH1 1 
ATOM   11   N NH2 . ARG A 1 3   ? 12.519  8.715   -13.085 1.00 85.00  ? 1591 ARG A NH2 1 
ATOM   12   N N   . ALA A 1 4   ? 19.706  4.694   -14.219 1.00 70.87  ? 1592 ALA A N   1 
ATOM   13   C CA  . ALA A 1 4   ? 19.819  3.455   -13.449 1.00 76.95  ? 1592 ALA A CA  1 
ATOM   14   C C   . ALA A 1 4   ? 19.628  3.690   -11.955 1.00 75.67  ? 1592 ALA A C   1 
ATOM   15   O O   . ALA A 1 4   ? 20.121  4.679   -11.421 1.00 79.35  ? 1592 ALA A O   1 
ATOM   16   C CB  . ALA A 1 4   ? 21.186  2.800   -13.709 1.00 78.80  ? 1592 ALA A CB  1 
ATOM   17   N N   . GLU A 1 5   ? 18.927  2.778   -11.278 1.00 76.59  ? 1593 GLU A N   1 
ATOM   18   C CA  . GLU A 1 5   ? 18.693  2.927   -9.841  1.00 77.51  ? 1593 GLU A CA  1 
ATOM   19   C C   . GLU A 1 5   ? 18.508  1.661   -8.987  1.00 70.13  ? 1593 GLU A C   1 
ATOM   20   O O   . GLU A 1 5   ? 18.670  0.535   -9.440  1.00 71.28  ? 1593 GLU A O   1 
ATOM   21   C CB  . GLU A 1 5   ? 17.478  3.814   -9.604  1.00 87.81  ? 1593 GLU A CB  1 
ATOM   22   C CG  . GLU A 1 5   ? 17.429  5.077   -10.423 1.00 94.46  ? 1593 GLU A CG  1 
ATOM   23   C CD  . GLU A 1 5   ? 16.210  5.909   -10.088 1.00 104.78 ? 1593 GLU A CD  1 
ATOM   24   O OE1 . GLU A 1 5   ? 16.242  6.599   -9.043  1.00 112.28 ? 1593 GLU A OE1 1 
ATOM   25   O OE2 . GLU A 1 5   ? 15.218  5.860   -10.854 1.00 103.45 ? 1593 GLU A OE2 1 
ATOM   26   N N   . ARG A 1 6   ? 18.169  1.919   -7.728  1.00 66.32  ? 1594 ARG A N   1 
ATOM   27   C CA  . ARG A 1 6   ? 17.904  0.959   -6.653  1.00 68.92  ? 1594 ARG A CA  1 
ATOM   28   C C   . ARG A 1 6   ? 17.922  -0.555  -6.924  1.00 69.47  ? 1594 ARG A C   1 
ATOM   29   O O   . ARG A 1 6   ? 17.343  -1.048  -7.897  1.00 65.87  ? 1594 ARG A O   1 
ATOM   30   C CB  . ARG A 1 6   ? 16.560  1.334   -6.010  1.00 74.62  ? 1594 ARG A CB  1 
ATOM   31   C CG  . ARG A 1 6   ? 16.540  1.467   -4.486  1.00 76.68  ? 1594 ARG A CG  1 
ATOM   32   C CD  . ARG A 1 6   ? 15.144  1.907   -4.036  1.00 81.94  ? 1594 ARG A CD  1 
ATOM   33   N NE  . ARG A 1 6   ? 14.906  1.790   -2.595  1.00 81.38  ? 1594 ARG A NE  1 
ATOM   34   C CZ  . ARG A 1 6   ? 13.707  1.924   -2.022  1.00 82.34  ? 1594 ARG A CZ  1 
ATOM   35   N NH1 . ARG A 1 6   ? 12.628  2.179   -2.762  1.00 77.18  ? 1594 ARG A NH1 1 
ATOM   36   N NH2 . ARG A 1 6   ? 13.579  1.797   -0.706  1.00 82.09  ? 1594 ARG A NH2 1 
ATOM   37   N N   . ASP A 1 7   ? 18.583  -1.289  -6.029  1.00 68.79  ? 1595 ASP A N   1 
ATOM   38   C CA  . ASP A 1 7   ? 18.660  -2.747  -6.119  1.00 67.64  ? 1595 ASP A CA  1 
ATOM   39   C C   . ASP A 1 7   ? 17.298  -3.312  -5.740  1.00 62.41  ? 1595 ASP A C   1 
ATOM   40   O O   . ASP A 1 7   ? 16.731  -2.942  -4.706  1.00 58.90  ? 1595 ASP A O   1 
ATOM   41   C CB  . ASP A 1 7   ? 19.708  -3.303  -5.149  1.00 71.59  ? 1595 ASP A CB  1 
ATOM   42   C CG  . ASP A 1 7   ? 21.130  -3.181  -5.678  1.00 77.36  ? 1595 ASP A CG  1 
ATOM   43   O OD1 . ASP A 1 7   ? 22.067  -3.321  -4.859  1.00 80.44  ? 1595 ASP A OD1 1 
ATOM   44   O OD2 . ASP A 1 7   ? 21.310  -2.964  -6.899  1.00 74.00  ? 1595 ASP A OD2 1 
ATOM   45   N N   . ILE A 1 8   ? 16.787  -4.212  -6.574  1.00 51.87  ? 1596 ILE A N   1 
ATOM   46   C CA  . ILE A 1 8   ? 15.492  -4.821  -6.346  1.00 45.34  ? 1596 ILE A CA  1 
ATOM   47   C C   . ILE A 1 8   ? 15.334  -5.693  -5.114  1.00 41.77  ? 1596 ILE A C   1 
ATOM   48   O O   . ILE A 1 8   ? 15.935  -6.756  -5.010  1.00 50.50  ? 1596 ILE A O   1 
ATOM   49   C CB  . ILE A 1 8   ? 15.071  -5.699  -7.513  1.00 43.40  ? 1596 ILE A CB  1 
ATOM   50   C CG1 . ILE A 1 8   ? 15.031  -4.871  -8.794  1.00 38.72  ? 1596 ILE A CG1 1 
ATOM   51   C CG2 . ILE A 1 8   ? 13.717  -6.348  -7.187  1.00 35.50  ? 1596 ILE A CG2 1 
ATOM   52   C CD1 . ILE A 1 8   ? 14.557  -5.658  -10.021 1.00 55.73  ? 1596 ILE A CD1 1 
ATOM   53   N N   . SER A 1 9   ? 14.505  -5.239  -4.187  1.00 41.03  ? 1597 SER A N   1 
ATOM   54   C CA  . SER A 1 9   ? 14.194  -6.012  -2.999  1.00 39.36  ? 1597 SER A CA  1 
ATOM   55   C C   . SER A 1 9   ? 12.667  -6.132  -2.964  1.00 41.13  ? 1597 SER A C   1 
ATOM   56   O O   . SER A 1 9   ? 11.951  -5.129  -2.843  1.00 40.65  ? 1597 SER A O   1 
ATOM   57   C CB  . SER A 1 9   ? 14.696  -5.324  -1.736  1.00 35.45  ? 1597 SER A CB  1 
ATOM   58   O OG  . SER A 1 9   ? 14.294  -6.082  -0.602  1.00 32.67  ? 1597 SER A OG  1 
ATOM   59   N N   . MET A 1 10  ? 12.169  -7.358  -3.066  1.00 40.99  ? 1598 MET A N   1 
ATOM   60   C CA  . MET A 1 10  ? 10.735  -7.579  -3.080  1.00 36.33  ? 1598 MET A CA  1 
ATOM   61   C C   . MET A 1 10  ? 10.116  -8.153  -1.829  1.00 32.63  ? 1598 MET A C   1 
ATOM   62   O O   . MET A 1 10  ? 10.786  -8.660  -0.931  1.00 33.32  ? 1598 MET A O   1 
ATOM   63   C CB  . MET A 1 10  ? 10.356  -8.505  -4.225  1.00 39.63  ? 1598 MET A CB  1 
ATOM   64   C CG  . MET A 1 10  ? 11.369  -8.590  -5.341  1.00 46.50  ? 1598 MET A CG  1 
ATOM   65   S SD  . MET A 1 10  ? 11.019  -10.060 -6.350  1.00 53.94  ? 1598 MET A SD  1 
ATOM   66   C CE  . MET A 1 10  ? 10.027  -9.355  -7.500  1.00 58.41  ? 1598 MET A CE  1 
ATOM   67   N N   . VAL A 1 11  ? 8.797   -8.036  -1.794  1.00 23.71  ? 1599 VAL A N   1 
ATOM   68   C CA  . VAL A 1 11  ? 7.969   -8.593  -0.739  1.00 20.14  ? 1599 VAL A CA  1 
ATOM   69   C C   . VAL A 1 11  ? 6.851   -9.240  -1.549  1.00 21.01  ? 1599 VAL A C   1 
ATOM   70   O O   . VAL A 1 11  ? 6.632   -8.902  -2.723  1.00 19.91  ? 1599 VAL A O   1 
ATOM   71   C CB  . VAL A 1 11  ? 7.430   -7.516  0.219   1.00 30.20  ? 1599 VAL A CB  1 
ATOM   72   C CG1 . VAL A 1 11  ? 6.691   -6.425  -0.548  1.00 38.60  ? 1599 VAL A CG1 1 
ATOM   73   C CG2 . VAL A 1 11  ? 6.524   -8.150  1.216   1.00 33.10  ? 1599 VAL A CG2 1 
ATOM   74   N N   . VAL A 1 12  ? 6.138   -10.172 -0.948  1.00 27.61  ? 1600 VAL A N   1 
ATOM   75   C CA  . VAL A 1 12  ? 5.096   -10.857 -1.686  1.00 19.21  ? 1600 VAL A CA  1 
ATOM   76   C C   . VAL A 1 12  ? 3.778   -10.730 -0.941  1.00 30.58  ? 1600 VAL A C   1 
ATOM   77   O O   . VAL A 1 12  ? 3.758   -10.714 0.299   1.00 26.55  ? 1600 VAL A O   1 
ATOM   78   C CB  . VAL A 1 12  ? 5.549   -12.318 -1.885  1.00 35.15  ? 1600 VAL A CB  1 
ATOM   79   C CG1 . VAL A 1 12  ? 4.950   -13.215 -0.829  1.00 28.15  ? 1600 VAL A CG1 1 
ATOM   80   C CG2 . VAL A 1 12  ? 5.291   -12.733 -3.280  1.00 28.22  ? 1600 VAL A CG2 1 
ATOM   81   N N   . SER A 1 13  ? 2.675   -10.634 -1.689  1.00 25.57  ? 1601 SER A N   1 
ATOM   82   C CA  . SER A 1 13  ? 1.377   -10.438 -1.060  1.00 24.82  ? 1601 SER A CA  1 
ATOM   83   C C   . SER A 1 13  ? 0.207   -11.174 -1.698  1.00 20.02  ? 1601 SER A C   1 
ATOM   84   O O   . SER A 1 13  ? 0.137   -11.314 -2.919  1.00 27.44  ? 1601 SER A O   1 
ATOM   85   C CB  . SER A 1 13  ? 1.050   -8.929  -1.025  1.00 23.43  ? 1601 SER A CB  1 
ATOM   86   O OG  . SER A 1 13  ? -0.130  -8.698  -0.279  1.00 27.30  ? 1601 SER A OG  1 
ATOM   87   N N   . GLY A 1 14  ? -0.721  -11.625 -0.858  1.00 23.23  ? 1602 GLY A N   1 
ATOM   88   C CA  . GLY A 1 14  ? -1.901  -12.319 -1.357  1.00 28.90  ? 1602 GLY A CA  1 
ATOM   89   C C   . GLY A 1 14  ? -1.637  -13.581 -2.165  1.00 29.61  ? 1602 GLY A C   1 
ATOM   90   O O   . GLY A 1 14  ? -2.469  -13.984 -2.979  1.00 28.51  ? 1602 GLY A O   1 
ATOM   91   N N   . LEU A 1 15  ? -0.487  -14.213 -1.942  1.00 29.89  ? 1603 LEU A N   1 
ATOM   92   C CA  . LEU A 1 15  ? -0.138  -15.441 -2.662  1.00 28.26  ? 1603 LEU A CA  1 
ATOM   93   C C   . LEU A 1 15  ? -0.284  -16.689 -1.796  1.00 27.82  ? 1603 LEU A C   1 
ATOM   94   O O   . LEU A 1 15  ? -0.047  -16.653 -0.582  1.00 30.17  ? 1603 LEU A O   1 
ATOM   95   C CB  . LEU A 1 15  ? 1.303   -15.373 -3.152  1.00 23.18  ? 1603 LEU A CB  1 
ATOM   96   C CG  . LEU A 1 15  ? 1.735   -14.194 -4.025  1.00 22.76  ? 1603 LEU A CG  1 
ATOM   97   C CD1 . LEU A 1 15  ? 3.179   -14.477 -4.505  1.00 19.83  ? 1603 LEU A CD1 1 
ATOM   98   C CD2 . LEU A 1 15  ? 0.815   -14.035 -5.241  1.00 21.31  ? 1603 LEU A CD2 1 
ATOM   99   N N   . THR A 1 16  ? -0.677  -17.795 -2.422  1.00 26.36  ? 1604 THR A N   1 
ATOM   100  C CA  . THR A 1 16  ? -0.797  -19.082 -1.728  1.00 22.64  ? 1604 THR A CA  1 
ATOM   101  C C   . THR A 1 16  ? 0.642   -19.581 -1.486  1.00 20.36  ? 1604 THR A C   1 
ATOM   102  O O   . THR A 1 16  ? 1.578   -19.159 -2.166  1.00 24.93  ? 1604 THR A O   1 
ATOM   103  C CB  . THR A 1 16  ? -1.478  -20.135 -2.623  1.00 22.24  ? 1604 THR A CB  1 
ATOM   104  O OG1 . THR A 1 16  ? -0.666  -20.336 -3.788  1.00 23.06  ? 1604 THR A OG1 1 
ATOM   105  C CG2 . THR A 1 16  ? -2.867  -19.677 -3.049  1.00 20.68  ? 1604 THR A CG2 1 
ATOM   106  N N   . PRO A 1 17  ? 0.826   -20.504 -0.538  1.00 23.84  ? 1605 PRO A N   1 
ATOM   107  C CA  . PRO A 1 17  ? 2.183   -21.018 -0.274  1.00 22.54  ? 1605 PRO A CA  1 
ATOM   108  C C   . PRO A 1 17  ? 2.867   -21.550 -1.543  1.00 31.20  ? 1605 PRO A C   1 
ATOM   109  O O   . PRO A 1 17  ? 4.071   -21.317 -1.746  1.00 32.77  ? 1605 PRO A O   1 
ATOM   110  C CB  . PRO A 1 17  ? 1.947   -22.093 0.787   1.00 17.81  ? 1605 PRO A CB  1 
ATOM   111  C CG  . PRO A 1 17  ? 0.776   -21.472 1.577   1.00 25.48  ? 1605 PRO A CG  1 
ATOM   112  C CD  . PRO A 1 17  ? -0.147  -21.008 0.451   1.00 17.96  ? 1605 PRO A CD  1 
ATOM   113  N N   . LYS A 1 18  ? 2.121   -22.248 -2.407  1.00 27.81  ? 1606 LYS A N   1 
ATOM   114  C CA  . LYS A 1 18  ? 2.725   -22.724 -3.659  1.00 36.53  ? 1606 LYS A CA  1 
ATOM   115  C C   . LYS A 1 18  ? 3.207   -21.539 -4.501  1.00 34.91  ? 1606 LYS A C   1 
ATOM   116  O O   . LYS A 1 18  ? 4.324   -21.562 -5.009  1.00 38.88  ? 1606 LYS A O   1 
ATOM   117  C CB  . LYS A 1 18  ? 1.744   -23.560 -4.490  1.00 37.83  ? 1606 LYS A CB  1 
ATOM   118  C CG  . LYS A 1 18  ? 1.567   -24.978 -4.003  1.00 44.46  ? 1606 LYS A CG  1 
ATOM   119  C CD  . LYS A 1 18  ? 0.485   -25.698 -4.802  1.00 46.91  ? 1606 LYS A CD  1 
ATOM   120  C CE  . LYS A 1 18  ? 0.835   -25.782 -6.260  1.00 50.37  ? 1606 LYS A CE  1 
ATOM   121  N NZ  . LYS A 1 18  ? -0.149  -26.624 -6.991  1.00 58.93  ? 1606 LYS A NZ  1 
ATOM   122  N N   . GLU A 1 19  ? 2.370   -20.506 -4.655  1.00 36.67  ? 1607 GLU A N   1 
ATOM   123  C CA  . GLU A 1 19  ? 2.771   -19.335 -5.441  1.00 32.00  ? 1607 GLU A CA  1 
ATOM   124  C C   . GLU A 1 19  ? 3.944   -18.626 -4.746  1.00 32.76  ? 1607 GLU A C   1 
ATOM   125  O O   . GLU A 1 19  ? 4.841   -18.089 -5.414  1.00 28.05  ? 1607 GLU A O   1 
ATOM   126  C CB  . GLU A 1 19  ? 1.592   -18.366 -5.626  1.00 36.01  ? 1607 GLU A CB  1 
ATOM   127  C CG  . GLU A 1 19  ? 0.409   -18.925 -6.436  1.00 35.10  ? 1607 GLU A CG  1 
ATOM   128  C CD  . GLU A 1 19  ? -0.903  -18.136 -6.210  1.00 41.23  ? 1607 GLU A CD  1 
ATOM   129  O OE1 . GLU A 1 19  ? -1.829  -18.222 -7.046  1.00 41.56  ? 1607 GLU A OE1 1 
ATOM   130  O OE2 . GLU A 1 19  ? -1.021  -17.435 -5.186  1.00 34.18  ? 1607 GLU A OE2 1 
ATOM   131  N N   . VAL A 1 20  ? 3.946   -18.607 -3.413  1.00 27.96  ? 1608 VAL A N   1 
ATOM   132  C CA  . VAL A 1 20  ? 5.062   -17.976 -2.720  1.00 32.97  ? 1608 VAL A CA  1 
ATOM   133  C C   . VAL A 1 20  ? 6.326   -18.750 -3.109  1.00 40.43  ? 1608 VAL A C   1 
ATOM   134  O O   . VAL A 1 20  ? 7.334   -18.159 -3.528  1.00 36.44  ? 1608 VAL A O   1 
ATOM   135  C CB  . VAL A 1 20  ? 4.906   -18.008 -1.169  1.00 34.35  ? 1608 VAL A CB  1 
ATOM   136  C CG1 . VAL A 1 20  ? 6.279   -17.813 -0.488  1.00 29.43  ? 1608 VAL A CG1 1 
ATOM   137  C CG2 . VAL A 1 20  ? 3.996   -16.890 -0.728  1.00 33.05  ? 1608 VAL A CG2 1 
ATOM   138  N N   . MET A 1 21  ? 6.262   -20.074 -2.998  1.00 38.09  ? 1609 MET A N   1 
ATOM   139  C CA  . MET A 1 21  ? 7.416   -20.895 -3.347  1.00 43.73  ? 1609 MET A CA  1 
ATOM   140  C C   . MET A 1 21  ? 7.884   -20.659 -4.770  1.00 37.81  ? 1609 MET A C   1 
ATOM   141  O O   . MET A 1 21  ? 9.085   -20.683 -5.039  1.00 37.03  ? 1609 MET A O   1 
ATOM   142  C CB  . MET A 1 21  ? 7.114   -22.371 -3.119  1.00 47.05  ? 1609 MET A CB  1 
ATOM   143  C CG  . MET A 1 21  ? 6.972   -22.698 -1.641  1.00 64.97  ? 1609 MET A CG  1 
ATOM   144  S SD  . MET A 1 21  ? 6.938   -24.465 -1.321  1.00 86.55  ? 1609 MET A SD  1 
ATOM   145  C CE  . MET A 1 21  ? 8.752   -24.806 -1.301  1.00 79.68  ? 1609 MET A CE  1 
ATOM   146  N N   . ILE A 1 22  ? 6.952   -20.417 -5.685  1.00 35.45  ? 1610 ILE A N   1 
ATOM   147  C CA  . ILE A 1 22  ? 7.349   -20.143 -7.063  1.00 35.13  ? 1610 ILE A CA  1 
ATOM   148  C C   . ILE A 1 22  ? 8.126   -18.819 -7.170  1.00 38.75  ? 1610 ILE A C   1 
ATOM   149  O O   . ILE A 1 22  ? 9.039   -18.709 -7.977  1.00 42.49  ? 1610 ILE A O   1 
ATOM   150  C CB  . ILE A 1 22  ? 6.125   -20.136 -8.006  1.00 36.78  ? 1610 ILE A CB  1 
ATOM   151  C CG1 . ILE A 1 22  ? 5.765   -21.596 -8.348  1.00 36.28  ? 1610 ILE A CG1 1 
ATOM   152  C CG2 . ILE A 1 22  ? 6.420   -19.323 -9.267  1.00 25.98  ? 1610 ILE A CG2 1 
ATOM   153  C CD1 . ILE A 1 22  ? 4.465   -21.792 -9.151  1.00 32.71  ? 1610 ILE A CD1 1 
ATOM   154  N N   . VAL A 1 23  ? 7.781   -17.826 -6.346  1.00 40.50  ? 1611 VAL A N   1 
ATOM   155  C CA  . VAL A 1 23  ? 8.481   -16.530 -6.365  1.00 34.72  ? 1611 VAL A CA  1 
ATOM   156  C C   . VAL A 1 23  ? 9.861   -16.702 -5.725  1.00 32.12  ? 1611 VAL A C   1 
ATOM   157  O O   . VAL A 1 23  ? 10.851  -16.129 -6.194  1.00 34.53  ? 1611 VAL A O   1 
ATOM   158  C CB  . VAL A 1 23  ? 7.697   -15.428 -5.564  1.00 33.38  ? 1611 VAL A CB  1 
ATOM   159  C CG1 . VAL A 1 23  ? 8.543   -14.180 -5.400  1.00 18.80  ? 1611 VAL A CG1 1 
ATOM   160  C CG2 . VAL A 1 23  ? 6.416   -15.074 -6.281  1.00 28.75  ? 1611 VAL A CG2 1 
ATOM   161  N N   . GLN A 1 24  ? 9.921   -17.491 -4.655  1.00 31.51  ? 1612 GLN A N   1 
ATOM   162  C CA  . GLN A 1 24  ? 11.182  -17.727 -3.953  1.00 42.54  ? 1612 GLN A CA  1 
ATOM   163  C C   . GLN A 1 24  ? 12.282  -18.268 -4.858  1.00 42.50  ? 1612 GLN A C   1 
ATOM   164  O O   . GLN A 1 24  ? 13.418  -17.812 -4.786  1.00 47.97  ? 1612 GLN A O   1 
ATOM   165  C CB  . GLN A 1 24  ? 10.979  -18.685 -2.793  1.00 41.94  ? 1612 GLN A CB  1 
ATOM   166  C CG  . GLN A 1 24  ? 9.896   -18.260 -1.867  1.00 45.26  ? 1612 GLN A CG  1 
ATOM   167  C CD  . GLN A 1 24  ? 9.981   -18.950 -0.533  1.00 54.99  ? 1612 GLN A CD  1 
ATOM   168  O OE1 . GLN A 1 24  ? 10.732  -18.525 0.347   1.00 52.86  ? 1612 GLN A OE1 1 
ATOM   169  N NE2 . GLN A 1 24  ? 9.213   -20.030 -0.371  1.00 55.85  ? 1612 GLN A NE2 1 
ATOM   170  N N   . LYS A 1 25  ? 11.946  -19.240 -5.704  1.00 51.13  ? 1613 LYS A N   1 
ATOM   171  C CA  . LYS A 1 25  ? 12.924  -19.813 -6.631  1.00 49.01  ? 1613 LYS A CA  1 
ATOM   172  C C   . LYS A 1 25  ? 13.241  -18.843 -7.770  1.00 48.32  ? 1613 LYS A C   1 
ATOM   173  O O   . LYS A 1 25  ? 14.386  -18.753 -8.217  1.00 48.04  ? 1613 LYS A O   1 
ATOM   174  C CB  . LYS A 1 25  ? 12.412  -21.142 -7.188  1.00 54.21  ? 1613 LYS A CB  1 
ATOM   175  C CG  . LYS A 1 25  ? 12.505  -22.279 -6.165  1.00 76.68  ? 1613 LYS A CG  1 
ATOM   176  C CD  . LYS A 1 25  ? 12.114  -23.651 -6.742  1.00 83.52  ? 1613 LYS A CD  1 
ATOM   177  C CE  . LYS A 1 25  ? 12.214  -24.746 -5.668  1.00 84.16  ? 1613 LYS A CE  1 
ATOM   178  N NZ  . LYS A 1 25  ? 11.725  -26.086 -6.112  1.00 82.88  ? 1613 LYS A NZ  1 
ATOM   179  N N   . PHE A 1 26  ? 12.223  -18.115 -8.233  1.00 44.92  ? 1614 PHE A N   1 
ATOM   180  C CA  . PHE A 1 26  ? 12.397  -17.129 -9.299  1.00 41.24  ? 1614 PHE A CA  1 
ATOM   181  C C   . PHE A 1 26  ? 13.378  -16.053 -8.837  1.00 40.95  ? 1614 PHE A C   1 
ATOM   182  O O   . PHE A 1 26  ? 14.198  -15.571 -9.613  1.00 40.36  ? 1614 PHE A O   1 
ATOM   183  C CB  . PHE A 1 26  ? 11.055  -16.482 -9.624  1.00 38.73  ? 1614 PHE A CB  1 
ATOM   184  C CG  . PHE A 1 26  ? 11.144  -15.296 -10.549 1.00 42.96  ? 1614 PHE A CG  1 
ATOM   185  C CD1 . PHE A 1 26  ? 11.247  -15.473 -11.926 1.00 41.17  ? 1614 PHE A CD1 1 
ATOM   186  C CD2 . PHE A 1 26  ? 11.048  -13.999 -10.046 1.00 41.49  ? 1614 PHE A CD2 1 
ATOM   187  C CE1 . PHE A 1 26  ? 11.243  -14.384 -12.794 1.00 42.98  ? 1614 PHE A CE1 1 
ATOM   188  C CE2 . PHE A 1 26  ? 11.042  -12.899 -10.905 1.00 48.15  ? 1614 PHE A CE2 1 
ATOM   189  C CZ  . PHE A 1 26  ? 11.140  -13.094 -12.289 1.00 45.90  ? 1614 PHE A CZ  1 
ATOM   190  N N   . ALA A 1 27  ? 13.278  -15.690 -7.563  1.00 41.62  ? 1615 ALA A N   1 
ATOM   191  C CA  . ALA A 1 27  ? 14.131  -14.668 -6.983  1.00 46.80  ? 1615 ALA A CA  1 
ATOM   192  C C   . ALA A 1 27  ? 15.570  -15.150 -6.971  1.00 54.09  ? 1615 ALA A C   1 
ATOM   193  O O   . ALA A 1 27  ? 16.484  -14.433 -7.376  1.00 58.87  ? 1615 ALA A O   1 
ATOM   194  C CB  . ALA A 1 27  ? 13.668  -14.351 -5.573  1.00 43.64  ? 1615 ALA A CB  1 
ATOM   195  N N   . GLU A 1 28  ? 15.760  -16.375 -6.495  1.00 61.68  ? 1616 GLU A N   1 
ATOM   196  C CA  . GLU A 1 28  ? 17.082  -16.991 -6.437  1.00 59.27  ? 1616 GLU A CA  1 
ATOM   197  C C   . GLU A 1 28  ? 17.713  -16.997 -7.839  1.00 52.66  ? 1616 GLU A C   1 
ATOM   198  O O   . GLU A 1 28  ? 18.857  -16.576 -8.016  1.00 53.46  ? 1616 GLU A O   1 
ATOM   199  C CB  . GLU A 1 28  ? 16.940  -18.420 -5.910  1.00 61.91  ? 1616 GLU A CB  1 
ATOM   200  C CG  . GLU A 1 28  ? 18.141  -18.934 -5.142  1.00 78.80  ? 1616 GLU A CG  1 
ATOM   201  C CD  . GLU A 1 28  ? 17.783  -20.100 -4.232  1.00 87.83  ? 1616 GLU A CD  1 
ATOM   202  O OE1 . GLU A 1 28  ? 17.329  -21.147 -4.750  1.00 92.47  ? 1616 GLU A OE1 1 
ATOM   203  O OE2 . GLU A 1 28  ? 17.949  -19.965 -2.996  1.00 90.86  ? 1616 GLU A OE2 1 
ATOM   204  N N   . LYS A 1 29  ? 16.951  -17.451 -8.831  1.00 41.90  ? 1617 LYS A N   1 
ATOM   205  C CA  . LYS A 1 29  ? 17.428  -17.521 -10.203 1.00 46.55  ? 1617 LYS A CA  1 
ATOM   206  C C   . LYS A 1 29  ? 17.901  -16.190 -10.786 1.00 51.49  ? 1617 LYS A C   1 
ATOM   207  O O   . LYS A 1 29  ? 18.697  -16.175 -11.734 1.00 49.30  ? 1617 LYS A O   1 
ATOM   208  C CB  . LYS A 1 29  ? 16.350  -18.107 -11.117 1.00 46.65  ? 1617 LYS A CB  1 
ATOM   209  C CG  . LYS A 1 29  ? 16.712  -18.025 -12.594 1.00 45.92  ? 1617 LYS A CG  1 
ATOM   210  C CD  . LYS A 1 29  ? 15.700  -18.709 -13.490 1.00 45.04  ? 1617 LYS A CD  1 
ATOM   211  C CE  . LYS A 1 29  ? 16.176  -18.674 -14.937 1.00 53.30  ? 1617 LYS A CE  1 
ATOM   212  N NZ  . LYS A 1 29  ? 15.262  -19.373 -15.891 1.00 61.33  ? 1617 LYS A NZ  1 
ATOM   213  N N   . TYR A 1 30  ? 17.417  -15.076 -10.244 1.00 51.83  ? 1618 TYR A N   1 
ATOM   214  C CA  . TYR A 1 30  ? 17.837  -13.771 -10.757 1.00 49.66  ? 1618 TYR A CA  1 
ATOM   215  C C   . TYR A 1 30  ? 18.450  -12.892 -9.684  1.00 50.06  ? 1618 TYR A C   1 
ATOM   216  O O   . TYR A 1 30  ? 18.590  -11.677 -9.848  1.00 45.90  ? 1618 TYR A O   1 
ATOM   217  C CB  . TYR A 1 30  ? 16.668  -13.056 -11.426 1.00 41.71  ? 1618 TYR A CB  1 
ATOM   218  C CG  . TYR A 1 30  ? 16.192  -13.761 -12.670 1.00 39.29  ? 1618 TYR A CG  1 
ATOM   219  C CD1 . TYR A 1 30  ? 15.009  -14.479 -12.668 1.00 36.02  ? 1618 TYR A CD1 1 
ATOM   220  C CD2 . TYR A 1 30  ? 16.924  -13.694 -13.860 1.00 43.36  ? 1618 TYR A CD2 1 
ATOM   221  C CE1 . TYR A 1 30  ? 14.550  -15.105 -13.814 1.00 46.01  ? 1618 TYR A CE1 1 
ATOM   222  C CE2 . TYR A 1 30  ? 16.478  -14.326 -15.019 1.00 44.57  ? 1618 TYR A CE2 1 
ATOM   223  C CZ  . TYR A 1 30  ? 15.278  -15.027 -14.988 1.00 52.77  ? 1618 TYR A CZ  1 
ATOM   224  O OH  . TYR A 1 30  ? 14.769  -15.610 -16.132 1.00 59.45  ? 1618 TYR A OH  1 
ATOM   225  N N   . ARG A 1 31  ? 18.832  -13.538 -8.589  1.00 52.97  ? 1619 ARG A N   1 
ATOM   226  C CA  . ARG A 1 31  ? 19.444  -12.855 -7.466  1.00 61.13  ? 1619 ARG A CA  1 
ATOM   227  C C   . ARG A 1 31  ? 18.663  -11.586 -7.109  1.00 61.19  ? 1619 ARG A C   1 
ATOM   228  O O   . ARG A 1 31  ? 19.233  -10.498 -7.013  1.00 63.70  ? 1619 ARG A O   1 
ATOM   229  C CB  . ARG A 1 31  ? 20.912  -12.520 -7.789  1.00 67.75  ? 1619 ARG A CB  1 
ATOM   230  C CG  . ARG A 1 31  ? 21.864  -12.673 -6.593  1.00 74.17  ? 1619 ARG A CG  1 
ATOM   231  C CD  . ARG A 1 31  ? 23.306  -12.257 -6.925  1.00 83.34  ? 1619 ARG A CD  1 
ATOM   232  N NE  . ARG A 1 31  ? 23.421  -10.843 -7.297  1.00 87.95  ? 1619 ARG A NE  1 
ATOM   233  C CZ  . ARG A 1 31  ? 24.572  -10.178 -7.421  1.00 91.79  ? 1619 ARG A CZ  1 
ATOM   234  N NH1 . ARG A 1 31  ? 25.732  -10.787 -7.202  1.00 91.10  ? 1619 ARG A NH1 1 
ATOM   235  N NH2 . ARG A 1 31  ? 24.566  -8.895  -7.765  1.00 90.20  ? 1619 ARG A NH2 1 
ATOM   236  N N   . LEU A 1 32  ? 17.349  -11.735 -6.936  1.00 58.40  ? 1620 LEU A N   1 
ATOM   237  C CA  . LEU A 1 32  ? 16.486  -10.622 -6.539  1.00 50.83  ? 1620 LEU A CA  1 
ATOM   238  C C   . LEU A 1 32  ? 16.287  -10.779 -5.027  1.00 43.98  ? 1620 LEU A C   1 
ATOM   239  O O   . LEU A 1 32  ? 15.966  -11.866 -4.556  1.00 48.52  ? 1620 LEU A O   1 
ATOM   240  C CB  . LEU A 1 32  ? 15.122  -10.699 -7.242  1.00 35.58  ? 1620 LEU A CB  1 
ATOM   241  C CG  . LEU A 1 32  ? 15.086  -10.768 -8.771  1.00 45.98  ? 1620 LEU A CG  1 
ATOM   242  C CD1 . LEU A 1 32  ? 13.621  -10.831 -9.249  1.00 34.55  ? 1620 LEU A CD1 1 
ATOM   243  C CD2 . LEU A 1 32  ? 15.789  -9.555  -9.369  1.00 33.77  ? 1620 LEU A CD2 1 
ATOM   244  N N   . ALA A 1 33  ? 16.491  -9.717  -4.258  1.00 45.42  ? 1621 ALA A N   1 
ATOM   245  C CA  . ALA A 1 33  ? 16.298  -9.822  -2.816  1.00 41.50  ? 1621 ALA A CA  1 
ATOM   246  C C   . ALA A 1 33  ? 14.815  -10.057 -2.575  1.00 42.83  ? 1621 ALA A C   1 
ATOM   247  O O   . ALA A 1 33  ? 13.983  -9.636  -3.373  1.00 40.00  ? 1621 ALA A O   1 
ATOM   248  C CB  . ALA A 1 33  ? 16.754  -8.553  -2.123  1.00 44.84  ? 1621 ALA A CB  1 
ATOM   249  N N   . LEU A 1 34  ? 14.491  -10.735 -1.480  1.00 45.19  ? 1622 LEU A N   1 
ATOM   250  C CA  . LEU A 1 34  ? 13.111  -11.041 -1.154  1.00 41.50  ? 1622 LEU A CA  1 
ATOM   251  C C   . LEU A 1 34  ? 12.968  -11.184 0.353   1.00 43.57  ? 1622 LEU A C   1 
ATOM   252  O O   . LEU A 1 34  ? 13.598  -12.050 0.954   1.00 49.63  ? 1622 LEU A O   1 
ATOM   253  C CB  . LEU A 1 34  ? 12.694  -12.340 -1.862  1.00 44.02  ? 1622 LEU A CB  1 
ATOM   254  C CG  . LEU A 1 34  ? 11.301  -12.969 -1.668  1.00 48.10  ? 1622 LEU A CG  1 
ATOM   255  C CD1 . LEU A 1 34  ? 11.081  -13.323 -0.200  1.00 54.67  ? 1622 LEU A CD1 1 
ATOM   256  C CD2 . LEU A 1 34  ? 10.223  -12.018 -2.150  1.00 46.64  ? 1622 LEU A CD2 1 
ATOM   257  N N   . THR A 1 35  ? 12.138  -10.341 0.965   1.00 40.30  ? 1623 THR A N   1 
ATOM   258  C CA  . THR A 1 35  ? 11.925  -10.408 2.410   1.00 31.15  ? 1623 THR A CA  1 
ATOM   259  C C   . THR A 1 35  ? 10.466  -10.721 2.740   1.00 34.98  ? 1623 THR A C   1 
ATOM   260  O O   . THR A 1 35  ? 9.580   -10.592 1.902   1.00 33.19  ? 1623 THR A O   1 
ATOM   261  C CB  . THR A 1 35  ? 12.344  -9.092  3.106   1.00 38.89  ? 1623 THR A CB  1 
ATOM   262  O OG1 . THR A 1 35  ? 11.466  -8.023  2.721   1.00 38.81  ? 1623 THR A OG1 1 
ATOM   263  C CG2 . THR A 1 35  ? 13.782  -8.720  2.710   1.00 36.92  ? 1623 THR A CG2 1 
ATOM   264  N N   . ASP A 1 36  ? 10.222  -11.145 3.969   1.00 37.08  ? 1624 ASP A N   1 
ATOM   265  C CA  . ASP A 1 36  ? 8.888   -11.492 4.412   1.00 47.89  ? 1624 ASP A CA  1 
ATOM   266  C C   . ASP A 1 36  ? 8.068   -10.247 4.742   1.00 48.59  ? 1624 ASP A C   1 
ATOM   267  O O   . ASP A 1 36  ? 6.873   -10.196 4.478   1.00 49.03  ? 1624 ASP A O   1 
ATOM   268  C CB  . ASP A 1 36  ? 8.995   -12.401 5.640   1.00 55.10  ? 1624 ASP A CB  1 
ATOM   269  C CG  . ASP A 1 36  ? 7.645   -12.772 6.216   1.00 59.02  ? 1624 ASP A CG  1 
ATOM   270  O OD1 . ASP A 1 36  ? 6.805   -13.313 5.461   1.00 59.92  ? 1624 ASP A OD1 1 
ATOM   271  O OD2 . ASP A 1 36  ? 7.432   -12.524 7.427   1.00 58.04  ? 1624 ASP A OD2 1 
ATOM   272  N N   . VAL A 1 37  ? 8.720   -9.244  5.318   1.00 46.45  ? 1625 VAL A N   1 
ATOM   273  C CA  . VAL A 1 37  ? 8.052   -8.009  5.701   1.00 41.53  ? 1625 VAL A CA  1 
ATOM   274  C C   . VAL A 1 37  ? 8.632   -6.844  4.911   1.00 39.88  ? 1625 VAL A C   1 
ATOM   275  O O   . VAL A 1 37  ? 9.732   -6.943  4.378   1.00 37.93  ? 1625 VAL A O   1 
ATOM   276  C CB  . VAL A 1 37  ? 8.234   -7.757  7.212   1.00 45.80  ? 1625 VAL A CB  1 
ATOM   277  C CG1 . VAL A 1 37  ? 7.536   -6.483  7.629   1.00 53.27  ? 1625 VAL A CG1 1 
ATOM   278  C CG2 . VAL A 1 37  ? 7.672   -8.929  7.990   1.00 47.51  ? 1625 VAL A CG2 1 
ATOM   279  N N   . ILE A 1 38  ? 7.879   -5.754  4.815   1.00 44.62  ? 1626 ILE A N   1 
ATOM   280  C CA  . ILE A 1 38  ? 8.333   -4.572  4.093   1.00 45.37  ? 1626 ILE A CA  1 
ATOM   281  C C   . ILE A 1 38  ? 9.387   -3.845  4.921   1.00 50.01  ? 1626 ILE A C   1 
ATOM   282  O O   . ILE A 1 38  ? 9.134   -3.473  6.058   1.00 49.27  ? 1626 ILE A O   1 
ATOM   283  C CB  . ILE A 1 38  ? 7.160   -3.607  3.817   1.00 49.86  ? 1626 ILE A CB  1 
ATOM   284  C CG1 . ILE A 1 38  ? 6.181   -4.255  2.843   1.00 34.79  ? 1626 ILE A CG1 1 
ATOM   285  C CG2 . ILE A 1 38  ? 7.681   -2.274  3.271   1.00 48.98  ? 1626 ILE A CG2 1 
ATOM   286  C CD1 . ILE A 1 38  ? 5.008   -3.380  2.497   1.00 50.35  ? 1626 ILE A CD1 1 
ATOM   287  N N   . THR A 1 39  ? 10.574  -3.669  4.348   1.00 58.60  ? 1627 THR A N   1 
ATOM   288  C CA  . THR A 1 39  ? 11.668  -2.982  5.032   1.00 60.87  ? 1627 THR A CA  1 
ATOM   289  C C   . THR A 1 39  ? 11.961  -1.662  4.332   1.00 62.86  ? 1627 THR A C   1 
ATOM   290  O O   . THR A 1 39  ? 11.161  -1.189  3.515   1.00 66.26  ? 1627 THR A O   1 
ATOM   291  C CB  . THR A 1 39  ? 12.964  -3.845  5.056   1.00 62.73  ? 1627 THR A CB  1 
ATOM   292  O OG1 . THR A 1 39  ? 13.415  -4.107  3.716   1.00 53.88  ? 1627 THR A OG1 1 
ATOM   293  C CG2 . THR A 1 39  ? 12.704  -5.167  5.769   1.00 59.41  ? 1627 THR A CG2 1 
ATOM   294  N N   . GLU A 1 40  ? 13.103  -1.065  4.651   1.00 63.97  ? 1628 GLU A N   1 
ATOM   295  C CA  . GLU A 1 40  ? 13.477  0.205   4.043   1.00 65.61  ? 1628 GLU A CA  1 
ATOM   296  C C   . GLU A 1 40  ? 13.957  -0.010  2.627   1.00 61.06  ? 1628 GLU A C   1 
ATOM   297  O O   . GLU A 1 40  ? 13.850  0.878   1.779   1.00 62.44  ? 1628 GLU A O   1 
ATOM   298  C CB  . GLU A 1 40  ? 14.581  0.892   4.852   1.00 76.01  ? 1628 GLU A CB  1 
ATOM   299  C CG  . GLU A 1 40  ? 14.128  1.392   6.209   1.00 88.12  ? 1628 GLU A CG  1 
ATOM   300  C CD  . GLU A 1 40  ? 15.203  2.188   6.919   1.00 99.58  ? 1628 GLU A CD  1 
ATOM   301  O OE1 . GLU A 1 40  ? 16.278  1.616   7.215   1.00 102.44 ? 1628 GLU A OE1 1 
ATOM   302  O OE2 . GLU A 1 40  ? 14.970  3.389   7.179   1.00 102.85 ? 1628 GLU A OE2 1 
ATOM   303  N N   . GLU A 1 41  ? 14.477  -1.203  2.374   1.00 56.40  ? 1629 GLU A N   1 
ATOM   304  C CA  . GLU A 1 41  ? 14.988  -1.535  1.053   1.00 55.88  ? 1629 GLU A CA  1 
ATOM   305  C C   . GLU A 1 41  ? 13.898  -1.971  0.081   1.00 44.71  ? 1629 GLU A C   1 
ATOM   306  O O   . GLU A 1 41  ? 14.130  -1.981  -1.118  1.00 46.25  ? 1629 GLU A O   1 
ATOM   307  C CB  . GLU A 1 41  ? 16.043  -2.665  1.140   1.00 63.31  ? 1629 GLU A CB  1 
ATOM   308  C CG  . GLU A 1 41  ? 17.349  -2.318  1.873   1.00 71.72  ? 1629 GLU A CG  1 
ATOM   309  C CD  . GLU A 1 41  ? 17.175  -2.215  3.384   1.00 79.07  ? 1629 GLU A CD  1 
ATOM   310  O OE1 . GLU A 1 41  ? 16.857  -3.247  4.022   1.00 81.64  ? 1629 GLU A OE1 1 
ATOM   311  O OE2 . GLU A 1 41  ? 17.353  -1.102  3.933   1.00 70.88  ? 1629 GLU A OE2 1 
ATOM   312  N N   . THR A 1 42  ? 12.720  -2.339  0.583   1.00 41.98  ? 1630 THR A N   1 
ATOM   313  C CA  . THR A 1 42  ? 11.662  -2.819  -0.308  1.00 33.75  ? 1630 THR A CA  1 
ATOM   314  C C   . THR A 1 42  ? 11.395  -1.851  -1.433  1.00 29.87  ? 1630 THR A C   1 
ATOM   315  O O   . THR A 1 42  ? 11.217  -0.667  -1.202  1.00 33.05  ? 1630 THR A O   1 
ATOM   316  C CB  . THR A 1 42  ? 10.348  -3.106  0.439   1.00 36.09  ? 1630 THR A CB  1 
ATOM   317  O OG1 . THR A 1 42  ? 10.601  -4.021  1.515   1.00 28.84  ? 1630 THR A OG1 1 
ATOM   318  C CG2 . THR A 1 42  ? 9.321   -3.739  -0.512  1.00 39.69  ? 1630 THR A CG2 1 
ATOM   319  N N   . THR A 1 43  ? 11.414  -2.376  -2.657  1.00 31.04  ? 1631 THR A N   1 
ATOM   320  C CA  . THR A 1 43  ? 11.194  -1.599  -3.868  1.00 33.72  ? 1631 THR A CA  1 
ATOM   321  C C   . THR A 1 43  ? 9.955   -2.096  -4.643  1.00 35.04  ? 1631 THR A C   1 
ATOM   322  O O   . THR A 1 43  ? 9.310   -1.321  -5.344  1.00 32.26  ? 1631 THR A O   1 
ATOM   323  C CB  . THR A 1 43  ? 12.408  -1.715  -4.835  1.00 37.71  ? 1631 THR A CB  1 
ATOM   324  O OG1 . THR A 1 43  ? 12.625  -3.095  -5.155  1.00 39.71  ? 1631 THR A OG1 1 
ATOM   325  C CG2 . THR A 1 43  ? 13.671  -1.167  -4.206  1.00 33.84  ? 1631 THR A CG2 1 
ATOM   326  N N   . HIS A 1 44  ? 9.649   -3.386  -4.518  1.00 31.01  ? 1632 HIS A N   1 
ATOM   327  C CA  . HIS A 1 44  ? 8.536   -4.007  -5.233  1.00 26.27  ? 1632 HIS A CA  1 
ATOM   328  C C   . HIS A 1 44  ? 7.638   -4.842  -4.349  1.00 29.28  ? 1632 HIS A C   1 
ATOM   329  O O   . HIS A 1 44  ? 8.113   -5.591  -3.494  1.00 35.50  ? 1632 HIS A O   1 
ATOM   330  C CB  . HIS A 1 44  ? 9.042   -4.950  -6.312  1.00 20.58  ? 1632 HIS A CB  1 
ATOM   331  C CG  . HIS A 1 44  ? 9.884   -4.296  -7.354  1.00 20.65  ? 1632 HIS A CG  1 
ATOM   332  N ND1 . HIS A 1 44  ? 10.976  -3.511  -7.048  1.00 21.36  ? 1632 HIS A ND1 1 
ATOM   333  C CD2 . HIS A 1 44  ? 9.796   -4.311  -8.706  1.00 21.77  ? 1632 HIS A CD2 1 
ATOM   334  C CE1 . HIS A 1 44  ? 11.521  -3.067  -8.166  1.00 21.52  ? 1632 HIS A CE1 1 
ATOM   335  N NE2 . HIS A 1 44  ? 10.825  -3.538  -9.188  1.00 20.89  ? 1632 HIS A NE2 1 
ATOM   336  N N   . VAL A 1 45  ? 6.333   -4.705  -4.554  1.00 27.33  ? 1633 VAL A N   1 
ATOM   337  C CA  . VAL A 1 45  ? 5.363   -5.506  -3.832  1.00 23.87  ? 1633 VAL A CA  1 
ATOM   338  C C   . VAL A 1 45  ? 4.718   -6.351  -4.948  1.00 27.58  ? 1633 VAL A C   1 
ATOM   339  O O   . VAL A 1 45  ? 4.065   -5.804  -5.845  1.00 30.85  ? 1633 VAL A O   1 
ATOM   340  C CB  . VAL A 1 45  ? 4.280   -4.649  -3.132  1.00 19.81  ? 1633 VAL A CB  1 
ATOM   341  C CG1 . VAL A 1 45  ? 3.256   -5.559  -2.439  1.00 23.26  ? 1633 VAL A CG1 1 
ATOM   342  C CG2 . VAL A 1 45  ? 4.920   -3.734  -2.096  1.00 20.65  ? 1633 VAL A CG2 1 
ATOM   343  N N   . ILE A 1 46  ? 4.952   -7.665  -4.911  1.00 26.82  ? 1634 ILE A N   1 
ATOM   344  C CA  . ILE A 1 46  ? 4.398   -8.584  -5.901  1.00 29.43  ? 1634 ILE A CA  1 
ATOM   345  C C   . ILE A 1 46  ? 3.114   -9.133  -5.333  1.00 26.89  ? 1634 ILE A C   1 
ATOM   346  O O   . ILE A 1 46  ? 3.103   -9.791  -4.308  1.00 29.28  ? 1634 ILE A O   1 
ATOM   347  C CB  . ILE A 1 46  ? 5.379   -9.734  -6.228  1.00 28.44  ? 1634 ILE A CB  1 
ATOM   348  C CG1 . ILE A 1 46  ? 6.324   -9.297  -7.338  1.00 35.13  ? 1634 ILE A CG1 1 
ATOM   349  C CG2 . ILE A 1 46  ? 4.616   -10.954 -6.773  1.00 31.75  ? 1634 ILE A CG2 1 
ATOM   350  C CD1 . ILE A 1 46  ? 7.062   -8.022  -7.089  1.00 35.91  ? 1634 ILE A CD1 1 
ATOM   351  N N   . ILE A 1 47  ? 2.016   -8.872  -6.022  1.00 29.22  ? 1635 ILE A N   1 
ATOM   352  C CA  . ILE A 1 47  ? 0.736   -9.303  -5.514  1.00 26.11  ? 1635 ILE A CA  1 
ATOM   353  C C   . ILE A 1 47  ? -0.124  -10.008 -6.568  1.00 26.31  ? 1635 ILE A C   1 
ATOM   354  O O   . ILE A 1 47  ? -0.044  -9.709  -7.758  1.00 19.69  ? 1635 ILE A O   1 
ATOM   355  C CB  . ILE A 1 47  ? 0.006   -8.048  -4.942  1.00 27.95  ? 1635 ILE A CB  1 
ATOM   356  C CG1 . ILE A 1 47  ? -1.252  -8.452  -4.179  1.00 28.52  ? 1635 ILE A CG1 1 
ATOM   357  C CG2 . ILE A 1 47  ? -0.298  -7.053  -6.091  1.00 27.26  ? 1635 ILE A CG2 1 
ATOM   358  C CD1 . ILE A 1 47  ? -1.827  -7.292  -3.330  1.00 32.32  ? 1635 ILE A CD1 1 
ATOM   359  N N   . LYS A 1 48  ? -0.957  -10.935 -6.113  1.00 26.74  ? 1636 LYS A N   1 
ATOM   360  C CA  . LYS A 1 48  ? -1.855  -11.674 -6.990  1.00 29.03  ? 1636 LYS A CA  1 
ATOM   361  C C   . LYS A 1 48  ? -2.915  -10.747 -7.588  1.00 31.35  ? 1636 LYS A C   1 
ATOM   362  O O   . LYS A 1 48  ? -3.515  -9.956  -6.875  1.00 30.99  ? 1636 LYS A O   1 
ATOM   363  C CB  . LYS A 1 48  ? -2.545  -12.783 -6.191  1.00 31.52  ? 1636 LYS A CB  1 
ATOM   364  C CG  . LYS A 1 48  ? -3.342  -13.780 -7.035  1.00 29.98  ? 1636 LYS A CG  1 
ATOM   365  C CD  . LYS A 1 48  ? -2.424  -14.722 -7.781  1.00 31.84  ? 1636 LYS A CD  1 
ATOM   366  C CE  . LYS A 1 48  ? -3.160  -15.467 -8.909  1.00 43.34  ? 1636 LYS A CE  1 
ATOM   367  N NZ  . LYS A 1 48  ? -4.153  -16.448 -8.377  1.00 64.96  ? 1636 LYS A NZ  1 
ATOM   368  N N   . THR A 1 49  ? -3.133  -10.823 -8.902  1.00 34.02  ? 1637 THR A N   1 
ATOM   369  C CA  . THR A 1 49  ? -4.173  -10.006 -9.539  1.00 39.67  ? 1637 THR A CA  1 
ATOM   370  C C   . THR A 1 49  ? -5.006  -10.863 -10.483 1.00 41.38  ? 1637 THR A C   1 
ATOM   371  O O   . THR A 1 49  ? -4.616  -11.977 -10.819 1.00 34.58  ? 1637 THR A O   1 
ATOM   372  C CB  . THR A 1 49  ? -3.619  -8.841  -10.414 1.00 38.58  ? 1637 THR A CB  1 
ATOM   373  O OG1 . THR A 1 49  ? -2.994  -9.378  -11.588 1.00 32.59  ? 1637 THR A OG1 1 
ATOM   374  C CG2 . THR A 1 49  ? -2.636  -7.969  -9.622  1.00 24.99  ? 1637 THR A CG2 1 
ATOM   375  N N   . ASP A 1 50  ? -6.162  -10.342 -10.892 1.00 44.86  ? 1638 ASP A N   1 
ATOM   376  C CA  . ASP A 1 50  ? -6.997  -11.049 -11.848 1.00 43.52  ? 1638 ASP A CA  1 
ATOM   377  C C   . ASP A 1 50  ? -6.438  -10.642 -13.222 1.00 49.75  ? 1638 ASP A C   1 
ATOM   378  O O   . ASP A 1 50  ? -5.356  -10.029 -13.296 1.00 48.64  ? 1638 ASP A O   1 
ATOM   379  C CB  . ASP A 1 50  ? -8.472  -10.647 -11.716 1.00 44.44  ? 1638 ASP A CB  1 
ATOM   380  C CG  . ASP A 1 50  ? -8.714  -9.158  -11.941 1.00 43.37  ? 1638 ASP A CG  1 
ATOM   381  O OD1 . ASP A 1 50  ? -7.807  -8.453  -12.440 1.00 41.57  ? 1638 ASP A OD1 1 
ATOM   382  O OD2 . ASP A 1 50  ? -9.834  -8.691  -11.622 1.00 51.10  ? 1638 ASP A OD2 1 
ATOM   383  N N   . ALA A 1 51  ? -7.154  -10.963 -14.299 1.00 47.10  ? 1639 ALA A N   1 
ATOM   384  C CA  . ALA A 1 51  ? -6.684  -10.641 -15.647 1.00 50.00  ? 1639 ALA A CA  1 
ATOM   385  C C   . ALA A 1 51  ? -6.555  -9.141  -15.941 1.00 50.69  ? 1639 ALA A C   1 
ATOM   386  O O   . ALA A 1 51  ? -5.752  -8.734  -16.784 1.00 47.24  ? 1639 ALA A O   1 
ATOM   387  C CB  . ALA A 1 51  ? -7.591  -11.302 -16.678 1.00 55.11  ? 1639 ALA A CB  1 
ATOM   388  N N   . GLU A 1 52  ? -7.336  -8.325  -15.237 1.00 54.02  ? 1640 GLU A N   1 
ATOM   389  C CA  . GLU A 1 52  ? -7.320  -6.871  -15.418 1.00 49.19  ? 1640 GLU A CA  1 
ATOM   390  C C   . GLU A 1 52  ? -6.350  -6.133  -14.486 1.00 43.85  ? 1640 GLU A C   1 
ATOM   391  O O   . GLU A 1 52  ? -6.471  -4.919  -14.281 1.00 42.51  ? 1640 GLU A O   1 
ATOM   392  C CB  . GLU A 1 52  ? -8.727  -6.327  -15.208 1.00 55.36  ? 1640 GLU A CB  1 
ATOM   393  C CG  . GLU A 1 52  ? -9.771  -6.974  -16.101 1.00 67.90  ? 1640 GLU A CG  1 
ATOM   394  C CD  . GLU A 1 52  ? -9.497  -6.753  -17.582 1.00 78.09  ? 1640 GLU A CD  1 
ATOM   395  O OE1 . GLU A 1 52  ? -9.275  -5.585  -17.985 1.00 82.15  ? 1640 GLU A OE1 1 
ATOM   396  O OE2 . GLU A 1 52  ? -9.513  -7.746  -18.345 1.00 79.98  ? 1640 GLU A OE2 1 
ATOM   397  N N   . PHE A 1 53  ? -5.386  -6.857  -13.929 1.00 33.20  ? 1641 PHE A N   1 
ATOM   398  C CA  . PHE A 1 53  ? -4.403  -6.259  -13.021 1.00 40.09  ? 1641 PHE A CA  1 
ATOM   399  C C   . PHE A 1 53  ? -5.007  -5.591  -11.779 1.00 39.01  ? 1641 PHE A C   1 
ATOM   400  O O   . PHE A 1 53  ? -4.512  -4.577  -11.284 1.00 40.08  ? 1641 PHE A O   1 
ATOM   401  C CB  . PHE A 1 53  ? -3.533  -5.263  -13.777 1.00 32.30  ? 1641 PHE A CB  1 
ATOM   402  C CG  . PHE A 1 53  ? -2.673  -5.902  -14.821 1.00 45.29  ? 1641 PHE A CG  1 
ATOM   403  C CD1 . PHE A 1 53  ? -3.007  -5.812  -16.170 1.00 49.13  ? 1641 PHE A CD1 1 
ATOM   404  C CD2 . PHE A 1 53  ? -1.549  -6.637  -14.452 1.00 32.32  ? 1641 PHE A CD2 1 
ATOM   405  C CE1 . PHE A 1 53  ? -2.231  -6.452  -17.139 1.00 54.84  ? 1641 PHE A CE1 1 
ATOM   406  C CE2 . PHE A 1 53  ? -0.769  -7.280  -15.411 1.00 42.50  ? 1641 PHE A CE2 1 
ATOM   407  C CZ  . PHE A 1 53  ? -1.109  -7.188  -16.757 1.00 41.74  ? 1641 PHE A CZ  1 
ATOM   408  N N   . VAL A 1 54  ? -6.081  -6.191  -11.287 1.00 35.33  ? 1642 VAL A N   1 
ATOM   409  C CA  . VAL A 1 54  ? -6.785  -5.722  -10.109 1.00 32.50  ? 1642 VAL A CA  1 
ATOM   410  C C   . VAL A 1 54  ? -6.481  -6.730  -9.006  1.00 30.14  ? 1642 VAL A C   1 
ATOM   411  O O   . VAL A 1 54  ? -6.601  -7.948  -9.196  1.00 31.63  ? 1642 VAL A O   1 
ATOM   412  C CB  . VAL A 1 54  ? -8.316  -5.667  -10.383 1.00 35.01  ? 1642 VAL A CB  1 
ATOM   413  C CG1 . VAL A 1 54  ? -9.089  -5.584  -9.088  1.00 29.50  ? 1642 VAL A CG1 1 
ATOM   414  C CG2 . VAL A 1 54  ? -8.625  -4.461  -11.262 1.00 30.54  ? 1642 VAL A CG2 1 
ATOM   415  N N   . CYS A 1 55  ? -6.087  -6.223  -7.847  1.00 28.42  ? 1643 CYS A N   1 
ATOM   416  C CA  . CYS A 1 55  ? -5.747  -7.090  -6.717  1.00 27.49  ? 1643 CYS A CA  1 
ATOM   417  C C   . CYS A 1 55  ? -6.706  -6.919  -5.564  1.00 26.09  ? 1643 CYS A C   1 
ATOM   418  O O   . CYS A 1 55  ? -7.607  -6.101  -5.608  1.00 31.33  ? 1643 CYS A O   1 
ATOM   419  C CB  . CYS A 1 55  ? -4.338  -6.762  -6.202  1.00 26.13  ? 1643 CYS A CB  1 
ATOM   420  S SG  . CYS A 1 55  ? -4.197  -5.091  -5.461  1.00 24.92  ? 1643 CYS A SG  1 
ATOM   421  N N   . GLU A 1 56  ? -6.469  -7.711  -4.528  1.00 29.67  ? 1644 GLU A N   1 
ATOM   422  C CA  . GLU A 1 56  ? -7.223  -7.709  -3.284  1.00 30.38  ? 1644 GLU A CA  1 
ATOM   423  C C   . GLU A 1 56  ? -6.533  -6.658  -2.387  1.00 38.10  ? 1644 GLU A C   1 
ATOM   424  O O   . GLU A 1 56  ? -5.320  -6.463  -2.489  1.00 31.38  ? 1644 GLU A O   1 
ATOM   425  C CB  . GLU A 1 56  ? -7.109  -9.104  -2.642  1.00 44.82  ? 1644 GLU A CB  1 
ATOM   426  C CG  . GLU A 1 56  ? -8.127  -9.455  -1.572  1.00 57.30  ? 1644 GLU A CG  1 
ATOM   427  C CD  . GLU A 1 56  ? -9.508  -9.813  -2.127  1.00 63.11  ? 1644 GLU A CD  1 
ATOM   428  O OE1 . GLU A 1 56  ? -10.453 -9.959  -1.316  1.00 70.12  ? 1644 GLU A OE1 1 
ATOM   429  O OE2 . GLU A 1 56  ? -9.651  -9.959  -3.358  1.00 51.02  ? 1644 GLU A OE2 1 
ATOM   430  N N   . ARG A 1 57  ? -7.301  -5.982  -1.532  1.00 35.58  ? 1645 ARG A N   1 
ATOM   431  C CA  . ARG A 1 57  ? -6.753  -4.979  -0.609  1.00 38.47  ? 1645 ARG A CA  1 
ATOM   432  C C   . ARG A 1 57  ? -5.995  -5.643  0.546   1.00 30.75  ? 1645 ARG A C   1 
ATOM   433  O O   . ARG A 1 57  ? -6.599  -6.300  1.383   1.00 44.27  ? 1645 ARG A O   1 
ATOM   434  C CB  . ARG A 1 57  ? -7.887  -4.093  -0.036  1.00 32.09  ? 1645 ARG A CB  1 
ATOM   435  C CG  . ARG A 1 57  ? -8.476  -3.116  -1.035  1.00 26.11  ? 1645 ARG A CG  1 
ATOM   436  C CD  . ARG A 1 57  ? -9.474  -2.158  -0.411  1.00 32.57  ? 1645 ARG A CD  1 
ATOM   437  N NE  . ARG A 1 57  ? -9.588  -0.952  -1.218  1.00 27.08  ? 1645 ARG A NE  1 
ATOM   438  C CZ  . ARG A 1 57  ? -10.266 0.141   -0.872  1.00 28.58  ? 1645 ARG A CZ  1 
ATOM   439  N NH1 . ARG A 1 57  ? -10.908 0.189   0.283   1.00 20.88  ? 1645 ARG A NH1 1 
ATOM   440  N NH2 . ARG A 1 57  ? -10.299 1.191   -1.690  1.00 25.31  ? 1645 ARG A NH2 1 
ATOM   441  N N   . THR A 1 58  ? -4.678  -5.496  0.585   1.00 27.22  ? 1646 THR A N   1 
ATOM   442  C CA  . THR A 1 58  ? -3.897  -6.092  1.670   1.00 29.90  ? 1646 THR A CA  1 
ATOM   443  C C   . THR A 1 58  ? -3.040  -5.004  2.316   1.00 28.38  ? 1646 THR A C   1 
ATOM   444  O O   . THR A 1 58  ? -2.857  -3.934  1.749   1.00 25.37  ? 1646 THR A O   1 
ATOM   445  C CB  . THR A 1 58  ? -2.934  -7.211  1.171   1.00 19.18  ? 1646 THR A CB  1 
ATOM   446  O OG1 . THR A 1 58  ? -1.988  -6.635  0.274   1.00 21.00  ? 1646 THR A OG1 1 
ATOM   447  C CG2 . THR A 1 58  ? -3.698  -8.338  0.468   1.00 27.92  ? 1646 THR A CG2 1 
ATOM   448  N N   . LEU A 1 59  ? -2.501  -5.297  3.491   1.00 30.33  ? 1647 LEU A N   1 
ATOM   449  C CA  . LEU A 1 59  ? -1.660  -4.347  4.200   1.00 26.47  ? 1647 LEU A CA  1 
ATOM   450  C C   . LEU A 1 59  ? -0.471  -3.919  3.356   1.00 25.12  ? 1647 LEU A C   1 
ATOM   451  O O   . LEU A 1 59  ? -0.161  -2.721  3.248   1.00 25.30  ? 1647 LEU A O   1 
ATOM   452  C CB  . LEU A 1 59  ? -1.164  -4.968  5.506   1.00 31.08  ? 1647 LEU A CB  1 
ATOM   453  C CG  . LEU A 1 59  ? -0.220  -4.098  6.333   1.00 42.90  ? 1647 LEU A CG  1 
ATOM   454  C CD1 . LEU A 1 59  ? -0.957  -2.825  6.794   1.00 39.18  ? 1647 LEU A CD1 1 
ATOM   455  C CD2 . LEU A 1 59  ? 0.281   -4.911  7.528   1.00 36.69  ? 1647 LEU A CD2 1 
ATOM   456  N N   . LYS A 1 60  ? 0.197   -4.900  2.750   1.00 21.51  ? 1648 LYS A N   1 
ATOM   457  C CA  . LYS A 1 60  ? 1.364   -4.611  1.929   1.00 23.24  ? 1648 LYS A CA  1 
ATOM   458  C C   . LYS A 1 60  ? 1.021   -3.765  0.723   1.00 20.29  ? 1648 LYS A C   1 
ATOM   459  O O   . LYS A 1 60  ? 1.817   -2.928  0.289   1.00 21.84  ? 1648 LYS A O   1 
ATOM   460  C CB  . LYS A 1 60  ? 2.043   -5.911  1.503   1.00 27.07  ? 1648 LYS A CB  1 
ATOM   461  C CG  . LYS A 1 60  ? 2.838   -6.527  2.651   1.00 26.33  ? 1648 LYS A CG  1 
ATOM   462  C CD  . LYS A 1 60  ? 3.288   -7.947  2.355   1.00 29.30  ? 1648 LYS A CD  1 
ATOM   463  C CE  . LYS A 1 60  ? 4.132   -8.510  3.487   1.00 34.37  ? 1648 LYS A CE  1 
ATOM   464  N NZ  . LYS A 1 60  ? 4.242   -10.012 3.419   1.00 38.72  ? 1648 LYS A NZ  1 
ATOM   465  N N   . TYR A 1 61  ? -0.178  -3.962  0.184   1.00 24.73  ? 1649 TYR A N   1 
ATOM   466  C CA  . TYR A 1 61  ? -0.610  -3.182  -0.968  1.00 20.17  ? 1649 TYR A CA  1 
ATOM   467  C C   . TYR A 1 61  ? -0.697  -1.716  -0.528  1.00 13.62  ? 1649 TYR A C   1 
ATOM   468  O O   . TYR A 1 61  ? -0.124  -0.830  -1.166  1.00 22.08  ? 1649 TYR A O   1 
ATOM   469  C CB  . TYR A 1 61  ? -1.961  -3.731  -1.454  1.00 25.55  ? 1649 TYR A CB  1 
ATOM   470  C CG  . TYR A 1 61  ? -2.756  -2.838  -2.369  1.00 17.42  ? 1649 TYR A CG  1 
ATOM   471  C CD1 . TYR A 1 61  ? -2.415  -2.671  -3.698  1.00 21.59  ? 1649 TYR A CD1 1 
ATOM   472  C CD2 . TYR A 1 61  ? -3.911  -2.198  -1.894  1.00 24.00  ? 1649 TYR A CD2 1 
ATOM   473  C CE1 . TYR A 1 61  ? -3.230  -1.883  -4.558  1.00 24.84  ? 1649 TYR A CE1 1 
ATOM   474  C CE2 . TYR A 1 61  ? -4.704  -1.429  -2.717  1.00 18.81  ? 1649 TYR A CE2 1 
ATOM   475  C CZ  . TYR A 1 61  ? -4.374  -1.277  -4.047  1.00 28.43  ? 1649 TYR A CZ  1 
ATOM   476  O OH  . TYR A 1 61  ? -5.243  -0.576  -4.845  1.00 30.20  ? 1649 TYR A OH  1 
ATOM   477  N N   . PHE A 1 62  ? -1.379  -1.462  0.582   1.00 18.04  ? 1650 PHE A N   1 
ATOM   478  C CA  . PHE A 1 62  ? -1.509  -0.083  1.089   1.00 19.49  ? 1650 PHE A CA  1 
ATOM   479  C C   . PHE A 1 62  ? -0.151  0.495   1.471   1.00 20.38  ? 1650 PHE A C   1 
ATOM   480  O O   . PHE A 1 62  ? 0.181   1.640   1.110   1.00 22.41  ? 1650 PHE A O   1 
ATOM   481  C CB  . PHE A 1 62  ? -2.462  -0.050  2.284   1.00 17.86  ? 1650 PHE A CB  1 
ATOM   482  C CG  . PHE A 1 62  ? -3.885  -0.284  1.912   1.00 25.51  ? 1650 PHE A CG  1 
ATOM   483  C CD1 . PHE A 1 62  ? -4.572  -1.401  2.392   1.00 24.34  ? 1650 PHE A CD1 1 
ATOM   484  C CD2 . PHE A 1 62  ? -4.552  0.617   1.067   1.00 27.50  ? 1650 PHE A CD2 1 
ATOM   485  C CE1 . PHE A 1 62  ? -5.912  -1.627  2.040   1.00 20.91  ? 1650 PHE A CE1 1 
ATOM   486  C CE2 . PHE A 1 62  ? -5.887  0.407   0.706   1.00 25.93  ? 1650 PHE A CE2 1 
ATOM   487  C CZ  . PHE A 1 62  ? -6.574  -0.713  1.188   1.00 23.59  ? 1650 PHE A CZ  1 
ATOM   488  N N   . LEU A 1 63  ? 0.651   -0.295  2.193   1.00 23.64  ? 1651 LEU A N   1 
ATOM   489  C CA  . LEU A 1 63  ? 2.001   0.157   2.562   1.00 22.41  ? 1651 LEU A CA  1 
ATOM   490  C C   . LEU A 1 63  ? 2.777   0.411   1.285   1.00 14.38  ? 1651 LEU A C   1 
ATOM   491  O O   . LEU A 1 63  ? 3.525   1.388   1.176   1.00 26.69  ? 1651 LEU A O   1 
ATOM   492  C CB  . LEU A 1 63  ? 2.725   -0.910  3.386   1.00 27.37  ? 1651 LEU A CB  1 
ATOM   493  C CG  . LEU A 1 63  ? 2.832   -0.698  4.896   1.00 28.15  ? 1651 LEU A CG  1 
ATOM   494  C CD1 . LEU A 1 63  ? 2.295   0.650   5.301   1.00 20.00  ? 1651 LEU A CD1 1 
ATOM   495  C CD2 . LEU A 1 63  ? 2.142   -1.801  5.600   1.00 24.91  ? 1651 LEU A CD2 1 
ATOM   496  N N   . GLY A 1 64  ? 2.599   -0.475  0.305   1.00 21.35  ? 1652 GLY A N   1 
ATOM   497  C CA  . GLY A 1 64  ? 3.290   -0.306  -0.972  1.00 22.05  ? 1652 GLY A CA  1 
ATOM   498  C C   . GLY A 1 64  ? 2.963   1.029   -1.645  1.00 22.69  ? 1652 GLY A C   1 
ATOM   499  O O   . GLY A 1 64  ? 3.868   1.805   -2.033  1.00 24.21  ? 1652 GLY A O   1 
ATOM   500  N N   . ILE A 1 65  ? 1.670   1.316   -1.787  1.00 22.91  ? 1653 ILE A N   1 
ATOM   501  C CA  . ILE A 1 65  ? 1.252   2.583   -2.403  1.00 19.88  ? 1653 ILE A CA  1 
ATOM   502  C C   . ILE A 1 65  ? 1.723   3.780   -1.559  1.00 19.82  ? 1653 ILE A C   1 
ATOM   503  O O   . ILE A 1 65  ? 2.275   4.757   -2.096  1.00 21.82  ? 1653 ILE A O   1 
ATOM   504  C CB  . ILE A 1 65  ? -0.287  2.657   -2.568  1.00 19.21  ? 1653 ILE A CB  1 
ATOM   505  C CG1 . ILE A 1 65  ? -0.769  1.523   -3.478  1.00 15.92  ? 1653 ILE A CG1 1 
ATOM   506  C CG2 . ILE A 1 65  ? -0.680  4.001   -3.173  1.00 15.04  ? 1653 ILE A CG2 1 
ATOM   507  C CD1 . ILE A 1 65  ? -2.278  1.552   -3.750  1.00 23.95  ? 1653 ILE A CD1 1 
ATOM   508  N N   . ALA A 1 66  ? 1.506   3.703   -0.247  1.00 22.08  ? 1654 ALA A N   1 
ATOM   509  C CA  . ALA A 1 66  ? 1.927   4.791   0.661   1.00 29.82  ? 1654 ALA A CA  1 
ATOM   510  C C   . ALA A 1 66  ? 3.375   5.171   0.379   1.00 28.69  ? 1654 ALA A C   1 
ATOM   511  O O   . ALA A 1 66  ? 3.721   6.354   0.370   1.00 35.96  ? 1654 ALA A O   1 
ATOM   512  C CB  . ALA A 1 66  ? 1.774   4.368   2.177   1.00 17.43  ? 1654 ALA A CB  1 
ATOM   513  N N   . GLY A 1 67  ? 4.213   4.172   0.105   1.00 26.71  ? 1655 GLY A N   1 
ATOM   514  C CA  . GLY A 1 67  ? 5.620   4.467   -0.155  1.00 23.60  ? 1655 GLY A CA  1 
ATOM   515  C C   . GLY A 1 67  ? 6.017   4.699   -1.602  1.00 25.29  ? 1655 GLY A C   1 
ATOM   516  O O   . GLY A 1 67  ? 7.215   4.751   -1.910  1.00 27.78  ? 1655 GLY A O   1 
ATOM   517  N N   . GLY A 1 68  ? 5.044   4.846   -2.497  1.00 26.46  ? 1656 GLY A N   1 
ATOM   518  C CA  . GLY A 1 68  ? 5.380   5.066   -3.901  1.00 18.45  ? 1656 GLY A CA  1 
ATOM   519  C C   . GLY A 1 68  ? 6.166   3.905   -4.522  1.00 16.89  ? 1656 GLY A C   1 
ATOM   520  O O   . GLY A 1 68  ? 6.940   4.094   -5.450  1.00 21.30  ? 1656 GLY A O   1 
ATOM   521  N N   . LYS A 1 69  ? 5.934   2.690   -4.042  1.00 22.66  ? 1657 LYS A N   1 
ATOM   522  C CA  . LYS A 1 69  ? 6.677   1.532   -4.528  1.00 29.54  ? 1657 LYS A CA  1 
ATOM   523  C C   . LYS A 1 69  ? 6.072   0.942   -5.782  1.00 28.61  ? 1657 LYS A C   1 
ATOM   524  O O   . LYS A 1 69  ? 4.989   1.324   -6.196  1.00 22.87  ? 1657 LYS A O   1 
ATOM   525  C CB  . LYS A 1 69  ? 6.730   0.441   -3.446  1.00 25.95  ? 1657 LYS A CB  1 
ATOM   526  C CG  . LYS A 1 69  ? 7.107   0.929   -2.029  1.00 22.64  ? 1657 LYS A CG  1 
ATOM   527  C CD  . LYS A 1 69  ? 8.369   1.784   -2.031  1.00 44.39  ? 1657 LYS A CD  1 
ATOM   528  C CE  . LYS A 1 69  ? 8.892   2.041   -0.606  1.00 47.20  ? 1657 LYS A CE  1 
ATOM   529  N NZ  . LYS A 1 69  ? 8.973   0.757   0.181   1.00 41.44  ? 1657 LYS A NZ  1 
ATOM   530  N N   . TRP A 1 70  ? 6.791   0.015   -6.404  1.00 27.00  ? 1658 TRP A N   1 
ATOM   531  C CA  . TRP A 1 70  ? 6.255   -0.655  -7.582  1.00 30.08  ? 1658 TRP A CA  1 
ATOM   532  C C   . TRP A 1 70  ? 5.320   -1.754  -7.085  1.00 26.17  ? 1658 TRP A C   1 
ATOM   533  O O   . TRP A 1 70  ? 5.755   -2.605  -6.309  1.00 33.04  ? 1658 TRP A O   1 
ATOM   534  C CB  . TRP A 1 70  ? 7.357   -1.330  -8.384  1.00 20.66  ? 1658 TRP A CB  1 
ATOM   535  C CG  . TRP A 1 70  ? 8.006   -0.493  -9.376  1.00 15.89  ? 1658 TRP A CG  1 
ATOM   536  C CD1 . TRP A 1 70  ? 9.220   0.140   -9.259  1.00 24.79  ? 1658 TRP A CD1 1 
ATOM   537  C CD2 . TRP A 1 70  ? 7.522   -0.198  -10.683 1.00 18.81  ? 1658 TRP A CD2 1 
ATOM   538  N NE1 . TRP A 1 70  ? 9.514   0.808   -10.422 1.00 27.94  ? 1658 TRP A NE1 1 
ATOM   539  C CE2 . TRP A 1 70  ? 8.487   0.618   -11.313 1.00 33.40  ? 1658 TRP A CE2 1 
ATOM   540  C CE3 . TRP A 1 70  ? 6.366   -0.541  -11.385 1.00 24.48  ? 1658 TRP A CE3 1 
ATOM   541  C CZ2 . TRP A 1 70  ? 8.326   1.094   -12.615 1.00 33.98  ? 1658 TRP A CZ2 1 
ATOM   542  C CZ3 . TRP A 1 70  ? 6.208   -0.068  -12.675 1.00 26.48  ? 1658 TRP A CZ3 1 
ATOM   543  C CH2 . TRP A 1 70  ? 7.180   0.739   -13.276 1.00 30.33  ? 1658 TRP A CH2 1 
ATOM   544  N N   . ILE A 1 71  ? 4.049   -1.730  -7.491  1.00 21.74  ? 1659 ILE A N   1 
ATOM   545  C CA  . ILE A 1 71  ? 3.116   -2.797  -7.098  1.00 23.38  ? 1659 ILE A CA  1 
ATOM   546  C C   . ILE A 1 71  ? 2.990   -3.600  -8.385  1.00 28.80  ? 1659 ILE A C   1 
ATOM   547  O O   . ILE A 1 71  ? 2.474   -3.095  -9.386  1.00 27.05  ? 1659 ILE A O   1 
ATOM   548  C CB  . ILE A 1 71  ? 1.724   -2.278  -6.663  1.00 22.58  ? 1659 ILE A CB  1 
ATOM   549  C CG1 . ILE A 1 71  ? 1.847   -1.086  -5.690  1.00 17.64  ? 1659 ILE A CG1 1 
ATOM   550  C CG2 . ILE A 1 71  ? 0.981   -3.394  -5.961  1.00 16.22  ? 1659 ILE A CG2 1 
ATOM   551  C CD1 . ILE A 1 71  ? 2.665   -1.370  -4.441  1.00 27.86  ? 1659 ILE A CD1 1 
ATOM   552  N N   . VAL A 1 72  ? 3.468   -4.850  -8.342  1.00 32.40  ? 1660 VAL A N   1 
ATOM   553  C CA  . VAL A 1 72  ? 3.527   -5.728  -9.514  1.00 23.14  ? 1660 VAL A CA  1 
ATOM   554  C C   . VAL A 1 72  ? 2.732   -7.030  -9.406  1.00 21.42  ? 1660 VAL A C   1 
ATOM   555  O O   . VAL A 1 72  ? 2.780   -7.736  -8.386  1.00 23.51  ? 1660 VAL A O   1 
ATOM   556  C CB  . VAL A 1 72  ? 5.001   -6.078  -9.813  1.00 29.85  ? 1660 VAL A CB  1 
ATOM   557  C CG1 . VAL A 1 72  ? 5.149   -6.654  -11.242 1.00 29.76  ? 1660 VAL A CG1 1 
ATOM   558  C CG2 . VAL A 1 72  ? 5.869   -4.845  -9.591  1.00 22.83  ? 1660 VAL A CG2 1 
ATOM   559  N N   . SER A 1 73  ? 1.997   -7.332  -10.469 1.00 19.94  ? 1661 SER A N   1 
ATOM   560  C CA  . SER A 1 73  ? 1.179   -8.539  -10.539 1.00 29.41  ? 1661 SER A CA  1 
ATOM   561  C C   . SER A 1 73  ? 2.063   -9.785  -10.546 1.00 33.57  ? 1661 SER A C   1 
ATOM   562  O O   . SER A 1 73  ? 3.111   -9.805  -11.176 1.00 35.06  ? 1661 SER A O   1 
ATOM   563  C CB  . SER A 1 73  ? 0.328   -8.538  -11.800 1.00 25.52  ? 1661 SER A CB  1 
ATOM   564  O OG  . SER A 1 73  ? -0.413  -9.739  -11.890 1.00 34.25  ? 1661 SER A OG  1 
ATOM   565  N N   . TYR A 1 74  ? 1.627   -10.809 -9.827  1.00 29.91  ? 1662 TYR A N   1 
ATOM   566  C CA  . TYR A 1 74  ? 2.351   -12.065 -9.735  1.00 30.26  ? 1662 TYR A CA  1 
ATOM   567  C C   . TYR A 1 74  ? 2.575   -12.574 -11.161 1.00 36.10  ? 1662 TYR A C   1 
ATOM   568  O O   . TYR A 1 74  ? 3.580   -13.224 -11.448 1.00 42.14  ? 1662 TYR A O   1 
ATOM   569  C CB  . TYR A 1 74  ? 1.513   -13.042 -8.917  1.00 21.06  ? 1662 TYR A CB  1 
ATOM   570  C CG  . TYR A 1 74  ? 1.976   -14.472 -8.883  1.00 28.80  ? 1662 TYR A CG  1 
ATOM   571  C CD1 . TYR A 1 74  ? 3.216   -14.812 -8.358  1.00 23.22  ? 1662 TYR A CD1 1 
ATOM   572  C CD2 . TYR A 1 74  ? 1.152   -15.494 -9.357  1.00 26.45  ? 1662 TYR A CD2 1 
ATOM   573  C CE1 . TYR A 1 74  ? 3.627   -16.130 -8.307  1.00 28.76  ? 1662 TYR A CE1 1 
ATOM   574  C CE2 . TYR A 1 74  ? 1.551   -16.815 -9.310  1.00 31.42  ? 1662 TYR A CE2 1 
ATOM   575  C CZ  . TYR A 1 74  ? 2.797   -17.132 -8.787  1.00 32.62  ? 1662 TYR A CZ  1 
ATOM   576  O OH  . TYR A 1 74  ? 3.216   -18.447 -8.756  1.00 34.90  ? 1662 TYR A OH  1 
ATOM   577  N N   . SER A 1 75  ? 1.644   -12.236 -12.051 1.00 34.83  ? 1663 SER A N   1 
ATOM   578  C CA  . SER A 1 75  ? 1.711   -12.647 -13.451 1.00 41.16  ? 1663 SER A CA  1 
ATOM   579  C C   . SER A 1 75  ? 3.050   -12.271 -14.089 1.00 37.22  ? 1663 SER A C   1 
ATOM   580  O O   . SER A 1 75  ? 3.489   -12.898 -15.046 1.00 40.90  ? 1663 SER A O   1 
ATOM   581  C CB  . SER A 1 75  ? 0.568   -12.011 -14.255 1.00 29.24  ? 1663 SER A CB  1 
ATOM   582  O OG  . SER A 1 75  ? 0.859   -10.652 -14.519 1.00 44.93  ? 1663 SER A OG  1 
ATOM   583  N N   . TRP A 1 76  ? 3.679   -11.226 -13.576 1.00 37.53  ? 1664 TRP A N   1 
ATOM   584  C CA  . TRP A 1 76  ? 4.985   -10.796 -14.068 1.00 35.01  ? 1664 TRP A CA  1 
ATOM   585  C C   . TRP A 1 76  ? 5.977   -11.929 -13.842 1.00 42.40  ? 1664 TRP A C   1 
ATOM   586  O O   . TRP A 1 76  ? 6.921   -12.114 -14.609 1.00 40.56  ? 1664 TRP A O   1 
ATOM   587  C CB  . TRP A 1 76  ? 5.480   -9.609  -13.267 1.00 24.48  ? 1664 TRP A CB  1 
ATOM   588  C CG  . TRP A 1 76  ? 6.934   -9.358  -13.410 1.00 26.93  ? 1664 TRP A CG  1 
ATOM   589  C CD1 . TRP A 1 76  ? 7.594   -9.040  -14.551 1.00 32.14  ? 1664 TRP A CD1 1 
ATOM   590  C CD2 . TRP A 1 76  ? 7.916   -9.400  -12.369 1.00 26.25  ? 1664 TRP A CD2 1 
ATOM   591  N NE1 . TRP A 1 76  ? 8.929   -8.873  -14.290 1.00 30.88  ? 1664 TRP A NE1 1 
ATOM   592  C CE2 . TRP A 1 76  ? 9.155   -9.093  -12.958 1.00 20.02  ? 1664 TRP A CE2 1 
ATOM   593  C CE3 . TRP A 1 76  ? 7.865   -9.671  -10.992 1.00 29.94  ? 1664 TRP A CE3 1 
ATOM   594  C CZ2 . TRP A 1 76  ? 10.349  -9.045  -12.222 1.00 33.99  ? 1664 TRP A CZ2 1 
ATOM   595  C CZ3 . TRP A 1 76  ? 9.037   -9.628  -10.261 1.00 27.84  ? 1664 TRP A CZ3 1 
ATOM   596  C CH2 . TRP A 1 76  ? 10.273  -9.315  -10.878 1.00 33.46  ? 1664 TRP A CH2 1 
ATOM   597  N N   . VAL A 1 77  ? 5.776   -12.651 -12.746 1.00 40.19  ? 1665 VAL A N   1 
ATOM   598  C CA  . VAL A 1 77  ? 6.636   -13.754 -12.388 1.00 41.04  ? 1665 VAL A CA  1 
ATOM   599  C C   . VAL A 1 77  ? 6.321   -14.965 -13.257 1.00 44.83  ? 1665 VAL A C   1 
ATOM   600  O O   . VAL A 1 77  ? 7.218   -15.552 -13.858 1.00 43.26  ? 1665 VAL A O   1 
ATOM   601  C CB  . VAL A 1 77  ? 6.470   -14.089 -10.897 1.00 31.36  ? 1665 VAL A CB  1 
ATOM   602  C CG1 . VAL A 1 77  ? 7.112   -15.394 -10.567 1.00 28.68  ? 1665 VAL A CG1 1 
ATOM   603  C CG2 . VAL A 1 77  ? 7.129   -13.023 -10.086 1.00 26.36  ? 1665 VAL A CG2 1 
ATOM   604  N N   . ILE A 1 78  ? 5.048   -15.317 -13.355 1.00 46.20  ? 1666 ILE A N   1 
ATOM   605  C CA  . ILE A 1 78  ? 4.655   -16.463 -14.153 1.00 52.37  ? 1666 ILE A CA  1 
ATOM   606  C C   . ILE A 1 78  ? 4.995   -16.298 -15.635 1.00 54.51  ? 1666 ILE A C   1 
ATOM   607  O O   . ILE A 1 78  ? 5.371   -17.268 -16.301 1.00 58.60  ? 1666 ILE A O   1 
ATOM   608  C CB  . ILE A 1 78  ? 3.146   -16.763 -13.983 1.00 52.09  ? 1666 ILE A CB  1 
ATOM   609  C CG1 . ILE A 1 78  ? 2.319   -15.560 -14.421 1.00 65.24  ? 1666 ILE A CG1 1 
ATOM   610  C CG2 . ILE A 1 78  ? 2.848   -17.111 -12.511 1.00 46.86  ? 1666 ILE A CG2 1 
ATOM   611  C CD1 . ILE A 1 78  ? 0.800   -15.752 -14.277 1.00 78.99  ? 1666 ILE A CD1 1 
ATOM   612  N N   . LYS A 1 79  ? 4.890   -15.077 -16.147 1.00 49.51  ? 1667 LYS A N   1 
ATOM   613  C CA  . LYS A 1 79  ? 5.177   -14.834 -17.551 1.00 49.94  ? 1667 LYS A CA  1 
ATOM   614  C C   . LYS A 1 79  ? 6.664   -14.680 -17.838 1.00 50.53  ? 1667 LYS A C   1 
ATOM   615  O O   . LYS A 1 79  ? 7.120   -15.040 -18.919 1.00 51.96  ? 1667 LYS A O   1 
ATOM   616  C CB  . LYS A 1 79  ? 4.404   -13.609 -18.062 1.00 53.55  ? 1667 LYS A CB  1 
ATOM   617  C CG  . LYS A 1 79  ? 4.366   -13.476 -19.587 1.00 51.13  ? 1667 LYS A CG  1 
ATOM   618  C CD  . LYS A 1 79  ? 3.266   -12.503 -20.028 1.00 65.00  ? 1667 LYS A CD  1 
ATOM   619  C CE  . LYS A 1 79  ? 3.256   -12.259 -21.545 1.00 67.42  ? 1667 LYS A CE  1 
ATOM   620  N NZ  . LYS A 1 79  ? 2.148   -11.337 -21.980 1.00 65.10  ? 1667 LYS A NZ  1 
ATOM   621  N N   . SER A 1 80  ? 7.432   -14.154 -16.891 1.00 44.49  ? 1668 SER A N   1 
ATOM   622  C CA  . SER A 1 80  ? 8.853   -14.029 -17.139 1.00 47.50  ? 1668 SER A CA  1 
ATOM   623  C C   . SER A 1 80  ? 9.496   -15.420 -16.953 1.00 54.93  ? 1668 SER A C   1 
ATOM   624  O O   . SER A 1 80  ? 10.631  -15.660 -17.371 1.00 61.18  ? 1668 SER A O   1 
ATOM   625  C CB  . SER A 1 80  ? 9.492   -12.950 -16.227 1.00 37.04  ? 1668 SER A CB  1 
ATOM   626  O OG  . SER A 1 80  ? 9.638   -13.383 -14.897 1.00 59.22  ? 1668 SER A OG  1 
ATOM   627  N N   . ILE A 1 81  ? 8.759   -16.349 -16.348 1.00 58.59  ? 1669 ILE A N   1 
ATOM   628  C CA  . ILE A 1 81  ? 9.268   -17.707 -16.161 1.00 58.45  ? 1669 ILE A CA  1 
ATOM   629  C C   . ILE A 1 81  ? 9.121   -18.475 -17.476 1.00 64.86  ? 1669 ILE A C   1 
ATOM   630  O O   . ILE A 1 81  ? 10.006  -19.253 -17.854 1.00 58.58  ? 1669 ILE A O   1 
ATOM   631  C CB  . ILE A 1 81  ? 8.507   -18.475 -15.043 1.00 58.82  ? 1669 ILE A CB  1 
ATOM   632  C CG1 . ILE A 1 81  ? 9.056   -18.075 -13.666 1.00 53.49  ? 1669 ILE A CG1 1 
ATOM   633  C CG2 . ILE A 1 81  ? 8.642   -19.984 -15.253 1.00 58.63  ? 1669 ILE A CG2 1 
ATOM   634  C CD1 . ILE A 1 81  ? 8.427   -18.831 -12.493 1.00 51.72  ? 1669 ILE A CD1 1 
ATOM   635  N N   . GLN A 1 82  ? 8.009   -18.242 -18.174 1.00 61.82  ? 1670 GLN A N   1 
ATOM   636  C CA  . GLN A 1 82  ? 7.756   -18.908 -19.444 1.00 65.60  ? 1670 GLN A CA  1 
ATOM   637  C C   . GLN A 1 82  ? 8.431   -18.243 -20.648 1.00 65.89  ? 1670 GLN A C   1 
ATOM   638  O O   . GLN A 1 82  ? 8.251   -18.691 -21.783 1.00 69.62  ? 1670 GLN A O   1 
ATOM   639  C CB  . GLN A 1 82  ? 6.255   -18.998 -19.710 1.00 70.54  ? 1670 GLN A CB  1 
ATOM   640  C CG  . GLN A 1 82  ? 5.647   -17.718 -20.230 1.00 77.43  ? 1670 GLN A CG  1 
ATOM   641  C CD  . GLN A 1 82  ? 4.429   -17.979 -21.087 1.00 87.84  ? 1670 GLN A CD  1 
ATOM   642  O OE1 . GLN A 1 82  ? 3.440   -18.557 -20.626 1.00 94.34  ? 1670 GLN A OE1 1 
ATOM   643  N NE2 . GLN A 1 82  ? 4.493   -17.559 -22.347 1.00 88.52  ? 1670 GLN A NE2 1 
ATOM   644  N N   . GLU A 1 83  ? 9.185   -17.172 -20.410 1.00 65.81  ? 1671 GLU A N   1 
ATOM   645  C CA  . GLU A 1 83  ? 9.892   -16.471 -21.482 1.00 66.13  ? 1671 GLU A CA  1 
ATOM   646  C C   . GLU A 1 83  ? 11.378  -16.718 -21.318 1.00 65.46  ? 1671 GLU A C   1 
ATOM   647  O O   . GLU A 1 83  ? 12.166  -16.420 -22.215 1.00 67.00  ? 1671 GLU A O   1 
ATOM   648  C CB  . GLU A 1 83  ? 9.633   -14.960 -21.436 1.00 65.64  ? 1671 GLU A CB  1 
ATOM   649  C CG  . GLU A 1 83  ? 8.201   -14.558 -21.713 1.00 76.00  ? 1671 GLU A CG  1 
ATOM   650  C CD  . GLU A 1 83  ? 7.714   -15.004 -23.074 1.00 81.14  ? 1671 GLU A CD  1 
ATOM   651  O OE1 . GLU A 1 83  ? 6.521   -14.787 -23.377 1.00 86.56  ? 1671 GLU A OE1 1 
ATOM   652  O OE2 . GLU A 1 83  ? 8.520   -15.569 -23.844 1.00 87.33  ? 1671 GLU A OE2 1 
ATOM   653  N N   . ARG A 1 84  ? 11.743  -17.257 -20.158 1.00 65.73  ? 1672 ARG A N   1 
ATOM   654  C CA  . ARG A 1 84  ? 13.128  -17.574 -19.821 1.00 70.08  ? 1672 ARG A CA  1 
ATOM   655  C C   . ARG A 1 84  ? 13.967  -16.351 -19.505 1.00 71.06  ? 1672 ARG A C   1 
ATOM   656  O O   . ARG A 1 84  ? 15.178  -16.461 -19.297 1.00 72.97  ? 1672 ARG A O   1 
ATOM   657  C CB  . ARG A 1 84  ? 13.797  -18.354 -20.955 1.00 72.48  ? 1672 ARG A CB  1 
ATOM   658  C CG  . ARG A 1 84  ? 13.072  -19.619 -21.342 1.00 78.89  ? 1672 ARG A CG  1 
ATOM   659  C CD  . ARG A 1 84  ? 12.810  -20.493 -20.131 1.00 89.52  ? 1672 ARG A CD  1 
ATOM   660  N NE  . ARG A 1 84  ? 12.164  -21.741 -20.516 1.00 98.30  ? 1672 ARG A NE  1 
ATOM   661  C CZ  . ARG A 1 84  ? 12.766  -22.709 -21.199 1.00 101.43 ? 1672 ARG A CZ  1 
ATOM   662  N NH1 . ARG A 1 84  ? 14.034  -22.572 -21.567 1.00 101.93 ? 1672 ARG A NH1 1 
ATOM   663  N NH2 . ARG A 1 84  ? 12.097  -23.809 -21.523 1.00 105.32 ? 1672 ARG A NH2 1 
ATOM   664  N N   . LYS A 1 85  ? 13.335  -15.183 -19.469 1.00 70.40  ? 1673 LYS A N   1 
ATOM   665  C CA  . LYS A 1 85  ? 14.066  -13.958 -19.168 1.00 68.59  ? 1673 LYS A CA  1 
ATOM   666  C C   . LYS A 1 85  ? 13.412  -13.079 -18.105 1.00 65.12  ? 1673 LYS A C   1 
ATOM   667  O O   . LYS A 1 85  ? 12.206  -13.154 -17.872 1.00 63.72  ? 1673 LYS A O   1 
ATOM   668  C CB  . LYS A 1 85  ? 14.289  -13.153 -20.454 1.00 70.00  ? 1673 LYS A CB  1 
ATOM   669  C CG  . LYS A 1 85  ? 13.074  -12.999 -21.356 1.00 66.03  ? 1673 LYS A CG  1 
ATOM   670  C CD  . LYS A 1 85  ? 13.498  -12.336 -22.673 1.00 71.74  ? 1673 LYS A CD  1 
ATOM   671  C CE  . LYS A 1 85  ? 12.401  -12.364 -23.736 1.00 69.89  ? 1673 LYS A CE  1 
ATOM   672  N NZ  . LYS A 1 85  ? 11.210  -11.557 -23.354 1.00 67.57  ? 1673 LYS A NZ  1 
ATOM   673  N N   . LEU A 1 86  ? 14.225  -12.253 -17.455 1.00 58.71  ? 1674 LEU A N   1 
ATOM   674  C CA  . LEU A 1 86  ? 13.743  -11.344 -16.427 1.00 52.65  ? 1674 LEU A CA  1 
ATOM   675  C C   . LEU A 1 86  ? 13.079  -10.145 -17.102 1.00 56.15  ? 1674 LEU A C   1 
ATOM   676  O O   . LEU A 1 86  ? 13.753  -9.162  -17.432 1.00 52.34  ? 1674 LEU A O   1 
ATOM   677  C CB  . LEU A 1 86  ? 14.912  -10.871 -15.576 1.00 46.01  ? 1674 LEU A CB  1 
ATOM   678  C CG  . LEU A 1 86  ? 14.569  -9.922  -14.431 1.00 41.28  ? 1674 LEU A CG  1 
ATOM   679  C CD1 . LEU A 1 86  ? 13.507  -10.569 -13.563 1.00 39.08  ? 1674 LEU A CD1 1 
ATOM   680  C CD2 . LEU A 1 86  ? 15.818  -9.621  -13.605 1.00 33.76  ? 1674 LEU A CD2 1 
ATOM   681  N N   . LEU A 1 87  ? 11.763  -10.224 -17.301 1.00 53.88  ? 1675 LEU A N   1 
ATOM   682  C CA  . LEU A 1 87  ? 11.020  -9.152  -17.961 1.00 50.57  ? 1675 LEU A CA  1 
ATOM   683  C C   . LEU A 1 87  ? 10.984  -7.841  -17.191 1.00 50.33  ? 1675 LEU A C   1 
ATOM   684  O O   . LEU A 1 87  ? 11.296  -7.781  -15.995 1.00 58.77  ? 1675 LEU A O   1 
ATOM   685  C CB  . LEU A 1 87  ? 9.582   -9.593  -18.259 1.00 46.46  ? 1675 LEU A CB  1 
ATOM   686  C CG  . LEU A 1 87  ? 9.437   -10.899 -19.051 1.00 57.16  ? 1675 LEU A CG  1 
ATOM   687  C CD1 . LEU A 1 87  ? 7.991   -11.072 -19.553 1.00 46.02  ? 1675 LEU A CD1 1 
ATOM   688  C CD2 . LEU A 1 87  ? 10.414  -10.875 -20.224 1.00 54.26  ? 1675 LEU A CD2 1 
ATOM   689  N N   . SER A 1 88  ? 10.626  -6.777  -17.896 1.00 47.92  ? 1676 SER A N   1 
ATOM   690  C CA  . SER A 1 88  ? 10.510  -5.475  -17.272 1.00 46.42  ? 1676 SER A CA  1 
ATOM   691  C C   . SER A 1 88  ? 9.186   -5.514  -16.516 1.00 47.70  ? 1676 SER A C   1 
ATOM   692  O O   . SER A 1 88  ? 8.202   -6.100  -16.989 1.00 45.52  ? 1676 SER A O   1 
ATOM   693  C CB  . SER A 1 88  ? 10.468  -4.370  -18.329 1.00 52.63  ? 1676 SER A CB  1 
ATOM   694  O OG  . SER A 1 88  ? 10.261  -3.100  -17.730 1.00 56.40  ? 1676 SER A OG  1 
ATOM   695  N N   . VAL A 1 89  ? 9.157   -4.882  -15.353 1.00 40.59  ? 1677 VAL A N   1 
ATOM   696  C CA  . VAL A 1 89  ? 7.953   -4.874  -14.543 1.00 44.67  ? 1677 VAL A CA  1 
ATOM   697  C C   . VAL A 1 89  ? 6.821   -4.003  -15.088 1.00 46.05  ? 1677 VAL A C   1 
ATOM   698  O O   . VAL A 1 89  ? 5.648   -4.302  -14.860 1.00 48.68  ? 1677 VAL A O   1 
ATOM   699  C CB  . VAL A 1 89  ? 8.277   -4.401  -13.132 1.00 38.46  ? 1677 VAL A CB  1 
ATOM   700  C CG1 . VAL A 1 89  ? 8.812   -2.984  -13.180 1.00 33.29  ? 1677 VAL A CG1 1 
ATOM   701  C CG2 . VAL A 1 89  ? 7.066   -4.458  -12.301 1.00 49.13  ? 1677 VAL A CG2 1 
ATOM   702  N N   . HIS A 1 90  ? 7.180   -2.941  -15.811 1.00 42.47  ? 1678 HIS A N   1 
ATOM   703  C CA  . HIS A 1 90  ? 6.228   -1.975  -16.363 1.00 45.66  ? 1678 HIS A CA  1 
ATOM   704  C C   . HIS A 1 90  ? 4.843   -2.464  -16.759 1.00 47.56  ? 1678 HIS A C   1 
ATOM   705  O O   . HIS A 1 90  ? 3.849   -2.044  -16.167 1.00 45.96  ? 1678 HIS A O   1 
ATOM   706  C CB  . HIS A 1 90  ? 6.853   -1.222  -17.550 1.00 41.31  ? 1678 HIS A CB  1 
ATOM   707  C CG  . HIS A 1 90  ? 8.053   -0.410  -17.176 1.00 55.35  ? 1678 HIS A CG  1 
ATOM   708  N ND1 . HIS A 1 90  ? 9.255   -0.982  -16.815 1.00 59.13  ? 1678 HIS A ND1 1 
ATOM   709  C CD2 . HIS A 1 90  ? 8.221   0.927   -17.047 1.00 58.53  ? 1678 HIS A CD2 1 
ATOM   710  C CE1 . HIS A 1 90  ? 10.110  -0.034  -16.476 1.00 57.10  ? 1678 HIS A CE1 1 
ATOM   711  N NE2 . HIS A 1 90  ? 9.508   1.134   -16.606 1.00 60.78  ? 1678 HIS A NE2 1 
ATOM   712  N N   . GLU A 1 91  ? 4.767   -3.350  -17.746 1.00 46.98  ? 1679 GLU A N   1 
ATOM   713  C CA  . GLU A 1 91  ? 3.476   -3.833  -18.204 1.00 41.62  ? 1679 GLU A CA  1 
ATOM   714  C C   . GLU A 1 91  ? 2.692   -4.647  -17.191 1.00 43.46  ? 1679 GLU A C   1 
ATOM   715  O O   . GLU A 1 91  ? 1.533   -4.992  -17.439 1.00 42.58  ? 1679 GLU A O   1 
ATOM   716  C CB  . GLU A 1 91  ? 3.652   -4.638  -19.483 1.00 56.54  ? 1679 GLU A CB  1 
ATOM   717  C CG  . GLU A 1 91  ? 4.189   -3.811  -20.637 1.00 71.22  ? 1679 GLU A CG  1 
ATOM   718  C CD  . GLU A 1 91  ? 4.978   -4.647  -21.620 1.00 79.51  ? 1679 GLU A CD  1 
ATOM   719  O OE1 . GLU A 1 91  ? 4.413   -5.628  -22.156 1.00 84.99  ? 1679 GLU A OE1 1 
ATOM   720  O OE2 . GLU A 1 91  ? 6.165   -4.320  -21.846 1.00 82.59  ? 1679 GLU A OE2 1 
ATOM   721  N N   . PHE A 1 92  ? 3.300   -4.938  -16.046 1.00 35.74  ? 1680 PHE A N   1 
ATOM   722  C CA  . PHE A 1 92  ? 2.617   -5.731  -15.022 1.00 41.38  ? 1680 PHE A CA  1 
ATOM   723  C C   . PHE A 1 92  ? 2.226   -4.950  -13.782 1.00 33.86  ? 1680 PHE A C   1 
ATOM   724  O O   . PHE A 1 92  ? 1.868   -5.540  -12.760 1.00 34.00  ? 1680 PHE A O   1 
ATOM   725  C CB  . PHE A 1 92  ? 3.491   -6.902  -14.571 1.00 44.18  ? 1680 PHE A CB  1 
ATOM   726  C CG  . PHE A 1 92  ? 3.911   -7.782  -15.673 1.00 35.85  ? 1680 PHE A CG  1 
ATOM   727  C CD1 . PHE A 1 92  ? 5.073   -7.511  -16.386 1.00 44.83  ? 1680 PHE A CD1 1 
ATOM   728  C CD2 . PHE A 1 92  ? 3.131   -8.877  -16.030 1.00 42.02  ? 1680 PHE A CD2 1 
ATOM   729  C CE1 . PHE A 1 92  ? 5.459   -8.327  -17.450 1.00 44.32  ? 1680 PHE A CE1 1 
ATOM   730  C CE2 . PHE A 1 92  ? 3.505   -9.704  -17.092 1.00 50.84  ? 1680 PHE A CE2 1 
ATOM   731  C CZ  . PHE A 1 92  ? 4.669   -9.430  -17.804 1.00 42.07  ? 1680 PHE A CZ  1 
ATOM   732  N N   . GLU A 1 93  ? 2.322   -3.633  -13.847 1.00 40.28  ? 1681 GLU A N   1 
ATOM   733  C CA  . GLU A 1 93  ? 1.980   -2.822  -12.686 1.00 33.91  ? 1681 GLU A CA  1 
ATOM   734  C C   . GLU A 1 93  ? 0.493   -2.914  -12.337 1.00 25.35  ? 1681 GLU A C   1 
ATOM   735  O O   . GLU A 1 93  ? -0.365  -2.828  -13.211 1.00 32.15  ? 1681 GLU A O   1 
ATOM   736  C CB  . GLU A 1 93  ? 2.380   -1.369  -12.934 1.00 32.04  ? 1681 GLU A CB  1 
ATOM   737  C CG  . GLU A 1 93  ? 1.747   -0.409  -11.969 1.00 35.89  ? 1681 GLU A CG  1 
ATOM   738  C CD  . GLU A 1 93  ? 2.500   0.883   -11.891 1.00 38.71  ? 1681 GLU A CD  1 
ATOM   739  O OE1 . GLU A 1 93  ? 2.729   1.521   -12.935 1.00 40.80  ? 1681 GLU A OE1 1 
ATOM   740  O OE2 . GLU A 1 93  ? 2.868   1.261   -10.769 1.00 43.49  ? 1681 GLU A OE2 1 
ATOM   741  N N   . VAL A 1 94  ? 0.198   -3.123  -11.056 1.00 30.52  ? 1682 VAL A N   1 
ATOM   742  C CA  . VAL A 1 94  ? -1.191  -3.222  -10.590 1.00 23.44  ? 1682 VAL A CA  1 
ATOM   743  C C   . VAL A 1 94  ? -1.919  -1.889  -10.879 1.00 24.72  ? 1682 VAL A C   1 
ATOM   744  O O   . VAL A 1 94  ? -1.389  -0.792  -10.635 1.00 23.92  ? 1682 VAL A O   1 
ATOM   745  C CB  . VAL A 1 94  ? -1.232  -3.589  -9.061  1.00 24.82  ? 1682 VAL A CB  1 
ATOM   746  C CG1 . VAL A 1 94  ? -2.683  -3.479  -8.505  1.00 13.13  ? 1682 VAL A CG1 1 
ATOM   747  C CG2 . VAL A 1 94  ? -0.701  -5.040  -8.869  1.00 13.07  ? 1682 VAL A CG2 1 
ATOM   748  N N   . LYS A 1 95  ? -3.121  -2.006  -11.437 1.00 23.37  ? 1683 LYS A N   1 
ATOM   749  C CA  . LYS A 1 95  ? -3.935  -0.864  -11.806 1.00 22.24  ? 1683 LYS A CA  1 
ATOM   750  C C   . LYS A 1 95  ? -4.944  -0.442  -10.745 1.00 26.48  ? 1683 LYS A C   1 
ATOM   751  O O   . LYS A 1 95  ? -5.466  0.672   -10.785 1.00 30.89  ? 1683 LYS A O   1 
ATOM   752  C CB  . LYS A 1 95  ? -4.659  -1.166  -13.120 1.00 30.16  ? 1683 LYS A CB  1 
ATOM   753  C CG  . LYS A 1 95  ? -3.793  -0.938  -14.339 1.00 35.36  ? 1683 LYS A CG  1 
ATOM   754  C CD  . LYS A 1 95  ? -4.415  -1.502  -15.593 1.00 45.80  ? 1683 LYS A CD  1 
ATOM   755  C CE  . LYS A 1 95  ? -3.458  -1.364  -16.769 1.00 54.75  ? 1683 LYS A CE  1 
ATOM   756  N NZ  . LYS A 1 95  ? -3.967  -2.059  -17.987 1.00 60.95  ? 1683 LYS A NZ  1 
ATOM   757  N N   . GLY A 1 96  ? -5.228  -1.336  -9.807  1.00 26.65  ? 1684 GLY A N   1 
ATOM   758  C CA  . GLY A 1 96  ? -6.165  -1.015  -8.757  1.00 20.32  ? 1684 GLY A CA  1 
ATOM   759  C C   . GLY A 1 96  ? -6.509  -2.254  -7.968  1.00 24.24  ? 1684 GLY A C   1 
ATOM   760  O O   . GLY A 1 96  ? -5.933  -3.318  -8.183  1.00 25.73  ? 1684 GLY A O   1 
ATOM   761  N N   . ASP A 1 97  ? -7.451  -2.113  -7.042  1.00 28.03  ? 1685 ASP A N   1 
ATOM   762  C CA  . ASP A 1 97  ? -7.871  -3.227  -6.217  1.00 26.76  ? 1685 ASP A CA  1 
ATOM   763  C C   . ASP A 1 97  ? -9.346  -3.537  -6.465  1.00 27.86  ? 1685 ASP A C   1 
ATOM   764  O O   . ASP A 1 97  ? -10.022 -2.833  -7.220  1.00 31.53  ? 1685 ASP A O   1 
ATOM   765  C CB  . ASP A 1 97  ? -7.614  -2.911  -4.730  1.00 32.24  ? 1685 ASP A CB  1 
ATOM   766  C CG  . ASP A 1 97  ? -8.353  -1.670  -4.258  1.00 32.81  ? 1685 ASP A CG  1 
ATOM   767  O OD1 . ASP A 1 97  ? -7.695  -0.707  -3.812  1.00 32.77  ? 1685 ASP A OD1 1 
ATOM   768  O OD2 . ASP A 1 97  ? -9.595  -1.666  -4.334  1.00 24.94  ? 1685 ASP A OD2 1 
ATOM   769  N N   . VAL A 1 98  ? -9.831  -4.598  -5.830  1.00 28.89  ? 1686 VAL A N   1 
ATOM   770  C CA  . VAL A 1 98  ? -11.209 -5.052  -5.978  1.00 34.67  ? 1686 VAL A CA  1 
ATOM   771  C C   . VAL A 1 98  ? -12.280 -3.975  -5.745  1.00 41.27  ? 1686 VAL A C   1 
ATOM   772  O O   . VAL A 1 98  ? -13.426 -4.115  -6.211  1.00 42.10  ? 1686 VAL A O   1 
ATOM   773  C CB  . VAL A 1 98  ? -11.473 -6.278  -5.051  1.00 42.77  ? 1686 VAL A CB  1 
ATOM   774  C CG1 . VAL A 1 98  ? -11.186 -5.921  -3.588  1.00 36.93  ? 1686 VAL A CG1 1 
ATOM   775  C CG2 . VAL A 1 98  ? -12.907 -6.756  -5.213  1.00 54.94  ? 1686 VAL A CG2 1 
ATOM   776  N N   . VAL A 1 99  ? -11.925 -2.899  -5.040  1.00 39.89  ? 1687 VAL A N   1 
ATOM   777  C CA  . VAL A 1 99  ? -12.890 -1.826  -4.809  1.00 37.33  ? 1687 VAL A CA  1 
ATOM   778  C C   . VAL A 1 99  ? -12.799 -0.735  -5.877  1.00 36.60  ? 1687 VAL A C   1 
ATOM   779  O O   . VAL A 1 99  ? -13.815 -0.288  -6.400  1.00 39.68  ? 1687 VAL A O   1 
ATOM   780  C CB  . VAL A 1 99  ? -12.708 -1.165  -3.416  1.00 39.95  ? 1687 VAL A CB  1 
ATOM   781  C CG1 . VAL A 1 99  ? -13.631 0.029   -3.303  1.00 25.53  ? 1687 VAL A CG1 1 
ATOM   782  C CG2 . VAL A 1 99  ? -13.016 -2.176  -2.289  1.00 25.98  ? 1687 VAL A CG2 1 
ATOM   783  N N   . THR A 1 100 ? -11.586 -0.310  -6.215  1.00 38.62  ? 1688 THR A N   1 
ATOM   784  C CA  . THR A 1 100 ? -11.427 0.744   -7.209  1.00 35.45  ? 1688 THR A CA  1 
ATOM   785  C C   . THR A 1 100 ? -11.624 0.287   -8.657  1.00 37.48  ? 1688 THR A C   1 
ATOM   786  O O   . THR A 1 100 ? -12.022 1.074   -9.509  1.00 36.67  ? 1688 THR A O   1 
ATOM   787  C CB  . THR A 1 100 ? -10.007 1.412   -7.156  1.00 32.57  ? 1688 THR A CB  1 
ATOM   788  O OG1 . THR A 1 100 ? -9.046  0.530   -7.748  1.00 35.47  ? 1688 THR A OG1 1 
ATOM   789  C CG2 . THR A 1 100 ? -9.598  1.723   -5.719  1.00 29.34  ? 1688 THR A CG2 1 
ATOM   790  N N   . GLY A 1 101 ? -11.365 -0.977  -8.952  1.00 34.94  ? 1689 GLY A N   1 
ATOM   791  C CA  . GLY A 1 101 ? -11.454 -1.376  -10.341 1.00 28.84  ? 1689 GLY A CA  1 
ATOM   792  C C   . GLY A 1 101 ? -10.109 -0.955  -10.933 1.00 35.32  ? 1689 GLY A C   1 
ATOM   793  O O   . GLY A 1 101 ? -9.178  -0.619  -10.187 1.00 39.58  ? 1689 GLY A O   1 
ATOM   794  N N   . SER A 1 102 ? -9.995  -0.908  -12.251 1.00 34.03  ? 1690 SER A N   1 
ATOM   795  C CA  . SER A 1 102 ? -8.711  -0.584  -12.866 1.00 35.34  ? 1690 SER A CA  1 
ATOM   796  C C   . SER A 1 102 ? -8.512  0.763   -13.555 1.00 40.10  ? 1690 SER A C   1 
ATOM   797  O O   . SER A 1 102 ? -7.445  1.020   -14.128 1.00 40.67  ? 1690 SER A O   1 
ATOM   798  C CB  . SER A 1 102 ? -8.353  -1.695  -13.856 1.00 43.04  ? 1690 SER A CB  1 
ATOM   799  O OG  . SER A 1 102 ? -9.474  -2.057  -14.648 1.00 42.65  ? 1690 SER A OG  1 
ATOM   800  N N   . ASN A 1 103 ? -9.492  1.647   -13.474 1.00 38.03  ? 1691 ASN A N   1 
ATOM   801  C CA  . ASN A 1 103 ? -9.371  2.925   -14.172 1.00 44.54  ? 1691 ASN A CA  1 
ATOM   802  C C   . ASN A 1 103 ? -8.611  4.062   -13.485 1.00 45.35  ? 1691 ASN A C   1 
ATOM   803  O O   . ASN A 1 103 ? -8.138  4.998   -14.145 1.00 44.66  ? 1691 ASN A O   1 
ATOM   804  C CB  . ASN A 1 103 ? -10.768 3.399   -14.552 1.00 53.05  ? 1691 ASN A CB  1 
ATOM   805  C CG  . ASN A 1 103 ? -11.496 2.391   -15.429 1.00 63.14  ? 1691 ASN A CG  1 
ATOM   806  O OD1 . ASN A 1 103 ? -12.721 2.252   -15.350 1.00 70.04  ? 1691 ASN A OD1 1 
ATOM   807  N ND2 . ASN A 1 103 ? -10.744 1.688   -16.281 1.00 60.39  ? 1691 ASN A ND2 1 
ATOM   808  N N   . HIS A 1 104 ? -8.466  3.988   -12.173 1.00 40.19  ? 1692 HIS A N   1 
ATOM   809  C CA  . HIS A 1 104 ? -7.791  5.065   -11.478 1.00 39.83  ? 1692 HIS A CA  1 
ATOM   810  C C   . HIS A 1 104 ? -6.289  4.952   -11.367 1.00 32.22  ? 1692 HIS A C   1 
ATOM   811  O O   . HIS A 1 104 ? -5.624  5.947   -11.107 1.00 36.96  ? 1692 HIS A O   1 
ATOM   812  C CB  . HIS A 1 104 ? -8.448  5.259   -10.118 1.00 38.05  ? 1692 HIS A CB  1 
ATOM   813  C CG  . HIS A 1 104 ? -9.913  5.537   -10.231 1.00 48.46  ? 1692 HIS A CG  1 
ATOM   814  N ND1 . HIS A 1 104 ? -10.875 4.579   -9.985  1.00 44.45  ? 1692 HIS A ND1 1 
ATOM   815  C CD2 . HIS A 1 104 ? -10.575 6.620   -10.705 1.00 39.52  ? 1692 HIS A CD2 1 
ATOM   816  C CE1 . HIS A 1 104 ? -12.063 5.056   -10.310 1.00 42.42  ? 1692 HIS A CE1 1 
ATOM   817  N NE2 . HIS A 1 104 ? -11.908 6.292   -10.751 1.00 43.27  ? 1692 HIS A NE2 1 
ATOM   818  N N   . GLN A 1 105 ? -5.754  3.754   -11.588 1.00 37.31  ? 1693 GLN A N   1 
ATOM   819  C CA  . GLN A 1 105 ? -4.299  3.528   -11.530 1.00 36.92  ? 1693 GLN A CA  1 
ATOM   820  C C   . GLN A 1 105 ? -3.599  4.207   -10.352 1.00 28.99  ? 1693 GLN A C   1 
ATOM   821  O O   . GLN A 1 105 ? -2.634  4.952   -10.534 1.00 22.64  ? 1693 GLN A O   1 
ATOM   822  C CB  . GLN A 1 105 ? -3.648  3.982   -12.848 1.00 36.54  ? 1693 GLN A CB  1 
ATOM   823  C CG  . GLN A 1 105 ? -4.137  3.191   -14.055 1.00 42.29  ? 1693 GLN A CG  1 
ATOM   824  C CD  . GLN A 1 105 ? -3.618  3.735   -15.375 1.00 50.11  ? 1693 GLN A CD  1 
ATOM   825  O OE1 . GLN A 1 105 ? -2.465  3.523   -15.739 1.00 54.06  ? 1693 GLN A OE1 1 
ATOM   826  N NE2 . GLN A 1 105 ? -4.473  4.453   -16.094 1.00 56.05  ? 1693 GLN A NE2 1 
ATOM   827  N N   . GLY A 1 106 ? -4.097  3.933   -9.150  1.00 25.02  ? 1694 GLY A N   1 
ATOM   828  C CA  . GLY A 1 106 ? -3.521  4.497   -7.943  1.00 21.40  ? 1694 GLY A CA  1 
ATOM   829  C C   . GLY A 1 106 ? -2.064  4.140   -7.718  1.00 20.76  ? 1694 GLY A C   1 
ATOM   830  O O   . GLY A 1 106 ? -1.284  5.027   -7.365  1.00 23.61  ? 1694 GLY A O   1 
ATOM   831  N N   . PRO A 1 107 ? -1.653  2.859   -7.884  1.00 19.22  ? 1695 PRO A N   1 
ATOM   832  C CA  . PRO A 1 107 ? -0.240  2.509   -7.677  1.00 23.88  ? 1695 PRO A CA  1 
ATOM   833  C C   . PRO A 1 107 ? 0.712   3.371   -8.519  1.00 24.77  ? 1695 PRO A C   1 
ATOM   834  O O   . PRO A 1 107 ? 1.711   3.884   -8.036  1.00 27.10  ? 1695 PRO A O   1 
ATOM   835  C CB  . PRO A 1 107 ? -0.205  1.021   -8.052  1.00 22.11  ? 1695 PRO A CB  1 
ATOM   836  C CG  . PRO A 1 107 ? -1.443  0.542   -7.459  1.00 18.97  ? 1695 PRO A CG  1 
ATOM   837  C CD  . PRO A 1 107 ? -2.482  1.642   -7.825  1.00 14.88  ? 1695 PRO A CD  1 
ATOM   838  N N   . ARG A 1 108 ? 0.367   3.555   -9.780  1.00 23.99  ? 1696 ARG A N   1 
ATOM   839  C CA  . ARG A 1 108 ? 1.178   4.342   -10.689 1.00 22.74  ? 1696 ARG A CA  1 
ATOM   840  C C   . ARG A 1 108 ? 1.169   5.838   -10.348 1.00 22.76  ? 1696 ARG A C   1 
ATOM   841  O O   . ARG A 1 108 ? 2.205   6.507   -10.369 1.00 25.61  ? 1696 ARG A O   1 
ATOM   842  C CB  . ARG A 1 108 ? 0.657   4.106   -12.109 1.00 32.41  ? 1696 ARG A CB  1 
ATOM   843  C CG  . ARG A 1 108 ? 1.337   4.909   -13.197 1.00 34.40  ? 1696 ARG A CG  1 
ATOM   844  C CD  . ARG A 1 108 ? 0.538   4.758   -14.472 1.00 48.56  ? 1696 ARG A CD  1 
ATOM   845  N NE  . ARG A 1 108 ? 0.967   5.681   -15.509 1.00 60.82  ? 1696 ARG A NE  1 
ATOM   846  C CZ  . ARG A 1 108 ? 0.393   5.773   -16.702 1.00 65.73  ? 1696 ARG A CZ  1 
ATOM   847  N NH1 . ARG A 1 108 ? -0.643  4.998   -17.001 1.00 60.97  ? 1696 ARG A NH1 1 
ATOM   848  N NH2 . ARG A 1 108 ? 0.872   6.620   -17.606 1.00 61.48  ? 1696 ARG A NH2 1 
ATOM   849  N N   . ARG A 1 109 ? -0.011  6.372   -10.068 1.00 26.76  ? 1697 ARG A N   1 
ATOM   850  C CA  . ARG A 1 109 ? -0.141  7.783   -9.708  1.00 24.61  ? 1697 ARG A CA  1 
ATOM   851  C C   . ARG A 1 109 ? 0.724   8.034   -8.468  1.00 24.75  ? 1697 ARG A C   1 
ATOM   852  O O   . ARG A 1 109 ? 1.473   9.000   -8.422  1.00 28.05  ? 1697 ARG A O   1 
ATOM   853  C CB  . ARG A 1 109 ? -1.616  8.092   -9.424  1.00 28.63  ? 1697 ARG A CB  1 
ATOM   854  C CG  . ARG A 1 109 ? -1.887  9.444   -8.852  1.00 29.06  ? 1697 ARG A CG  1 
ATOM   855  C CD  . ARG A 1 109 ? -3.407  9.637   -8.660  1.00 35.61  ? 1697 ARG A CD  1 
ATOM   856  N NE  . ARG A 1 109 ? -3.642  10.835  -7.868  1.00 30.32  ? 1697 ARG A NE  1 
ATOM   857  C CZ  . ARG A 1 109 ? -3.651  12.073  -8.357  1.00 43.71  ? 1697 ARG A CZ  1 
ATOM   858  N NH1 . ARG A 1 109 ? -3.469  12.291  -9.655  1.00 50.38  ? 1697 ARG A NH1 1 
ATOM   859  N NH2 . ARG A 1 109 ? -3.762  13.108  -7.534  1.00 40.01  ? 1697 ARG A NH2 1 
ATOM   860  N N   . SER A 1 110 ? 0.614   7.171   -7.455  1.00 21.99  ? 1698 SER A N   1 
ATOM   861  C CA  . SER A 1 110 ? 1.447   7.325   -6.256  1.00 20.31  ? 1698 SER A CA  1 
ATOM   862  C C   . SER A 1 110 ? 2.927   7.196   -6.573  1.00 25.97  ? 1698 SER A C   1 
ATOM   863  O O   . SER A 1 110 ? 3.752   7.951   -6.055  1.00 31.78  ? 1698 SER A O   1 
ATOM   864  C CB  . SER A 1 110 ? 1.140   6.270   -5.210  1.00 22.82  ? 1698 SER A CB  1 
ATOM   865  O OG  . SER A 1 110 ? 2.163   6.288   -4.227  1.00 23.61  ? 1698 SER A OG  1 
ATOM   866  N N   . ARG A 1 111 ? 3.267   6.230   -7.424  1.00 30.81  ? 1699 ARG A N   1 
ATOM   867  C CA  . ARG A 1 111 ? 4.656   5.994   -7.783  1.00 29.91  ? 1699 ARG A CA  1 
ATOM   868  C C   . ARG A 1 111 ? 5.271   7.166   -8.541  1.00 29.88  ? 1699 ARG A C   1 
ATOM   869  O O   . ARG A 1 111 ? 6.335   7.655   -8.174  1.00 21.55  ? 1699 ARG A O   1 
ATOM   870  C CB  . ARG A 1 111 ? 4.814   4.714   -8.630  1.00 34.74  ? 1699 ARG A CB  1 
ATOM   871  C CG  . ARG A 1 111 ? 6.295   4.316   -8.818  1.00 25.08  ? 1699 ARG A CG  1 
ATOM   872  C CD  . ARG A 1 111 ? 6.507   3.119   -9.744  1.00 31.12  ? 1699 ARG A CD  1 
ATOM   873  N NE  . ARG A 1 111 ? 6.425   3.504   -11.144 1.00 33.68  ? 1699 ARG A NE  1 
ATOM   874  C CZ  . ARG A 1 111 ? 5.375   3.261   -11.902 1.00 33.81  ? 1699 ARG A CZ  1 
ATOM   875  N NH1 . ARG A 1 111 ? 4.357   2.632   -11.374 1.00 43.94  ? 1699 ARG A NH1 1 
ATOM   876  N NH2 . ARG A 1 111 ? 5.329   3.658   -13.166 1.00 37.02  ? 1699 ARG A NH2 1 
ATOM   877  N N   . GLU A 1 112 ? 4.612   7.604   -9.606  1.00 28.50  ? 1700 GLU A N   1 
ATOM   878  C CA  . GLU A 1 112 ? 5.133   8.704   -10.396 1.00 27.93  ? 1700 GLU A CA  1 
ATOM   879  C C   . GLU A 1 112 ? 5.115   10.052  -9.681  1.00 36.01  ? 1700 GLU A C   1 
ATOM   880  O O   . GLU A 1 112 ? 6.017   10.865  -9.886  1.00 41.03  ? 1700 GLU A O   1 
ATOM   881  C CB  . GLU A 1 112 ? 4.389   8.799   -11.727 1.00 27.43  ? 1700 GLU A CB  1 
ATOM   882  C CG  . GLU A 1 112 ? 4.387   7.469   -12.498 1.00 42.50  ? 1700 GLU A CG  1 
ATOM   883  C CD  . GLU A 1 112 ? 3.803   7.579   -13.899 1.00 45.05  ? 1700 GLU A CD  1 
ATOM   884  O OE1 . GLU A 1 112 ? 2.790   8.290   -14.094 1.00 54.58  ? 1700 GLU A OE1 1 
ATOM   885  O OE2 . GLU A 1 112 ? 4.352   6.937   -14.814 1.00 61.11  ? 1700 GLU A OE2 1 
ATOM   886  N N   . SER A 1 113 ? 4.119   10.299  -8.834  1.00 30.62  ? 1701 SER A N   1 
ATOM   887  C CA  . SER A 1 113 ? 4.081   11.577  -8.137  1.00 34.35  ? 1701 SER A CA  1 
ATOM   888  C C   . SER A 1 113 ? 5.120   11.599  -7.020  1.00 36.69  ? 1701 SER A C   1 
ATOM   889  O O   . SER A 1 113 ? 5.600   12.670  -6.643  1.00 35.19  ? 1701 SER A O   1 
ATOM   890  C CB  . SER A 1 113 ? 2.664   11.887  -7.607  1.00 33.24  ? 1701 SER A CB  1 
ATOM   891  O OG  . SER A 1 113 ? 2.147   10.838  -6.828  1.00 41.47  ? 1701 SER A OG  1 
ATOM   892  N N   . GLN A 1 114 ? 5.520   10.430  -6.520  1.00 31.63  ? 1702 GLN A N   1 
ATOM   893  C CA  . GLN A 1 114 ? 6.525   10.436  -5.459  1.00 33.84  ? 1702 GLN A CA  1 
ATOM   894  C C   . GLN A 1 114 ? 7.997   10.361  -5.903  1.00 32.80  ? 1702 GLN A C   1 
ATOM   895  O O   . GLN A 1 114 ? 8.312   9.947   -7.044  1.00 30.88  ? 1702 GLN A O   1 
ATOM   896  C CB  . GLN A 1 114 ? 6.224   9.340   -4.425  1.00 32.44  ? 1702 GLN A CB  1 
ATOM   897  C CG  . GLN A 1 114 ? 5.050   9.704   -3.508  1.00 31.41  ? 1702 GLN A CG  1 
ATOM   898  C CD  . GLN A 1 114 ? 4.820   8.700   -2.416  1.00 33.89  ? 1702 GLN A CD  1 
ATOM   899  O OE1 . GLN A 1 114 ? 3.893   7.891   -2.482  1.00 34.36  ? 1702 GLN A OE1 1 
ATOM   900  N NE2 . GLN A 1 114 ? 5.667   8.740   -1.392  1.00 28.30  ? 1702 GLN A NE2 1 
ATOM   901  N N   . LEU A 1 117 ? 0.047   13.401  1.139   1.00 28.27  ? 1705 LEU A N   1 
ATOM   902  C CA  . LEU A 1 117 ? -1.391  12.931  1.084   1.00 28.48  ? 1705 LEU A CA  1 
ATOM   903  C C   . LEU A 1 117 ? -2.164  13.447  2.279   1.00 24.93  ? 1705 LEU A C   1 
ATOM   904  O O   . LEU A 1 117 ? -3.143  14.167  2.128   1.00 28.00  ? 1705 LEU A O   1 
ATOM   905  C CB  . LEU A 1 117 ? -1.513  11.399  1.093   1.00 29.89  ? 1705 LEU A CB  1 
ATOM   906  C CG  . LEU A 1 117 ? -1.975  10.577  -0.119  1.00 24.61  ? 1705 LEU A CG  1 
ATOM   907  C CD1 . LEU A 1 117 ? -2.670  9.340   0.396   1.00 31.75  ? 1705 LEU A CD1 1 
ATOM   908  C CD2 . LEU A 1 117 ? -2.937  11.335  -1.008  1.00 27.28  ? 1705 LEU A CD2 1 
ATOM   909  N N   . PHE A 1 118 ? -1.703  13.076  3.469   1.00 20.82  ? 1706 PHE A N   1 
ATOM   910  C CA  . PHE A 1 118 ? -2.333  13.475  4.732   1.00 23.38  ? 1706 PHE A CA  1 
ATOM   911  C C   . PHE A 1 118 ? -1.522  14.566  5.455   1.00 24.37  ? 1706 PHE A C   1 
ATOM   912  O O   . PHE A 1 118 ? -1.620  14.741  6.683   1.00 34.20  ? 1706 PHE A O   1 
ATOM   913  C CB  . PHE A 1 118 ? -2.466  12.235  5.627   1.00 16.91  ? 1706 PHE A CB  1 
ATOM   914  C CG  . PHE A 1 118 ? -3.347  11.161  5.049   1.00 14.26  ? 1706 PHE A CG  1 
ATOM   915  C CD1 . PHE A 1 118 ? -3.092  9.825   5.306   1.00 24.51  ? 1706 PHE A CD1 1 
ATOM   916  C CD2 . PHE A 1 118 ? -4.428  11.493  4.231   1.00 25.86  ? 1706 PHE A CD2 1 
ATOM   917  C CE1 . PHE A 1 118 ? -3.902  8.808   4.750   1.00 28.23  ? 1706 PHE A CE1 1 
ATOM   918  C CE2 . PHE A 1 118 ? -5.240  10.499  3.675   1.00 24.68  ? 1706 PHE A CE2 1 
ATOM   919  C CZ  . PHE A 1 118 ? -4.976  9.151   3.935   1.00 15.53  ? 1706 PHE A CZ  1 
ATOM   920  N N   . GLU A 1 119 ? -0.727  15.293  4.684   1.00 25.10  ? 1707 GLU A N   1 
ATOM   921  C CA  . GLU A 1 119 ? 0.123   16.366  5.194   1.00 28.45  ? 1707 GLU A CA  1 
ATOM   922  C C   . GLU A 1 119 ? -0.690  17.440  5.909   1.00 29.66  ? 1707 GLU A C   1 
ATOM   923  O O   . GLU A 1 119 ? -1.623  17.978  5.346   1.00 26.74  ? 1707 GLU A O   1 
ATOM   924  C CB  . GLU A 1 119 ? 0.867   17.005  4.021   1.00 38.89  ? 1707 GLU A CB  1 
ATOM   925  C CG  . GLU A 1 119 ? 2.222   17.629  4.346   1.00 56.21  ? 1707 GLU A CG  1 
ATOM   926  C CD  . GLU A 1 119 ? 2.994   18.028  3.072   1.00 67.29  ? 1707 GLU A CD  1 
ATOM   927  O OE1 . GLU A 1 119 ? 2.714   19.110  2.505   1.00 72.34  ? 1707 GLU A OE1 1 
ATOM   928  O OE2 . GLU A 1 119 ? 3.870   17.247  2.626   1.00 61.34  ? 1707 GLU A OE2 1 
ATOM   929  N N   . GLY A 1 120 ? -0.320  17.763  7.142   1.00 34.94  ? 1708 GLY A N   1 
ATOM   930  C CA  . GLY A 1 120 ? -1.026  18.797  7.886   1.00 26.78  ? 1708 GLY A CA  1 
ATOM   931  C C   . GLY A 1 120 ? -2.287  18.337  8.589   1.00 34.16  ? 1708 GLY A C   1 
ATOM   932  O O   . GLY A 1 120 ? -3.006  19.150  9.176   1.00 31.88  ? 1708 GLY A O   1 
ATOM   933  N N   . LEU A 1 121 ? -2.582  17.042  8.520   1.00 34.99  ? 1709 LEU A N   1 
ATOM   934  C CA  . LEU A 1 121 ? -3.771  16.515  9.184   1.00 33.47  ? 1709 LEU A CA  1 
ATOM   935  C C   . LEU A 1 121 ? -3.377  15.825  10.486  1.00 31.48  ? 1709 LEU A C   1 
ATOM   936  O O   . LEU A 1 121 ? -2.322  15.188  10.560  1.00 28.52  ? 1709 LEU A O   1 
ATOM   937  C CB  . LEU A 1 121 ? -4.500  15.512  8.286   1.00 21.31  ? 1709 LEU A CB  1 
ATOM   938  C CG  . LEU A 1 121 ? -4.946  16.027  6.915   1.00 33.75  ? 1709 LEU A CG  1 
ATOM   939  C CD1 . LEU A 1 121 ? -5.665  14.898  6.167   1.00 22.62  ? 1709 LEU A CD1 1 
ATOM   940  C CD2 . LEU A 1 121 ? -5.878  17.255  7.092   1.00 21.81  ? 1709 LEU A CD2 1 
ATOM   941  N N   . GLN A 1 122 ? -4.219  15.987  11.506  1.00 27.18  ? 1710 GLN A N   1 
ATOM   942  C CA  . GLN A 1 122 ? -4.007  15.365  12.805  1.00 26.28  ? 1710 GLN A CA  1 
ATOM   943  C C   . GLN A 1 122 ? -4.984  14.248  12.884  1.00 19.71  ? 1710 GLN A C   1 
ATOM   944  O O   . GLN A 1 122 ? -6.189  14.482  12.954  1.00 24.75  ? 1710 GLN A O   1 
ATOM   945  C CB  . GLN A 1 122 ? -4.254  16.344  13.949  1.00 29.43  ? 1710 GLN A CB  1 
ATOM   946  C CG  . GLN A 1 122 ? -2.964  16.928  14.425  1.00 28.84  ? 1710 GLN A CG  1 
ATOM   947  C CD  . GLN A 1 122 ? -3.124  17.934  15.531  1.00 30.70  ? 1710 GLN A CD  1 
ATOM   948  O OE1 . GLN A 1 122 ? -2.153  18.262  16.204  1.00 37.55  ? 1710 GLN A OE1 1 
ATOM   949  N NE2 . GLN A 1 122 ? -4.339  18.444  15.721  1.00 31.49  ? 1710 GLN A NE2 1 
ATOM   950  N N   . ILE A 1 123 ? -4.457  13.032  12.902  1.00 18.96  ? 1711 ILE A N   1 
ATOM   951  C CA  . ILE A 1 123 ? -5.300  11.850  12.892  1.00 27.52  ? 1711 ILE A CA  1 
ATOM   952  C C   . ILE A 1 123 ? -5.052  10.903  14.039  1.00 27.10  ? 1711 ILE A C   1 
ATOM   953  O O   . ILE A 1 123 ? -3.905  10.542  14.331  1.00 24.09  ? 1711 ILE A O   1 
ATOM   954  C CB  . ILE A 1 123 ? -5.078  11.054  11.583  1.00 30.07  ? 1711 ILE A CB  1 
ATOM   955  C CG1 . ILE A 1 123 ? -5.127  12.006  10.383  1.00 19.41  ? 1711 ILE A CG1 1 
ATOM   956  C CG2 . ILE A 1 123 ? -6.082  9.949   11.496  1.00 25.11  ? 1711 ILE A CG2 1 
ATOM   957  C CD1 . ILE A 1 123 ? -5.065  11.302  9.041   1.00 18.08  ? 1711 ILE A CD1 1 
ATOM   958  N N   . TYR A 1 124 ? -6.144  10.476  14.657  1.00 25.19  ? 1712 TYR A N   1 
ATOM   959  C CA  . TYR A 1 124 ? -6.088  9.562   15.786  1.00 30.02  ? 1712 TYR A CA  1 
ATOM   960  C C   . TYR A 1 124 ? -6.833  8.247   15.487  1.00 29.17  ? 1712 TYR A C   1 
ATOM   961  O O   . TYR A 1 124 ? -7.992  8.254   15.063  1.00 36.20  ? 1712 TYR A O   1 
ATOM   962  C CB  . TYR A 1 124 ? -6.698  10.257  17.013  1.00 36.11  ? 1712 TYR A CB  1 
ATOM   963  C CG  . TYR A 1 124 ? -6.737  9.406   18.252  1.00 37.71  ? 1712 TYR A CG  1 
ATOM   964  C CD1 . TYR A 1 124 ? -5.557  8.970   18.861  1.00 41.93  ? 1712 TYR A CD1 1 
ATOM   965  C CD2 . TYR A 1 124 ? -7.954  9.007   18.806  1.00 39.64  ? 1712 TYR A CD2 1 
ATOM   966  C CE1 . TYR A 1 124 ? -5.595  8.147   19.992  1.00 40.96  ? 1712 TYR A CE1 1 
ATOM   967  C CE2 . TYR A 1 124 ? -8.005  8.193   19.932  1.00 39.66  ? 1712 TYR A CE2 1 
ATOM   968  C CZ  . TYR A 1 124 ? -6.826  7.764   20.520  1.00 45.44  ? 1712 TYR A CZ  1 
ATOM   969  O OH  . TYR A 1 124 ? -6.878  6.947   21.629  1.00 48.79  ? 1712 TYR A OH  1 
ATOM   970  N N   . CYS A 1 125 ? -6.161  7.121   15.675  1.00 25.00  ? 1713 CYS A N   1 
ATOM   971  C CA  . CYS A 1 125 ? -6.805  5.827   15.454  1.00 36.15  ? 1713 CYS A CA  1 
ATOM   972  C C   . CYS A 1 125 ? -7.404  5.319   16.771  1.00 44.96  ? 1713 CYS A C   1 
ATOM   973  O O   . CYS A 1 125 ? -6.670  4.920   17.677  1.00 42.21  ? 1713 CYS A O   1 
ATOM   974  C CB  . CYS A 1 125 ? -5.797  4.805   14.929  1.00 33.91  ? 1713 CYS A CB  1 
ATOM   975  S SG  . CYS A 1 125 ? -4.792  5.389   13.538  1.00 44.49  ? 1713 CYS A SG  1 
ATOM   976  N N   . CYS A 1 126 ? -8.731  5.339   16.872  1.00 50.88  ? 1714 CYS A N   1 
ATOM   977  C CA  . CYS A 1 126 ? -9.413  4.881   18.079  1.00 67.71  ? 1714 CYS A CA  1 
ATOM   978  C C   . CYS A 1 126 ? -9.406  3.349   18.200  1.00 76.78  ? 1714 CYS A C   1 
ATOM   979  O O   . CYS A 1 126 ? -10.131 2.650   17.484  1.00 74.21  ? 1714 CYS A O   1 
ATOM   980  C CB  . CYS A 1 126 ? -10.852 5.401   18.101  1.00 67.00  ? 1714 CYS A CB  1 
ATOM   981  S SG  . CYS A 1 126 ? -11.554 5.489   19.765  1.00 79.36  ? 1714 CYS A SG  1 
ATOM   982  N N   . GLU A 1 127 ? -8.581  2.863   19.130  1.00 88.13  ? 1715 GLU A N   1 
ATOM   983  C CA  . GLU A 1 127 ? -8.359  1.442   19.442  1.00 96.93  ? 1715 GLU A CA  1 
ATOM   984  C C   . GLU A 1 127 ? -9.183  0.340   18.757  1.00 99.52  ? 1715 GLU A C   1 
ATOM   985  O O   . GLU A 1 127 ? -8.613  -0.562  18.134  1.00 99.97  ? 1715 GLU A O   1 
ATOM   986  C CB  . GLU A 1 127 ? -8.429  1.219   20.964  1.00 102.76 ? 1715 GLU A CB  1 
ATOM   987  C CG  . GLU A 1 127 ? -7.495  2.096   21.788  1.00 112.27 ? 1715 GLU A CG  1 
ATOM   988  C CD  . GLU A 1 127 ? -8.120  3.436   22.153  1.00 119.72 ? 1715 GLU A CD  1 
ATOM   989  O OE1 . GLU A 1 127 ? -9.071  3.448   22.967  1.00 124.40 ? 1715 GLU A OE1 1 
ATOM   990  O OE2 . GLU A 1 127 ? -7.664  4.477   21.629  1.00 121.34 ? 1715 GLU A OE2 1 
ATOM   991  N N   . PRO A 1 128 ? -10.523 0.376   18.880  1.00 100.51 ? 1716 PRO A N   1 
ATOM   992  C CA  . PRO A 1 128 ? -11.325 -0.675  18.236  1.00 103.17 ? 1716 PRO A CA  1 
ATOM   993  C C   . PRO A 1 128 ? -11.251 -0.759  16.702  1.00 106.50 ? 1716 PRO A C   1 
ATOM   994  O O   . PRO A 1 128 ? -11.844 0.062   15.994  1.00 107.59 ? 1716 PRO A O   1 
ATOM   995  C CB  . PRO A 1 128 ? -12.740 -0.385  18.744  1.00 100.41 ? 1716 PRO A CB  1 
ATOM   996  C CG  . PRO A 1 128 ? -12.725 1.101   18.959  1.00 99.56  ? 1716 PRO A CG  1 
ATOM   997  C CD  . PRO A 1 128 ? -11.387 1.319   19.615  1.00 96.09  ? 1716 PRO A CD  1 
ATOM   998  N N   . PHE A 1 129 ? -10.520 -1.756  16.198  1.00 107.08 ? 1717 PHE A N   1 
ATOM   999  C CA  . PHE A 1 129 ? -10.383 -1.969  14.756  1.00 107.91 ? 1717 PHE A CA  1 
ATOM   1000 C C   . PHE A 1 129 ? -10.553 -3.427  14.340  1.00 109.05 ? 1717 PHE A C   1 
ATOM   1001 O O   . PHE A 1 129 ? -10.049 -4.349  14.987  1.00 106.06 ? 1717 PHE A O   1 
ATOM   1002 C CB  . PHE A 1 129 ? -9.043  -1.433  14.241  1.00 106.43 ? 1717 PHE A CB  1 
ATOM   1003 C CG  . PHE A 1 129 ? -9.046  0.049   13.990  1.00 105.61 ? 1717 PHE A CG  1 
ATOM   1004 C CD1 . PHE A 1 129 ? -9.006  0.952   15.048  1.00 103.61 ? 1717 PHE A CD1 1 
ATOM   1005 C CD2 . PHE A 1 129 ? -9.131  0.543   12.694  1.00 107.71 ? 1717 PHE A CD2 1 
ATOM   1006 C CE1 . PHE A 1 129 ? -9.050  2.325   14.819  1.00 101.26 ? 1717 PHE A CE1 1 
ATOM   1007 C CE2 . PHE A 1 129 ? -9.177  1.917   12.453  1.00 105.93 ? 1717 PHE A CE2 1 
ATOM   1008 C CZ  . PHE A 1 129 ? -9.137  2.808   13.521  1.00 104.81 ? 1717 PHE A CZ  1 
ATOM   1009 N N   . THR A 1 130 ? -11.262 -3.605  13.230  1.00 112.70 ? 1718 THR A N   1 
ATOM   1010 C CA  . THR A 1 130 ? -11.580 -4.915  12.675  1.00 114.72 ? 1718 THR A CA  1 
ATOM   1011 C C   . THR A 1 130 ? -10.483 -5.638  11.900  1.00 113.87 ? 1718 THR A C   1 
ATOM   1012 O O   . THR A 1 130 ? -9.912  -6.615  12.391  1.00 114.22 ? 1718 THR A O   1 
ATOM   1013 C CB  . THR A 1 130 ? -12.810 -4.819  11.749  1.00 118.39 ? 1718 THR A CB  1 
ATOM   1014 O OG1 . THR A 1 130 ? -12.571 -3.827  10.741  1.00 118.04 ? 1718 THR A OG1 1 
ATOM   1015 C CG2 . THR A 1 130 ? -14.055 -4.441  12.547  1.00 120.56 ? 1718 THR A CG2 1 
ATOM   1016 N N   . ASN A 1 131 ? -10.202 -5.156  10.689  1.00 111.70 ? 1719 ASN A N   1 
ATOM   1017 C CA  . ASN A 1 131 ? -9.209  -5.773  9.808   1.00 109.46 ? 1719 ASN A CA  1 
ATOM   1018 C C   . ASN A 1 131 ? -7.758  -5.756  10.299  1.00 105.77 ? 1719 ASN A C   1 
ATOM   1019 O O   . ASN A 1 131 ? -7.292  -6.729  10.898  1.00 104.93 ? 1719 ASN A O   1 
ATOM   1020 C CB  . ASN A 1 131 ? -9.281  -5.134  8.412   1.00 115.05 ? 1719 ASN A CB  1 
ATOM   1021 C CG  . ASN A 1 131 ? -8.751  -6.054  7.307   1.00 120.92 ? 1719 ASN A CG  1 
ATOM   1022 O OD1 . ASN A 1 131 ? -7.663  -6.621  7.421   1.00 126.39 ? 1719 ASN A OD1 1 
ATOM   1023 N ND2 . ASN A 1 131 ? -9.520  -6.194  6.229   1.00 119.50 ? 1719 ASN A ND2 1 
ATOM   1024 N N   . MET A 1 132 ? -7.045  -4.658  10.043  1.00 100.85 ? 1720 MET A N   1 
ATOM   1025 C CA  . MET A 1 132 ? -5.639  -4.544  10.436  1.00 92.50  ? 1720 MET A CA  1 
ATOM   1026 C C   . MET A 1 132 ? -5.392  -3.907  11.804  1.00 85.70  ? 1720 MET A C   1 
ATOM   1027 O O   . MET A 1 132 ? -6.267  -3.230  12.350  1.00 83.52  ? 1720 MET A O   1 
ATOM   1028 C CB  . MET A 1 132 ? -4.845  -3.804  9.336   1.00 94.20  ? 1720 MET A CB  1 
ATOM   1029 C CG  . MET A 1 132 ? -5.657  -2.825  8.478   1.00 93.67  ? 1720 MET A CG  1 
ATOM   1030 S SD  . MET A 1 132 ? -4.939  -2.551  6.813   1.00 93.87  ? 1720 MET A SD  1 
ATOM   1031 C CE  . MET A 1 132 ? -5.769  -3.854  5.810   1.00 82.16  ? 1720 MET A CE  1 
ATOM   1032 N N   . PRO A 1 133 ? -4.192  -4.129  12.378  1.00 79.62  ? 1721 PRO A N   1 
ATOM   1033 C CA  . PRO A 1 133 ? -3.773  -3.606  13.685  1.00 79.95  ? 1721 PRO A CA  1 
ATOM   1034 C C   . PRO A 1 133 ? -3.572  -2.092  13.727  1.00 79.43  ? 1721 PRO A C   1 
ATOM   1035 O O   . PRO A 1 133 ? -3.143  -1.486  12.743  1.00 78.39  ? 1721 PRO A O   1 
ATOM   1036 C CB  . PRO A 1 133 ? -2.476  -4.363  13.956  1.00 80.14  ? 1721 PRO A CB  1 
ATOM   1037 C CG  . PRO A 1 133 ? -1.899  -4.512  12.591  1.00 81.77  ? 1721 PRO A CG  1 
ATOM   1038 C CD  . PRO A 1 133 ? -3.104  -4.919  11.768  1.00 80.65  ? 1721 PRO A CD  1 
ATOM   1039 N N   . LYS A 1 134 ? -3.876  -1.488  14.874  1.00 74.66  ? 1722 LYS A N   1 
ATOM   1040 C CA  . LYS A 1 134 ? -3.724  -0.046  15.024  1.00 71.26  ? 1722 LYS A CA  1 
ATOM   1041 C C   . LYS A 1 134 ? -2.284  0.374   14.758  1.00 68.21  ? 1722 LYS A C   1 
ATOM   1042 O O   . LYS A 1 134 ? -2.035  1.487   14.303  1.00 66.84  ? 1722 LYS A O   1 
ATOM   1043 C CB  . LYS A 1 134 ? -4.145  0.419   16.433  1.00 64.79  ? 1722 LYS A CB  1 
ATOM   1044 C CG  . LYS A 1 134 ? -4.027  1.938   16.638  1.00 62.01  ? 1722 LYS A CG  1 
ATOM   1045 C CD  . LYS A 1 134 ? -4.448  2.400   18.022  1.00 55.75  ? 1722 LYS A CD  1 
ATOM   1046 C CE  . LYS A 1 134 ? -3.415  2.078   19.099  1.00 62.87  ? 1722 LYS A CE  1 
ATOM   1047 N NZ  . LYS A 1 134 ? -2.184  2.921   19.031  1.00 61.14  ? 1722 LYS A NZ  1 
ATOM   1048 N N   . ASP A 1 135 ? -1.338  -0.518  15.019  1.00 70.02  ? 1723 ASP A N   1 
ATOM   1049 C CA  . ASP A 1 135 ? 0.067   -0.185  14.820  1.00 72.80  ? 1723 ASP A CA  1 
ATOM   1050 C C   . ASP A 1 135 ? 0.451   0.049   13.362  1.00 67.71  ? 1723 ASP A C   1 
ATOM   1051 O O   . ASP A 1 135 ? 1.236   0.944   13.055  1.00 67.79  ? 1723 ASP A O   1 
ATOM   1052 C CB  . ASP A 1 135 ? 0.960   -1.273  15.414  1.00 80.77  ? 1723 ASP A CB  1 
ATOM   1053 C CG  . ASP A 1 135 ? 2.406   -0.815  15.573  1.00 90.40  ? 1723 ASP A CG  1 
ATOM   1054 O OD1 . ASP A 1 135 ? 3.209   -1.547  16.201  1.00 93.15  ? 1723 ASP A OD1 1 
ATOM   1055 O OD2 . ASP A 1 135 ? 2.737   0.283   15.069  1.00 92.82  ? 1723 ASP A OD2 1 
ATOM   1056 N N   . GLU A 1 136 ? -0.098  -0.759  12.467  1.00 62.63  ? 1724 GLU A N   1 
ATOM   1057 C CA  . GLU A 1 136 ? 0.208   -0.630  11.051  1.00 62.43  ? 1724 GLU A CA  1 
ATOM   1058 C C   . GLU A 1 136 ? -0.593  0.489   10.379  1.00 56.99  ? 1724 GLU A C   1 
ATOM   1059 O O   . GLU A 1 136 ? -0.152  1.061   9.382   1.00 59.59  ? 1724 GLU A O   1 
ATOM   1060 C CB  . GLU A 1 136 ? -0.039  -1.969  10.347  1.00 68.87  ? 1724 GLU A CB  1 
ATOM   1061 C CG  . GLU A 1 136 ? 0.887   -3.090  10.825  1.00 74.27  ? 1724 GLU A CG  1 
ATOM   1062 C CD  . GLU A 1 136 ? 2.351   -2.845  10.473  1.00 76.33  ? 1724 GLU A CD  1 
ATOM   1063 O OE1 . GLU A 1 136 ? 3.226   -3.537  11.034  1.00 72.10  ? 1724 GLU A OE1 1 
ATOM   1064 O OE2 . GLU A 1 136 ? 2.628   -1.964  9.628   1.00 80.78  ? 1724 GLU A OE2 1 
ATOM   1065 N N   . LEU A 1 137 ? -1.762  0.801   10.926  1.00 48.42  ? 1725 LEU A N   1 
ATOM   1066 C CA  . LEU A 1 137 ? -2.580  1.862   10.375  1.00 50.89  ? 1725 LEU A CA  1 
ATOM   1067 C C   . LEU A 1 137 ? -1.842  3.180   10.623  1.00 51.77  ? 1725 LEU A C   1 
ATOM   1068 O O   . LEU A 1 137 ? -1.807  4.046   9.746   1.00 54.02  ? 1725 LEU A O   1 
ATOM   1069 C CB  . LEU A 1 137 ? -3.977  1.882   11.033  1.00 47.57  ? 1725 LEU A CB  1 
ATOM   1070 C CG  . LEU A 1 137 ? -4.988  2.905   10.459  1.00 48.82  ? 1725 LEU A CG  1 
ATOM   1071 C CD1 . LEU A 1 137 ? -5.038  2.799   8.931   1.00 45.71  ? 1725 LEU A CD1 1 
ATOM   1072 C CD2 . LEU A 1 137 ? -6.368  2.689   11.038  1.00 35.96  ? 1725 LEU A CD2 1 
ATOM   1073 N N   . GLU A 1 138 ? -1.227  3.308   11.800  1.00 42.53  ? 1726 GLU A N   1 
ATOM   1074 C CA  . GLU A 1 138 ? -0.490  4.522   12.165  1.00 46.55  ? 1726 GLU A CA  1 
ATOM   1075 C C   . GLU A 1 138 ? 0.780   4.638   11.328  1.00 41.73  ? 1726 GLU A C   1 
ATOM   1076 O O   . GLU A 1 138 ? 1.249   5.742   11.033  1.00 35.24  ? 1726 GLU A O   1 
ATOM   1077 C CB  . GLU A 1 138 ? -0.093  4.517   13.652  1.00 46.35  ? 1726 GLU A CB  1 
ATOM   1078 C CG  . GLU A 1 138 ? -1.239  4.391   14.643  1.00 63.44  ? 1726 GLU A CG  1 
ATOM   1079 C CD  . GLU A 1 138 ? -0.764  4.491   16.095  1.00 71.29  ? 1726 GLU A CD  1 
ATOM   1080 O OE1 . GLU A 1 138 ? 0.367   4.035   16.384  1.00 72.02  ? 1726 GLU A OE1 1 
ATOM   1081 O OE2 . GLU A 1 138 ? -1.522  5.014   16.946  1.00 71.19  ? 1726 GLU A OE2 1 
ATOM   1082 N N   . ARG A 1 139 ? 1.339   3.489   10.973  1.00 37.14  ? 1727 ARG A N   1 
ATOM   1083 C CA  . ARG A 1 139 ? 2.549   3.425   10.156  1.00 43.46  ? 1727 ARG A CA  1 
ATOM   1084 C C   . ARG A 1 139 ? 2.194   3.983   8.761   1.00 38.10  ? 1727 ARG A C   1 
ATOM   1085 O O   . ARG A 1 139 ? 2.908   4.815   8.198   1.00 38.19  ? 1727 ARG A O   1 
ATOM   1086 C CB  . ARG A 1 139 ? 3.000   1.957   10.066  1.00 59.29  ? 1727 ARG A CB  1 
ATOM   1087 C CG  . ARG A 1 139 ? 4.113   1.661   9.057   1.00 76.65  ? 1727 ARG A CG  1 
ATOM   1088 C CD  . ARG A 1 139 ? 5.456   2.230   9.479   1.00 87.62  ? 1727 ARG A CD  1 
ATOM   1089 N NE  . ARG A 1 139 ? 6.446   2.112   8.408   1.00 96.47  ? 1727 ARG A NE  1 
ATOM   1090 C CZ  . ARG A 1 139 ? 7.731   2.438   8.528   1.00 98.73  ? 1727 ARG A CZ  1 
ATOM   1091 N NH1 . ARG A 1 139 ? 8.201   2.901   9.680   1.00 101.45 ? 1727 ARG A NH1 1 
ATOM   1092 N NH2 . ARG A 1 139 ? 8.548   2.309   7.490   1.00 99.60  ? 1727 ARG A NH2 1 
ATOM   1093 N N   . MET A 1 140 ? 1.070   3.504   8.232   1.00 31.69  ? 1728 MET A N   1 
ATOM   1094 C CA  . MET A 1 140 ? 0.532   3.923   6.938   1.00 38.36  ? 1728 MET A CA  1 
ATOM   1095 C C   . MET A 1 140 ? 0.328   5.446   6.965   1.00 28.51  ? 1728 MET A C   1 
ATOM   1096 O O   . MET A 1 140 ? 0.757   6.163   6.063   1.00 26.07  ? 1728 MET A O   1 
ATOM   1097 C CB  . MET A 1 140 ? -0.812  3.245   6.720   1.00 35.77  ? 1728 MET A CB  1 
ATOM   1098 C CG  . MET A 1 140 ? -1.042  2.583   5.389   1.00 42.75  ? 1728 MET A CG  1 
ATOM   1099 S SD  . MET A 1 140 ? -2.723  1.890   5.435   1.00 46.17  ? 1728 MET A SD  1 
ATOM   1100 C CE  . MET A 1 140 ? -2.389  0.167   5.782   1.00 53.14  ? 1728 MET A CE  1 
ATOM   1101 N N   . LEU A 1 141 ? -0.329  5.929   8.014   1.00 24.20  ? 1729 LEU A N   1 
ATOM   1102 C CA  . LEU A 1 141 ? -0.587  7.355   8.159   1.00 26.21  ? 1729 LEU A CA  1 
ATOM   1103 C C   . LEU A 1 141 ? 0.676   8.224   8.142   1.00 26.34  ? 1729 LEU A C   1 
ATOM   1104 O O   . LEU A 1 141 ? 0.712   9.262   7.486   1.00 25.27  ? 1729 LEU A O   1 
ATOM   1105 C CB  . LEU A 1 141 ? -1.383  7.594   9.438   1.00 23.37  ? 1729 LEU A CB  1 
ATOM   1106 C CG  . LEU A 1 141 ? -2.733  6.879   9.388   1.00 27.68  ? 1729 LEU A CG  1 
ATOM   1107 C CD1 . LEU A 1 141 ? -3.489  7.108   10.669  1.00 26.81  ? 1729 LEU A CD1 1 
ATOM   1108 C CD2 . LEU A 1 141 ? -3.535  7.396   8.196   1.00 28.75  ? 1729 LEU A CD2 1 
ATOM   1109 N N   . GLN A 1 142 ? 1.712   7.792   8.857   1.00 26.57  ? 1730 GLN A N   1 
ATOM   1110 C CA  . GLN A 1 142 ? 2.987   8.523   8.932   1.00 26.44  ? 1730 GLN A CA  1 
ATOM   1111 C C   . GLN A 1 142 ? 3.673   8.553   7.565   1.00 23.11  ? 1730 GLN A C   1 
ATOM   1112 O O   . GLN A 1 142 ? 4.278   9.561   7.168   1.00 23.94  ? 1730 GLN A O   1 
ATOM   1113 C CB  . GLN A 1 142 ? 3.891   7.855   9.995   1.00 42.87  ? 1730 GLN A CB  1 
ATOM   1114 C CG  . GLN A 1 142 ? 5.259   8.514   10.209  1.00 59.40  ? 1730 GLN A CG  1 
ATOM   1115 C CD  . GLN A 1 142 ? 6.252   8.203   9.090   1.00 73.47  ? 1730 GLN A CD  1 
ATOM   1116 O OE1 . GLN A 1 142 ? 6.488   7.030   8.759   1.00 74.56  ? 1730 GLN A OE1 1 
ATOM   1117 N NE2 . GLN A 1 142 ? 6.845   9.253   8.508   1.00 68.52  ? 1730 GLN A NE2 1 
ATOM   1118 N N   . LEU A 1 143 ? 3.570   7.440   6.845   1.00 24.58  ? 1731 LEU A N   1 
ATOM   1119 C CA  . LEU A 1 143 ? 4.128   7.343   5.500   1.00 23.80  ? 1731 LEU A CA  1 
ATOM   1120 C C   . LEU A 1 143 ? 3.457   8.370   4.586   1.00 19.61  ? 1731 LEU A C   1 
ATOM   1121 O O   . LEU A 1 143 ? 4.096   8.923   3.708   1.00 24.43  ? 1731 LEU A O   1 
ATOM   1122 C CB  . LEU A 1 143 ? 3.886   5.947   4.925   1.00 28.99  ? 1731 LEU A CB  1 
ATOM   1123 C CG  . LEU A 1 143 ? 4.952   4.907   5.191   1.00 46.83  ? 1731 LEU A CG  1 
ATOM   1124 C CD1 . LEU A 1 143 ? 4.534   3.587   4.552   1.00 46.16  ? 1731 LEU A CD1 1 
ATOM   1125 C CD2 . LEU A 1 143 ? 6.283   5.415   4.626   1.00 46.39  ? 1731 LEU A CD2 1 
ATOM   1126 N N   . CYS A 1 144 ? 2.164   8.613   4.791   1.00 22.77  ? 1732 CYS A N   1 
ATOM   1127 C CA  . CYS A 1 144 ? 1.436   9.582   3.978   1.00 24.19  ? 1732 CYS A CA  1 
ATOM   1128 C C   . CYS A 1 144 ? 1.513   11.015  4.514   1.00 30.32  ? 1732 CYS A C   1 
ATOM   1129 O O   . CYS A 1 144 ? 0.770   11.902  4.075   1.00 28.17  ? 1732 CYS A O   1 
ATOM   1130 C CB  . CYS A 1 144 ? -0.017  9.140   3.836   1.00 32.44  ? 1732 CYS A CB  1 
ATOM   1131 S SG  . CYS A 1 144 ? -0.151  7.540   3.021   1.00 39.23  ? 1732 CYS A SG  1 
ATOM   1132 N N   . GLY A 1 145 ? 2.411   11.235  5.474   1.00 25.82  ? 1733 GLY A N   1 
ATOM   1133 C CA  . GLY A 1 145 ? 2.609   12.573  6.005   1.00 26.09  ? 1733 GLY A CA  1 
ATOM   1134 C C   . GLY A 1 145 ? 1.677   13.075  7.087   1.00 21.70  ? 1733 GLY A C   1 
ATOM   1135 O O   . GLY A 1 145 ? 1.720   14.250  7.413   1.00 34.37  ? 1733 GLY A O   1 
ATOM   1136 N N   . ALA A 1 146 ? 0.841   12.207  7.643   1.00 22.29  ? 1734 ALA A N   1 
ATOM   1137 C CA  . ALA A 1 146 ? -0.075  12.617  8.699   1.00 22.22  ? 1734 ALA A CA  1 
ATOM   1138 C C   . ALA A 1 146 ? 0.664   12.870  10.021  1.00 30.60  ? 1734 ALA A C   1 
ATOM   1139 O O   . ALA A 1 146 ? 1.760   12.360  10.255  1.00 22.57  ? 1734 ALA A O   1 
ATOM   1140 C CB  . ALA A 1 146 ? -1.122  11.544  8.923   1.00 17.47  ? 1734 ALA A CB  1 
ATOM   1141 N N   . SER A 1 147 ? 0.061   13.687  10.874  1.00 32.15  ? 1735 SER A N   1 
ATOM   1142 C CA  . SER A 1 147 ? 0.613   13.929  12.202  1.00 24.61  ? 1735 SER A CA  1 
ATOM   1143 C C   . SER A 1 147 ? -0.187  12.859  12.932  1.00 22.94  ? 1735 SER A C   1 
ATOM   1144 O O   . SER A 1 147 ? -1.388  13.022  13.162  1.00 29.52  ? 1735 SER A O   1 
ATOM   1145 C CB  . SER A 1 147 ? 0.214   15.321  12.715  1.00 32.75  ? 1735 SER A CB  1 
ATOM   1146 O OG  . SER A 1 147 ? 0.710   16.381  11.902  1.00 34.86  ? 1735 SER A OG  1 
ATOM   1147 N N   . VAL A 1 148 ? 0.443   11.743  13.249  1.00 25.24  ? 1736 VAL A N   1 
ATOM   1148 C CA  . VAL A 1 148 ? -0.274  10.672  13.931  1.00 28.14  ? 1736 VAL A CA  1 
ATOM   1149 C C   . VAL A 1 148 ? -0.464  11.051  15.399  1.00 34.83  ? 1736 VAL A C   1 
ATOM   1150 O O   . VAL A 1 148 ? 0.512   11.300  16.117  1.00 41.33  ? 1736 VAL A O   1 
ATOM   1151 C CB  . VAL A 1 148 ? 0.501   9.342   13.807  1.00 30.02  ? 1736 VAL A CB  1 
ATOM   1152 C CG1 . VAL A 1 148 ? -0.233  8.225   14.527  1.00 33.92  ? 1736 VAL A CG1 1 
ATOM   1153 C CG2 . VAL A 1 148 ? 0.679   8.987   12.324  1.00 35.23  ? 1736 VAL A CG2 1 
ATOM   1154 N N   . VAL A 1 149 ? -1.724  11.127  15.823  1.00 35.52  ? 1737 VAL A N   1 
ATOM   1155 C CA  . VAL A 1 149 ? -2.071  11.474  17.196  1.00 32.80  ? 1737 VAL A CA  1 
ATOM   1156 C C   . VAL A 1 149 ? -2.072  10.205  18.044  1.00 34.63  ? 1737 VAL A C   1 
ATOM   1157 O O   . VAL A 1 149 ? -2.828  9.283   17.794  1.00 35.39  ? 1737 VAL A O   1 
ATOM   1158 C CB  . VAL A 1 149 ? -3.475  12.129  17.271  1.00 28.91  ? 1737 VAL A CB  1 
ATOM   1159 C CG1 . VAL A 1 149 ? -3.844  12.405  18.726  1.00 34.62  ? 1737 VAL A CG1 1 
ATOM   1160 C CG2 . VAL A 1 149 ? -3.489  13.435  16.486  1.00 33.38  ? 1737 VAL A CG2 1 
ATOM   1161 N N   . LYS A 1 150 ? -1.228  10.161  19.061  1.00 36.42  ? 1738 LYS A N   1 
ATOM   1162 C CA  . LYS A 1 150 ? -1.161  8.967   19.889  1.00 36.23  ? 1738 LYS A CA  1 
ATOM   1163 C C   . LYS A 1 150 ? -2.160  8.976   21.026  1.00 38.32  ? 1738 LYS A C   1 
ATOM   1164 O O   . LYS A 1 150 ? -2.591  7.916   21.473  1.00 33.27  ? 1738 LYS A O   1 
ATOM   1165 C CB  . LYS A 1 150 ? 0.254   8.802   20.456  1.00 48.08  ? 1738 LYS A CB  1 
ATOM   1166 C CG  . LYS A 1 150 ? 1.365   8.692   19.409  1.00 58.18  ? 1738 LYS A CG  1 
ATOM   1167 C CD  . LYS A 1 150 ? 1.348   7.347   18.683  1.00 69.98  ? 1738 LYS A CD  1 
ATOM   1168 C CE  . LYS A 1 150 ? 2.477   7.264   17.647  1.00 75.28  ? 1738 LYS A CE  1 
ATOM   1169 N NZ  . LYS A 1 150 ? 2.611   5.904   17.025  1.00 75.04  ? 1738 LYS A NZ  1 
ATOM   1170 N N   . GLU A 1 151 ? -2.555  10.165  21.483  1.00 42.09  ? 1739 GLU A N   1 
ATOM   1171 C CA  . GLU A 1 151 ? -3.478  10.259  22.615  1.00 36.84  ? 1739 GLU A CA  1 
ATOM   1172 C C   . GLU A 1 151 ? -4.260  11.559  22.606  1.00 31.79  ? 1739 GLU A C   1 
ATOM   1173 O O   . GLU A 1 151 ? -3.779  12.595  22.155  1.00 32.35  ? 1739 GLU A O   1 
ATOM   1174 C CB  . GLU A 1 151 ? -2.664  10.131  23.932  1.00 41.77  ? 1739 GLU A CB  1 
ATOM   1175 C CG  . GLU A 1 151 ? -3.451  10.250  25.253  1.00 50.98  ? 1739 GLU A CG  1 
ATOM   1176 C CD  . GLU A 1 151 ? -2.576  10.017  26.517  1.00 58.16  ? 1739 GLU A CD  1 
ATOM   1177 O OE1 . GLU A 1 151 ? -1.331  10.127  26.430  1.00 37.19  ? 1739 GLU A OE1 1 
ATOM   1178 O OE2 . GLU A 1 151 ? -3.138  9.740   27.609  1.00 58.65  ? 1739 GLU A OE2 1 
ATOM   1179 N N   . LEU A 1 152 ? -5.477  11.493  23.121  1.00 35.46  ? 1740 LEU A N   1 
ATOM   1180 C CA  . LEU A 1 152 ? -6.345  12.656  23.216  1.00 43.43  ? 1740 LEU A CA  1 
ATOM   1181 C C   . LEU A 1 152 ? -6.471  12.960  24.708  1.00 40.33  ? 1740 LEU A C   1 
ATOM   1182 O O   . LEU A 1 152 ? -6.548  12.036  25.524  1.00 43.90  ? 1740 LEU A O   1 
ATOM   1183 C CB  . LEU A 1 152 ? -7.712  12.320  22.623  1.00 46.94  ? 1740 LEU A CB  1 
ATOM   1184 C CG  . LEU A 1 152 ? -8.154  13.035  21.338  1.00 58.62  ? 1740 LEU A CG  1 
ATOM   1185 C CD1 . LEU A 1 152 ? -6.971  13.365  20.434  1.00 55.10  ? 1740 LEU A CD1 1 
ATOM   1186 C CD2 . LEU A 1 152 ? -9.161  12.142  20.622  1.00 51.20  ? 1740 LEU A CD2 1 
ATOM   1187 N N   . PRO A 1 153 ? -6.480  14.245  25.093  1.00 38.68  ? 1741 PRO A N   1 
ATOM   1188 C CA  . PRO A 1 153 ? -6.386  15.450  24.255  1.00 33.58  ? 1741 PRO A CA  1 
ATOM   1189 C C   . PRO A 1 153 ? -4.956  15.660  23.767  1.00 30.53  ? 1741 PRO A C   1 
ATOM   1190 O O   . PRO A 1 153 ? -4.049  15.020  24.251  1.00 28.65  ? 1741 PRO A O   1 
ATOM   1191 C CB  . PRO A 1 153 ? -6.858  16.556  25.204  1.00 38.29  ? 1741 PRO A CB  1 
ATOM   1192 C CG  . PRO A 1 153 ? -6.257  16.104  26.542  1.00 31.22  ? 1741 PRO A CG  1 
ATOM   1193 C CD  . PRO A 1 153 ? -6.563  14.600  26.531  1.00 40.00  ? 1741 PRO A CD  1 
ATOM   1194 N N   . LEU A 1 154 ? -4.760  16.569  22.821  1.00 35.32  ? 1742 LEU A N   1 
ATOM   1195 C CA  . LEU A 1 154 ? -3.446  16.845  22.240  1.00 28.06  ? 1742 LEU A CA  1 
ATOM   1196 C C   . LEU A 1 154 ? -2.540  17.704  23.127  1.00 36.67  ? 1742 LEU A C   1 
ATOM   1197 O O   . LEU A 1 154 ? -1.306  17.578  23.088  1.00 29.45  ? 1742 LEU A O   1 
ATOM   1198 C CB  . LEU A 1 154 ? -3.614  17.562  20.887  1.00 30.66  ? 1742 LEU A CB  1 
ATOM   1199 C CG  . LEU A 1 154 ? -3.539  16.877  19.506  1.00 35.24  ? 1742 LEU A CG  1 
ATOM   1200 C CD1 . LEU A 1 154 ? -2.808  15.549  19.608  1.00 34.74  ? 1742 LEU A CD1 1 
ATOM   1201 C CD2 . LEU A 1 154 ? -4.915  16.694  18.929  1.00 29.27  ? 1742 LEU A CD2 1 
ATOM   1202 N N   . LEU A 1 155 ? -3.154  18.602  23.892  1.00 33.54  ? 1743 LEU A N   1 
ATOM   1203 C CA  . LEU A 1 155 ? -2.413  19.510  24.767  1.00 35.70  ? 1743 LEU A CA  1 
ATOM   1204 C C   . LEU A 1 155 ? -1.315  20.228  23.967  1.00 37.39  ? 1743 LEU A C   1 
ATOM   1205 O O   . LEU A 1 155 ? -1.594  20.744  22.878  1.00 36.33  ? 1743 LEU A O   1 
ATOM   1206 C CB  . LEU A 1 155 ? -1.841  18.736  25.977  1.00 28.50  ? 1743 LEU A CB  1 
ATOM   1207 C CG  . LEU A 1 155 ? -2.936  18.062  26.823  1.00 33.73  ? 1743 LEU A CG  1 
ATOM   1208 C CD1 . LEU A 1 155 ? -2.384  17.510  28.170  1.00 22.87  ? 1743 LEU A CD1 1 
ATOM   1209 C CD2 . LEU A 1 155 ? -4.021  19.095  27.088  1.00 36.28  ? 1743 LEU A CD2 1 
ATOM   1210 N N   . THR A 1 156 ? -0.077  20.262  24.471  1.00 39.09  ? 1744 THR A N   1 
ATOM   1211 C CA  . THR A 1 156 ? 0.985   20.958  23.741  1.00 35.46  ? 1744 THR A CA  1 
ATOM   1212 C C   . THR A 1 156 ? 1.375   20.287  22.422  1.00 32.66  ? 1744 THR A C   1 
ATOM   1213 O O   . THR A 1 156 ? 2.133   20.859  21.660  1.00 30.05  ? 1744 THR A O   1 
ATOM   1214 C CB  . THR A 1 156 ? 2.287   21.117  24.561  1.00 35.48  ? 1744 THR A CB  1 
ATOM   1215 O OG1 . THR A 1 156 ? 2.766   19.823  24.920  1.00 31.00  ? 1744 THR A OG1 1 
ATOM   1216 C CG2 . THR A 1 156 ? 2.068   21.974  25.812  1.00 36.09  ? 1744 THR A CG2 1 
ATOM   1217 N N   . ARG A 1 157 ? 0.881   19.076  22.167  1.00 36.40  ? 1745 ARG A N   1 
ATOM   1218 C CA  . ARG A 1 157 ? 1.182   18.364  20.917  1.00 39.49  ? 1745 ARG A CA  1 
ATOM   1219 C C   . ARG A 1 157 ? 0.328   18.856  19.727  1.00 37.88  ? 1745 ARG A C   1 
ATOM   1220 O O   . ARG A 1 157 ? 0.593   18.517  18.577  1.00 44.29  ? 1745 ARG A O   1 
ATOM   1221 C CB  . ARG A 1 157 ? 0.919   16.861  21.088  1.00 40.92  ? 1745 ARG A CB  1 
ATOM   1222 C CG  . ARG A 1 157 ? 1.735   16.162  22.147  1.00 36.65  ? 1745 ARG A CG  1 
ATOM   1223 C CD  . ARG A 1 157 ? 3.217   16.350  21.894  1.00 34.74  ? 1745 ARG A CD  1 
ATOM   1224 N NE  . ARG A 1 157 ? 3.721   17.534  22.567  1.00 46.64  ? 1745 ARG A NE  1 
ATOM   1225 C CZ  . ARG A 1 157 ? 4.805   18.193  22.192  1.00 50.82  ? 1745 ARG A CZ  1 
ATOM   1226 N NH1 . ARG A 1 157 ? 5.486   17.776  21.131  1.00 53.58  ? 1745 ARG A NH1 1 
ATOM   1227 N NH2 . ARG A 1 157 ? 5.215   19.249  22.888  1.00 42.54  ? 1745 ARG A NH2 1 
ATOM   1228 N N   . ASP A 1 158 ? -0.690  19.650  20.023  1.00 36.88  ? 1746 ASP A N   1 
ATOM   1229 C CA  . ASP A 1 158 ? -1.639  20.163  19.037  1.00 35.17  ? 1746 ASP A CA  1 
ATOM   1230 C C   . ASP A 1 158 ? -1.044  21.060  17.964  1.00 37.20  ? 1746 ASP A C   1 
ATOM   1231 O O   . ASP A 1 158 ? -0.469  22.099  18.280  1.00 35.83  ? 1746 ASP A O   1 
ATOM   1232 C CB  . ASP A 1 158 ? -2.732  20.944  19.771  1.00 42.08  ? 1746 ASP A CB  1 
ATOM   1233 C CG  . ASP A 1 158 ? -4.051  20.988  19.008  1.00 44.79  ? 1746 ASP A CG  1 
ATOM   1234 O OD1 . ASP A 1 158 ? -4.050  20.916  17.758  1.00 46.04  ? 1746 ASP A OD1 1 
ATOM   1235 O OD2 . ASP A 1 158 ? -5.097  21.114  19.681  1.00 51.65  ? 1746 ASP A OD2 1 
ATOM   1236 N N   . THR A 1 159 ? -1.222  20.690  16.694  1.00 37.27  ? 1747 THR A N   1 
ATOM   1237 C CA  . THR A 1 159 ? -0.706  21.510  15.581  1.00 39.94  ? 1747 THR A CA  1 
ATOM   1238 C C   . THR A 1 159 ? -1.703  22.591  15.184  1.00 31.43  ? 1747 THR A C   1 
ATOM   1239 O O   . THR A 1 159 ? -1.356  23.528  14.471  1.00 35.64  ? 1747 THR A O   1 
ATOM   1240 C CB  . THR A 1 159 ? -0.429  20.689  14.293  1.00 40.91  ? 1747 THR A CB  1 
ATOM   1241 O OG1 . THR A 1 159 ? -1.671  20.194  13.781  1.00 35.66  ? 1747 THR A OG1 1 
ATOM   1242 C CG2 . THR A 1 159 ? 0.540   19.535  14.574  1.00 37.55  ? 1747 THR A CG2 1 
ATOM   1243 N N   . GLY A 1 160 ? -2.936  22.461  15.663  1.00 35.74  ? 1748 GLY A N   1 
ATOM   1244 C CA  . GLY A 1 160 ? -3.966  23.425  15.324  1.00 34.93  ? 1748 GLY A CA  1 
ATOM   1245 C C   . GLY A 1 160 ? -4.975  22.809  14.368  1.00 37.64  ? 1748 GLY A C   1 
ATOM   1246 O O   . GLY A 1 160 ? -6.056  23.358  14.171  1.00 43.83  ? 1748 GLY A O   1 
ATOM   1247 N N   . ALA A 1 161 ? -4.629  21.673  13.761  1.00 40.59  ? 1749 ALA A N   1 
ATOM   1248 C CA  . ALA A 1 161 ? -5.539  21.000  12.826  1.00 40.14  ? 1749 ALA A CA  1 
ATOM   1249 C C   . ALA A 1 161 ? -6.623  20.234  13.576  1.00 40.32  ? 1749 ALA A C   1 
ATOM   1250 O O   . ALA A 1 161 ? -6.334  19.451  14.482  1.00 45.43  ? 1749 ALA A O   1 
ATOM   1251 C CB  . ALA A 1 161 ? -4.762  20.041  11.899  1.00 26.26  ? 1749 ALA A CB  1 
ATOM   1252 N N   . HIS A 1 162 ? -7.874  20.463  13.196  1.00 46.63  ? 1750 HIS A N   1 
ATOM   1253 C CA  . HIS A 1 162 ? -8.997  19.788  13.828  1.00 47.50  ? 1750 HIS A CA  1 
ATOM   1254 C C   . HIS A 1 162 ? -8.778  18.280  13.653  1.00 45.14  ? 1750 HIS A C   1 
ATOM   1255 O O   . HIS A 1 162 ? -8.773  17.773  12.529  1.00 45.03  ? 1750 HIS A O   1 
ATOM   1256 C CB  . HIS A 1 162 ? -10.298 20.246  13.156  1.00 59.66  ? 1750 HIS A CB  1 
ATOM   1257 C CG  . HIS A 1 162 ? -11.546 19.767  13.834  1.00 74.55  ? 1750 HIS A CG  1 
ATOM   1258 N ND1 . HIS A 1 162 ? -12.807 20.137  13.416  1.00 75.85  ? 1750 HIS A ND1 1 
ATOM   1259 C CD2 . HIS A 1 162 ? -11.730 18.926  14.883  1.00 79.95  ? 1750 HIS A CD2 1 
ATOM   1260 C CE1 . HIS A 1 162 ? -13.712 19.544  14.174  1.00 81.43  ? 1750 HIS A CE1 1 
ATOM   1261 N NE2 . HIS A 1 162 ? -13.086 18.804  15.072  1.00 83.71  ? 1750 HIS A NE2 1 
ATOM   1262 N N   . PRO A 1 163 ? -8.600  17.541  14.766  1.00 45.54  ? 1751 PRO A N   1 
ATOM   1263 C CA  . PRO A 1 163 ? -8.375  16.090  14.677  1.00 46.96  ? 1751 PRO A CA  1 
ATOM   1264 C C   . PRO A 1 163 ? -9.395  15.281  13.881  1.00 45.90  ? 1751 PRO A C   1 
ATOM   1265 O O   . PRO A 1 163 ? -10.543 15.694  13.719  1.00 48.85  ? 1751 PRO A O   1 
ATOM   1266 C CB  . PRO A 1 163 ? -8.317  15.657  16.141  1.00 38.46  ? 1751 PRO A CB  1 
ATOM   1267 C CG  . PRO A 1 163 ? -9.177  16.677  16.829  1.00 46.22  ? 1751 PRO A CG  1 
ATOM   1268 C CD  . PRO A 1 163 ? -8.746  17.955  16.174  1.00 41.92  ? 1751 PRO A CD  1 
ATOM   1269 N N   . ILE A 1 164 ? -8.933  14.144  13.359  1.00 34.24  ? 1752 ILE A N   1 
ATOM   1270 C CA  . ILE A 1 164 ? -9.763  13.198  12.616  1.00 34.00  ? 1752 ILE A CA  1 
ATOM   1271 C C   . ILE A 1 164 ? -9.599  11.930  13.440  1.00 30.57  ? 1752 ILE A C   1 
ATOM   1272 O O   . ILE A 1 164 ? -8.474  11.477  13.694  1.00 32.55  ? 1752 ILE A O   1 
ATOM   1273 C CB  . ILE A 1 164 ? -9.236  12.963  11.156  1.00 35.32  ? 1752 ILE A CB  1 
ATOM   1274 C CG1 . ILE A 1 164 ? -9.414  14.234  10.334  1.00 29.43  ? 1752 ILE A CG1 1 
ATOM   1275 C CG2 . ILE A 1 164 ? -9.988  11.824  10.473  1.00 29.67  ? 1752 ILE A CG2 1 
ATOM   1276 C CD1 . ILE A 1 164 ? -8.550  14.252  9.104   1.00 23.46  ? 1752 ILE A CD1 1 
ATOM   1277 N N   . VAL A 1 165 ? -10.719 11.383  13.891  1.00 27.71  ? 1753 VAL A N   1 
ATOM   1278 C CA  . VAL A 1 165 ? -10.700 10.183  14.710  1.00 31.94  ? 1753 VAL A CA  1 
ATOM   1279 C C   . VAL A 1 165 ? -11.223 9.036   13.866  1.00 36.71  ? 1753 VAL A C   1 
ATOM   1280 O O   . VAL A 1 165 ? -12.395 9.021   13.504  1.00 38.38  ? 1753 VAL A O   1 
ATOM   1281 C CB  . VAL A 1 165 ? -11.586 10.381  15.959  1.00 34.26  ? 1753 VAL A CB  1 
ATOM   1282 C CG1 . VAL A 1 165 ? -11.457 9.185   16.906  1.00 33.42  ? 1753 VAL A CG1 1 
ATOM   1283 C CG2 . VAL A 1 165 ? -11.186 11.689  16.650  1.00 26.42  ? 1753 VAL A CG2 1 
ATOM   1284 N N   . LEU A 1 166 ? -10.339 8.093   13.542  1.00 38.10  ? 1754 LEU A N   1 
ATOM   1285 C CA  . LEU A 1 166 ? -10.681 6.947   12.710  1.00 31.97  ? 1754 LEU A CA  1 
ATOM   1286 C C   . LEU A 1 166 ? -11.314 5.859   13.545  1.00 36.85  ? 1754 LEU A C   1 
ATOM   1287 O O   . LEU A 1 166 ? -10.779 5.494   14.602  1.00 36.67  ? 1754 LEU A O   1 
ATOM   1288 C CB  . LEU A 1 166 ? -9.422  6.412   12.022  1.00 30.46  ? 1754 LEU A CB  1 
ATOM   1289 C CG  . LEU A 1 166 ? -8.718  7.469   11.174  1.00 25.37  ? 1754 LEU A CG  1 
ATOM   1290 C CD1 . LEU A 1 166 ? -7.516  6.853   10.478  1.00 24.79  ? 1754 LEU A CD1 1 
ATOM   1291 C CD2 . LEU A 1 166 ? -9.690  8.023   10.175  1.00 27.76  ? 1754 LEU A CD2 1 
ATOM   1292 N N   . VAL A 1 167 ? -12.442 5.336   13.068  1.00 32.88  ? 1755 VAL A N   1 
ATOM   1293 C CA  . VAL A 1 167 ? -13.158 4.287   13.794  1.00 48.44  ? 1755 VAL A CA  1 
ATOM   1294 C C   . VAL A 1 167 ? -13.456 3.000   13.038  1.00 55.07  ? 1755 VAL A C   1 
ATOM   1295 O O   . VAL A 1 167 ? -13.273 2.923   11.827  1.00 47.26  ? 1755 VAL A O   1 
ATOM   1296 C CB  . VAL A 1 167 ? -14.507 4.803   14.357  1.00 48.98  ? 1755 VAL A CB  1 
ATOM   1297 C CG1 . VAL A 1 167 ? -14.264 5.573   15.648  1.00 57.21  ? 1755 VAL A CG1 1 
ATOM   1298 C CG2 . VAL A 1 167 ? -15.206 5.694   13.326  1.00 58.20  ? 1755 VAL A CG2 1 
ATOM   1299 N N   . GLN A 1 168 ? -13.935 2.021   13.816  1.00 66.73  ? 1756 GLN A N   1 
ATOM   1300 C CA  . GLN A 1 168 ? -14.345 0.654   13.438  1.00 73.05  ? 1756 GLN A CA  1 
ATOM   1301 C C   . GLN A 1 168 ? -13.567 -0.114  12.365  1.00 75.81  ? 1756 GLN A C   1 
ATOM   1302 O O   . GLN A 1 168 ? -14.203 -0.713  11.468  1.00 78.30  ? 1756 GLN A O   1 
ATOM   1303 C CB  . GLN A 1 168 ? -15.841 0.637   13.092  1.00 71.79  ? 1756 GLN A CB  1 
ATOM   1304 C CG  . GLN A 1 168 ? -16.481 -0.729  13.321  1.00 81.36  ? 1756 GLN A CG  1 
ATOM   1305 C CD  . GLN A 1 168 ? -17.975 -0.750  13.047  1.00 85.09  ? 1756 GLN A CD  1 
ATOM   1306 O OE1 . GLN A 1 168 ? -18.718 0.106   13.533  1.00 84.08  ? 1756 GLN A OE1 1 
ATOM   1307 N NE2 . GLN A 1 168 ? -18.424 -1.741  12.277  1.00 79.48  ? 1756 GLN A NE2 1 
ATOM   1308 N N   . ARG A 1 188 ? -14.754 14.971  12.340  1.00 50.35  ? 1776 ARG A N   1 
ATOM   1309 C CA  . ARG A 1 188 ? -14.031 14.598  13.594  1.00 51.90  ? 1776 ARG A CA  1 
ATOM   1310 C C   . ARG A 1 188 ? -14.013 13.078  13.757  1.00 50.18  ? 1776 ARG A C   1 
ATOM   1311 O O   . ARG A 1 188 ? -12.962 12.483  14.015  1.00 52.79  ? 1776 ARG A O   1 
ATOM   1312 C CB  . ARG A 1 188 ? -14.690 15.256  14.806  1.00 55.81  ? 1776 ARG A CB  1 
ATOM   1313 N N   . LEU A 1 189 ? -15.175 12.450  13.619  1.00 46.53  ? 1777 LEU A N   1 
ATOM   1314 C CA  . LEU A 1 189 ? -15.253 11.000  13.728  1.00 46.22  ? 1777 LEU A CA  1 
ATOM   1315 C C   . LEU A 1 189 ? -15.415 10.470  12.297  1.00 46.10  ? 1777 LEU A C   1 
ATOM   1316 O O   . LEU A 1 189 ? -16.414 10.728  11.628  1.00 40.82  ? 1777 LEU A O   1 
ATOM   1317 C CB  . LEU A 1 189 ? -16.415 10.607  14.621  1.00 49.21  ? 1777 LEU A CB  1 
ATOM   1318 C CG  . LEU A 1 189 ? -16.351 9.176   15.145  1.00 54.40  ? 1777 LEU A CG  1 
ATOM   1319 C CD1 . LEU A 1 189 ? -14.923 8.665   15.222  1.00 52.37  ? 1777 LEU A CD1 1 
ATOM   1320 C CD2 . LEU A 1 189 ? -17.008 9.156   16.501  1.00 54.16  ? 1777 LEU A CD2 1 
ATOM   1321 N N   . VAL A 1 190 ? -14.413 9.734   11.833  1.00 41.31  ? 1778 VAL A N   1 
ATOM   1322 C CA  . VAL A 1 190 ? -14.395 9.262   10.458  1.00 38.96  ? 1778 VAL A CA  1 
ATOM   1323 C C   . VAL A 1 190 ? -14.161 7.774   10.339  1.00 33.39  ? 1778 VAL A C   1 
ATOM   1324 O O   . VAL A 1 190 ? -13.412 7.204   11.123  1.00 34.31  ? 1778 VAL A O   1 
ATOM   1325 C CB  . VAL A 1 190 ? -13.265 10.019  9.702   1.00 41.26  ? 1778 VAL A CB  1 
ATOM   1326 C CG1 . VAL A 1 190 ? -13.235 9.658   8.222   1.00 28.96  ? 1778 VAL A CG1 1 
ATOM   1327 C CG2 . VAL A 1 190 ? -13.463 11.500  9.880   1.00 36.65  ? 1778 VAL A CG2 1 
ATOM   1328 N N   . MET A 1 191 ? -14.794 7.146   9.350   1.00 33.09  ? 1779 MET A N   1 
ATOM   1329 C CA  . MET A 1 191 ? -14.602 5.711   9.105   1.00 30.64  ? 1779 MET A CA  1 
ATOM   1330 C C   . MET A 1 191 ? -13.186 5.516   8.550   1.00 26.87  ? 1779 MET A C   1 
ATOM   1331 O O   . MET A 1 191 ? -12.708 6.318   7.751   1.00 29.96  ? 1779 MET A O   1 
ATOM   1332 C CB  . MET A 1 191 ? -15.636 5.198   8.106   1.00 35.40  ? 1779 MET A CB  1 
ATOM   1333 C CG  . MET A 1 191 ? -17.009 4.977   8.722   1.00 57.39  ? 1779 MET A CG  1 
ATOM   1334 S SD  . MET A 1 191 ? -18.369 5.044   7.514   1.00 79.37  ? 1779 MET A SD  1 
ATOM   1335 C CE  . MET A 1 191 ? -18.429 3.313   6.934   1.00 72.33  ? 1779 MET A CE  1 
ATOM   1336 N N   . TRP A 1 192 ? -12.513 4.458   8.971   1.00 30.70  ? 1780 TRP A N   1 
ATOM   1337 C CA  . TRP A 1 192 ? -11.150 4.231   8.531   1.00 33.42  ? 1780 TRP A CA  1 
ATOM   1338 C C   . TRP A 1 192 ? -11.040 3.982   7.023   1.00 40.42  ? 1780 TRP A C   1 
ATOM   1339 O O   . TRP A 1 192 ? -9.987  4.251   6.419   1.00 35.34  ? 1780 TRP A O   1 
ATOM   1340 C CB  . TRP A 1 192 ? -10.538 3.095   9.347   1.00 38.90  ? 1780 TRP A CB  1 
ATOM   1341 C CG  . TRP A 1 192 ? -10.953 1.748   8.939   1.00 44.16  ? 1780 TRP A CG  1 
ATOM   1342 C CD1 . TRP A 1 192 ? -12.229 1.277   8.807   1.00 56.52  ? 1780 TRP A CD1 1 
ATOM   1343 C CD2 . TRP A 1 192 ? -10.084 0.650   8.655   1.00 53.37  ? 1780 TRP A CD2 1 
ATOM   1344 N NE1 . TRP A 1 192 ? -12.205 -0.058  8.458   1.00 61.10  ? 1780 TRP A NE1 1 
ATOM   1345 C CE2 . TRP A 1 192 ? -10.899 -0.466  8.361   1.00 55.58  ? 1780 TRP A CE2 1 
ATOM   1346 C CE3 . TRP A 1 192 ? -8.689  0.496   8.626   1.00 56.07  ? 1780 TRP A CE3 1 
ATOM   1347 C CZ2 . TRP A 1 192 ? -10.364 -1.715  8.043   1.00 53.58  ? 1780 TRP A CZ2 1 
ATOM   1348 C CZ3 . TRP A 1 192 ? -8.159  -0.749  8.312   1.00 50.56  ? 1780 TRP A CZ3 1 
ATOM   1349 C CH2 . TRP A 1 192 ? -8.995  -1.836  8.025   1.00 51.05  ? 1780 TRP A CH2 1 
ATOM   1350 N N   . ASP A 1 193 ? -12.136 3.510   6.414   1.00 36.75  ? 1781 ASP A N   1 
ATOM   1351 C CA  . ASP A 1 193 ? -12.171 3.265   4.973   1.00 28.48  ? 1781 ASP A CA  1 
ATOM   1352 C C   . ASP A 1 193 ? -11.753 4.527   4.266   1.00 27.86  ? 1781 ASP A C   1 
ATOM   1353 O O   . ASP A 1 193 ? -11.340 4.468   3.109   1.00 30.50  ? 1781 ASP A O   1 
ATOM   1354 C CB  . ASP A 1 193 ? -13.578 2.922   4.453   1.00 43.38  ? 1781 ASP A CB  1 
ATOM   1355 C CG  . ASP A 1 193 ? -14.194 1.745   5.150   1.00 51.11  ? 1781 ASP A CG  1 
ATOM   1356 O OD1 . ASP A 1 193 ? -14.592 1.898   6.334   1.00 57.89  ? 1781 ASP A OD1 1 
ATOM   1357 O OD2 . ASP A 1 193 ? -14.278 0.672   4.512   1.00 44.71  ? 1781 ASP A OD2 1 
ATOM   1358 N N   . TRP A 1 194 ? -11.895 5.676   4.927   1.00 17.24  ? 1782 TRP A N   1 
ATOM   1359 C CA  . TRP A 1 194 ? -11.487 6.939   4.296   1.00 20.16  ? 1782 TRP A CA  1 
ATOM   1360 C C   . TRP A 1 194 ? -9.978  6.915   3.973   1.00 20.62  ? 1782 TRP A C   1 
ATOM   1361 O O   . TRP A 1 194 ? -9.520  7.479   2.948   1.00 18.60  ? 1782 TRP A O   1 
ATOM   1362 C CB  . TRP A 1 194 ? -11.810 8.129   5.219   1.00 15.32  ? 1782 TRP A CB  1 
ATOM   1363 C CG  . TRP A 1 194 ? -11.168 9.401   4.783   1.00 15.16  ? 1782 TRP A CG  1 
ATOM   1364 C CD1 . TRP A 1 194 ? -11.521 10.179  3.715   1.00 17.41  ? 1782 TRP A CD1 1 
ATOM   1365 C CD2 . TRP A 1 194 ? -9.987  9.989   5.336   1.00 20.52  ? 1782 TRP A CD2 1 
ATOM   1366 N NE1 . TRP A 1 194 ? -10.617 11.210  3.562   1.00 25.83  ? 1782 TRP A NE1 1 
ATOM   1367 C CE2 . TRP A 1 194 ? -9.667  11.115  4.544   1.00 21.84  ? 1782 TRP A CE2 1 
ATOM   1368 C CE3 . TRP A 1 194 ? -9.166  9.673   6.430   1.00 27.48  ? 1782 TRP A CE3 1 
ATOM   1369 C CZ2 . TRP A 1 194 ? -8.556  11.926  4.808   1.00 22.80  ? 1782 TRP A CZ2 1 
ATOM   1370 C CZ3 . TRP A 1 194 ? -8.061  10.486  6.694   1.00 20.25  ? 1782 TRP A CZ3 1 
ATOM   1371 C CH2 . TRP A 1 194 ? -7.770  11.594  5.886   1.00 20.94  ? 1782 TRP A CH2 1 
ATOM   1372 N N   . VAL A 1 195 ? -9.210  6.265   4.849   1.00 21.70  ? 1783 VAL A N   1 
ATOM   1373 C CA  . VAL A 1 195 ? -7.759  6.156   4.669   1.00 20.29  ? 1783 VAL A CA  1 
ATOM   1374 C C   . VAL A 1 195 ? -7.423  5.211   3.526   1.00 18.85  ? 1783 VAL A C   1 
ATOM   1375 O O   . VAL A 1 195 ? -6.572  5.512   2.704   1.00 18.70  ? 1783 VAL A O   1 
ATOM   1376 C CB  . VAL A 1 195 ? -7.067  5.579   5.925   1.00 22.60  ? 1783 VAL A CB  1 
ATOM   1377 C CG1 . VAL A 1 195 ? -5.593  5.250   5.617   1.00 19.23  ? 1783 VAL A CG1 1 
ATOM   1378 C CG2 . VAL A 1 195 ? -7.181  6.567   7.071   1.00 23.47  ? 1783 VAL A CG2 1 
ATOM   1379 N N   . LEU A 1 196 ? -8.108  4.072   3.488   1.00 24.22  ? 1784 LEU A N   1 
ATOM   1380 C CA  . LEU A 1 196 ? -7.848  3.060   2.470   1.00 28.53  ? 1784 LEU A CA  1 
ATOM   1381 C C   . LEU A 1 196 ? -8.204  3.538   1.072   1.00 23.73  ? 1784 LEU A C   1 
ATOM   1382 O O   . LEU A 1 196 ? -7.453  3.330   0.123   1.00 22.66  ? 1784 LEU A O   1 
ATOM   1383 C CB  . LEU A 1 196 ? -8.599  1.770   2.817   1.00 24.32  ? 1784 LEU A CB  1 
ATOM   1384 C CG  . LEU A 1 196 ? -8.382  1.261   4.256   1.00 33.69  ? 1784 LEU A CG  1 
ATOM   1385 C CD1 . LEU A 1 196 ? -8.996  -0.123  4.406   1.00 33.74  ? 1784 LEU A CD1 1 
ATOM   1386 C CD2 . LEU A 1 196 ? -6.911  1.196   4.586   1.00 19.89  ? 1784 LEU A CD2 1 
ATOM   1387 N N   . ASP A 1 197 ? -9.337  4.209   0.956   1.00 22.57  ? 1785 ASP A N   1 
ATOM   1388 C CA  . ASP A 1 197 ? -9.785  4.739   -0.327  1.00 22.31  ? 1785 ASP A CA  1 
ATOM   1389 C C   . ASP A 1 197 ? -8.853  5.841   -0.806  1.00 18.55  ? 1785 ASP A C   1 
ATOM   1390 O O   . ASP A 1 197 ? -8.556  5.956   -1.992  1.00 24.34  ? 1785 ASP A O   1 
ATOM   1391 C CB  . ASP A 1 197 ? -11.220 5.295   -0.196  1.00 28.14  ? 1785 ASP A CB  1 
ATOM   1392 C CG  . ASP A 1 197 ? -12.279 4.190   -0.150  1.00 30.55  ? 1785 ASP A CG  1 
ATOM   1393 O OD1 . ASP A 1 197 ? -13.486 4.499   -0.017  1.00 44.36  ? 1785 ASP A OD1 1 
ATOM   1394 O OD2 . ASP A 1 197 ? -11.901 3.012   -0.259  1.00 30.38  ? 1785 ASP A OD2 1 
ATOM   1395 N N   . SER A 1 198 ? -8.408  6.684   0.112   1.00 23.54  ? 1786 SER A N   1 
ATOM   1396 C CA  . SER A 1 198 ? -7.507  7.774   -0.257  1.00 19.22  ? 1786 SER A CA  1 
ATOM   1397 C C   . SER A 1 198 ? -6.174  7.192   -0.731  1.00 17.10  ? 1786 SER A C   1 
ATOM   1398 O O   . SER A 1 198 ? -5.598  7.658   -1.710  1.00 23.10  ? 1786 SER A O   1 
ATOM   1399 C CB  . SER A 1 198 ? -7.257  8.708   0.945   1.00 22.18  ? 1786 SER A CB  1 
ATOM   1400 O OG  . SER A 1 198 ? -8.474  9.099   1.544   1.00 26.37  ? 1786 SER A OG  1 
ATOM   1401 N N   . ILE A 1 199 ? -5.670  6.171   -0.048  1.00 20.56  ? 1787 ILE A N   1 
ATOM   1402 C CA  . ILE A 1 199 ? -4.407  5.598   -0.511  1.00 20.57  ? 1787 ILE A CA  1 
ATOM   1403 C C   . ILE A 1 199 ? -4.629  4.850   -1.823  1.00 20.75  ? 1787 ILE A C   1 
ATOM   1404 O O   . ILE A 1 199 ? -3.877  5.050   -2.775  1.00 21.77  ? 1787 ILE A O   1 
ATOM   1405 C CB  . ILE A 1 199 ? -3.786  4.640   0.523   1.00 21.97  ? 1787 ILE A CB  1 
ATOM   1406 C CG1 . ILE A 1 199 ? -3.313  5.452   1.751   1.00 19.99  ? 1787 ILE A CG1 1 
ATOM   1407 C CG2 . ILE A 1 199 ? -2.591  3.876   -0.119  1.00 16.77  ? 1787 ILE A CG2 1 
ATOM   1408 C CD1 . ILE A 1 199 ? -2.718  4.624   2.837   1.00 20.89  ? 1787 ILE A CD1 1 
ATOM   1409 N N   . SER A 1 200 ? -5.674  4.023   -1.884  1.00 15.85  ? 1788 SER A N   1 
ATOM   1410 C CA  . SER A 1 200 ? -5.962  3.237   -3.098  1.00 22.91  ? 1788 SER A CA  1 
ATOM   1411 C C   . SER A 1 200 ? -5.982  4.058   -4.397  1.00 19.53  ? 1788 SER A C   1 
ATOM   1412 O O   . SER A 1 200 ? -5.572  3.565   -5.431  1.00 31.79  ? 1788 SER A O   1 
ATOM   1413 C CB  . SER A 1 200 ? -7.280  2.453   -2.957  1.00 19.11  ? 1788 SER A CB  1 
ATOM   1414 O OG  . SER A 1 200 ? -8.401  3.322   -2.974  1.00 36.64  ? 1788 SER A OG  1 
ATOM   1415 N N   . VAL A 1 201 ? -6.427  5.312   -4.355  1.00 21.40  ? 1789 VAL A N   1 
ATOM   1416 C CA  . VAL A 1 201 ? -6.423  6.113   -5.562  1.00 22.06  ? 1789 VAL A CA  1 
ATOM   1417 C C   . VAL A 1 201 ? -5.454  7.263   -5.441  1.00 26.02  ? 1789 VAL A C   1 
ATOM   1418 O O   . VAL A 1 201 ? -5.449  8.183   -6.261  1.00 31.90  ? 1789 VAL A O   1 
ATOM   1419 C CB  . VAL A 1 201 ? -7.816  6.680   -5.890  1.00 35.26  ? 1789 VAL A CB  1 
ATOM   1420 C CG1 . VAL A 1 201 ? -8.768  5.535   -6.248  1.00 25.59  ? 1789 VAL A CG1 1 
ATOM   1421 C CG2 . VAL A 1 201 ? -8.329  7.501   -4.722  1.00 24.87  ? 1789 VAL A CG2 1 
ATOM   1422 N N   . TYR A 1 202 ? -4.622  7.191   -4.412  1.00 27.52  ? 1790 TYR A N   1 
ATOM   1423 C CA  . TYR A 1 202 ? -3.621  8.205   -4.126  1.00 21.94  ? 1790 TYR A CA  1 
ATOM   1424 C C   . TYR A 1 202 ? -4.181  9.602   -4.209  1.00 16.95  ? 1790 TYR A C   1 
ATOM   1425 O O   . TYR A 1 202 ? -3.702  10.443  -4.960  1.00 24.96  ? 1790 TYR A O   1 
ATOM   1426 C CB  . TYR A 1 202 ? -2.408  8.085   -5.051  1.00 12.48  ? 1790 TYR A CB  1 
ATOM   1427 C CG  . TYR A 1 202 ? -1.210  8.768   -4.416  1.00 17.07  ? 1790 TYR A CG  1 
ATOM   1428 C CD1 . TYR A 1 202 ? -0.736  10.001  -4.877  1.00 19.07  ? 1790 TYR A CD1 1 
ATOM   1429 C CD2 . TYR A 1 202 ? -0.604  8.214   -3.289  1.00 21.34  ? 1790 TYR A CD2 1 
ATOM   1430 C CE1 . TYR A 1 202 ? 0.301   10.656  -4.225  1.00 22.11  ? 1790 TYR A CE1 1 
ATOM   1431 C CE2 . TYR A 1 202 ? 0.442   8.864   -2.626  1.00 19.59  ? 1790 TYR A CE2 1 
ATOM   1432 C CZ  . TYR A 1 202 ? 0.882   10.074  -3.093  1.00 20.89  ? 1790 TYR A CZ  1 
ATOM   1433 O OH  . TYR A 1 202 ? 1.897   10.706  -2.422  1.00 25.91  ? 1790 TYR A OH  1 
ATOM   1434 N N   . ARG A 1 203 ? -5.196  9.860   -3.403  1.00 28.97  ? 1791 ARG A N   1 
ATOM   1435 C CA  . ARG A 1 203 ? -5.816  11.175  -3.389  1.00 30.48  ? 1791 ARG A CA  1 
ATOM   1436 C C   . ARG A 1 203 ? -6.520  11.338  -2.038  1.00 25.59  ? 1791 ARG A C   1 
ATOM   1437 O O   . ARG A 1 203 ? -7.243  10.438  -1.606  1.00 24.13  ? 1791 ARG A O   1 
ATOM   1438 C CB  . ARG A 1 203 ? -6.823  11.256  -4.541  1.00 34.77  ? 1791 ARG A CB  1 
ATOM   1439 C CG  . ARG A 1 203 ? -7.294  12.644  -4.881  1.00 50.51  ? 1791 ARG A CG  1 
ATOM   1440 C CD  . ARG A 1 203 ? -8.405  12.556  -5.919  1.00 61.99  ? 1791 ARG A CD  1 
ATOM   1441 N NE  . ARG A 1 203 ? -7.989  11.812  -7.109  1.00 72.33  ? 1791 ARG A NE  1 
ATOM   1442 C CZ  . ARG A 1 203 ? -7.255  12.316  -8.100  1.00 77.05  ? 1791 ARG A CZ  1 
ATOM   1443 N NH1 . ARG A 1 203 ? -6.844  13.580  -8.060  1.00 74.32  ? 1791 ARG A NH1 1 
ATOM   1444 N NH2 . ARG A 1 203 ? -6.930  11.554  -9.139  1.00 82.20  ? 1791 ARG A NH2 1 
ATOM   1445 N N   . CYS A 1 204 ? -6.301  12.469  -1.364  1.00 25.18  ? 1792 CYS A N   1 
ATOM   1446 C CA  . CYS A 1 204 ? -6.942  12.693  -0.066  1.00 28.95  ? 1792 CYS A CA  1 
ATOM   1447 C C   . CYS A 1 204 ? -8.426  12.927  -0.354  1.00 25.62  ? 1792 CYS A C   1 
ATOM   1448 O O   . CYS A 1 204 ? -8.819  13.954  -0.900  1.00 33.15  ? 1792 CYS A O   1 
ATOM   1449 C CB  . CYS A 1 204 ? -6.338  13.912  0.662   1.00 26.32  ? 1792 CYS A CB  1 
ATOM   1450 S SG  . CYS A 1 204 ? -7.036  14.168  2.354   1.00 36.11  ? 1792 CYS A SG  1 
ATOM   1451 N N   . ARG A 1 205 ? -9.250  11.962  0.007   1.00 23.37  ? 1793 ARG A N   1 
ATOM   1452 C CA  . ARG A 1 205 ? -10.656 12.079  -0.270  1.00 30.54  ? 1793 ARG A CA  1 
ATOM   1453 C C   . ARG A 1 205 ? -11.375 13.007  0.680   1.00 31.18  ? 1793 ARG A C   1 
ATOM   1454 O O   . ARG A 1 205 ? -10.923 13.271  1.789   1.00 38.86  ? 1793 ARG A O   1 
ATOM   1455 C CB  . ARG A 1 205 ? -11.317 10.701  -0.228  1.00 30.75  ? 1793 ARG A CB  1 
ATOM   1456 C CG  . ARG A 1 205 ? -10.686 9.644   -1.140  1.00 32.81  ? 1793 ARG A CG  1 
ATOM   1457 C CD  . ARG A 1 205 ? -11.697 8.571   -1.433  1.00 33.69  ? 1793 ARG A CD  1 
ATOM   1458 N NE  . ARG A 1 205 ? -12.383 8.985   -2.640  1.00 45.84  ? 1793 ARG A NE  1 
ATOM   1459 C CZ  . ARG A 1 205 ? -13.583 8.592   -3.030  1.00 24.83  ? 1793 ARG A CZ  1 
ATOM   1460 N NH1 . ARG A 1 205 ? -14.312 7.749   -2.316  1.00 30.94  ? 1793 ARG A NH1 1 
ATOM   1461 N NH2 . ARG A 1 205 ? -14.038 9.055   -4.175  1.00 48.91  ? 1793 ARG A NH2 1 
ATOM   1462 N N   . ASP A 1 206 ? -12.517 13.476  0.216   1.00 36.15  ? 1794 ASP A N   1 
ATOM   1463 C CA  . ASP A 1 206 ? -13.408 14.356  0.953   1.00 37.24  ? 1794 ASP A CA  1 
ATOM   1464 C C   . ASP A 1 206 ? -13.963 13.562  2.147   1.00 30.38  ? 1794 ASP A C   1 
ATOM   1465 O O   . ASP A 1 206 ? -14.574 12.524  1.969   1.00 29.11  ? 1794 ASP A O   1 
ATOM   1466 C CB  . ASP A 1 206 ? -14.539 14.793  0.005   1.00 41.91  ? 1794 ASP A CB  1 
ATOM   1467 C CG  . ASP A 1 206 ? -15.419 15.866  0.595   1.00 55.55  ? 1794 ASP A CG  1 
ATOM   1468 O OD1 . ASP A 1 206 ? -15.372 17.009  0.085   1.00 61.45  ? 1794 ASP A OD1 1 
ATOM   1469 O OD2 . ASP A 1 206 ? -16.154 15.565  1.564   1.00 51.72  ? 1794 ASP A OD2 1 
ATOM   1470 N N   . LEU A 1 207 ? -13.765 14.072  3.360   1.00 36.99  ? 1795 LEU A N   1 
ATOM   1471 C CA  . LEU A 1 207 ? -14.212 13.399  4.584   1.00 37.98  ? 1795 LEU A CA  1 
ATOM   1472 C C   . LEU A 1 207 ? -15.705 13.244  4.791   1.00 42.21  ? 1795 LEU A C   1 
ATOM   1473 O O   . LEU A 1 207 ? -16.153 12.274  5.420   1.00 36.96  ? 1795 LEU A O   1 
ATOM   1474 C CB  . LEU A 1 207 ? -13.652 14.127  5.809   1.00 43.68  ? 1795 LEU A CB  1 
ATOM   1475 C CG  . LEU A 1 207 ? -12.158 13.964  6.065   1.00 40.10  ? 1795 LEU A CG  1 
ATOM   1476 C CD1 . LEU A 1 207 ? -11.691 14.943  7.129   1.00 44.82  ? 1795 LEU A CD1 1 
ATOM   1477 C CD2 . LEU A 1 207 ? -11.904 12.537  6.514   1.00 49.40  ? 1795 LEU A CD2 1 
ATOM   1478 N N   . ASP A 1 208 ? -16.474 14.196  4.273   1.00 44.57  ? 1796 ASP A N   1 
ATOM   1479 C CA  . ASP A 1 208 ? -17.920 14.178  4.445   1.00 51.62  ? 1796 ASP A CA  1 
ATOM   1480 C C   . ASP A 1 208 ? -18.586 12.848  4.220   1.00 48.52  ? 1796 ASP A C   1 
ATOM   1481 O O   . ASP A 1 208 ? -19.428 12.432  5.013   1.00 54.22  ? 1796 ASP A O   1 
ATOM   1482 C CB  . ASP A 1 208 ? -18.575 15.227  3.560   1.00 64.14  ? 1796 ASP A CB  1 
ATOM   1483 C CG  . ASP A 1 208 ? -18.727 16.553  4.266   1.00 74.11  ? 1796 ASP A CG  1 
ATOM   1484 O OD1 . ASP A 1 208 ? -17.719 17.040  4.834   1.00 73.92  ? 1796 ASP A OD1 1 
ATOM   1485 O OD2 . ASP A 1 208 ? -19.854 17.103  4.254   1.00 86.32  ? 1796 ASP A OD2 1 
ATOM   1486 N N   . ALA A 1 209 ? -18.204 12.165  3.152   1.00 48.88  ? 1797 ALA A N   1 
ATOM   1487 C CA  . ALA A 1 209 ? -18.803 10.872  2.850   1.00 43.57  ? 1797 ALA A CA  1 
ATOM   1488 C C   . ALA A 1 209 ? -18.461 9.800   3.871   1.00 38.29  ? 1797 ALA A C   1 
ATOM   1489 O O   . ALA A 1 209 ? -19.115 8.759   3.926   1.00 42.85  ? 1797 ALA A O   1 
ATOM   1490 C CB  . ALA A 1 209 ? -18.363 10.425  1.463   1.00 48.41  ? 1797 ALA A CB  1 
ATOM   1491 N N   . TYR A 1 210 ? -17.448 10.044  4.700   1.00 41.80  ? 1798 TYR A N   1 
ATOM   1492 C CA  . TYR A 1 210 ? -17.034 9.023   5.662   1.00 38.19  ? 1798 TYR A CA  1 
ATOM   1493 C C   . TYR A 1 210 ? -17.275 9.343   7.133   1.00 41.94  ? 1798 TYR A C   1 
ATOM   1494 O O   . TYR A 1 210 ? -16.883 8.553   7.997   1.00 36.24  ? 1798 TYR A O   1 
ATOM   1495 C CB  . TYR A 1 210 ? -15.537 8.681   5.467   1.00 26.99  ? 1798 TYR A CB  1 
ATOM   1496 C CG  . TYR A 1 210 ? -15.161 8.210   4.073   1.00 26.97  ? 1798 TYR A CG  1 
ATOM   1497 C CD1 . TYR A 1 210 ? -15.000 9.129   3.027   1.00 28.02  ? 1798 TYR A CD1 1 
ATOM   1498 C CD2 . TYR A 1 210 ? -14.969 6.839   3.795   1.00 19.20  ? 1798 TYR A CD2 1 
ATOM   1499 C CE1 . TYR A 1 210 ? -14.655 8.708   1.728   1.00 26.87  ? 1798 TYR A CE1 1 
ATOM   1500 C CE2 . TYR A 1 210 ? -14.626 6.412   2.502   1.00 24.71  ? 1798 TYR A CE2 1 
ATOM   1501 C CZ  . TYR A 1 210 ? -14.474 7.352   1.477   1.00 25.22  ? 1798 TYR A CZ  1 
ATOM   1502 O OH  . TYR A 1 210 ? -14.164 6.943   0.205   1.00 27.57  ? 1798 TYR A OH  1 
ATOM   1503 N N   . LEU A 1 211 ? -17.907 10.480  7.432   1.00 47.26  ? 1799 LEU A N   1 
ATOM   1504 C CA  . LEU A 1 211 ? -18.155 10.821  8.835   1.00 53.10  ? 1799 LEU A CA  1 
ATOM   1505 C C   . LEU A 1 211 ? -19.283 10.005  9.452   1.00 54.42  ? 1799 LEU A C   1 
ATOM   1506 O O   . LEU A 1 211 ? -20.364 9.887   8.883   1.00 60.96  ? 1799 LEU A O   1 
ATOM   1507 C CB  . LEU A 1 211 ? -18.410 12.330  9.010   1.00 54.92  ? 1799 LEU A CB  1 
ATOM   1508 C CG  . LEU A 1 211 ? -19.183 13.147  7.983   1.00 58.31  ? 1799 LEU A CG  1 
ATOM   1509 C CD1 . LEU A 1 211 ? -20.603 12.611  7.842   1.00 71.36  ? 1799 LEU A CD1 1 
ATOM   1510 C CD2 . LEU A 1 211 ? -19.205 14.606  8.428   1.00 52.92  ? 1799 LEU A CD2 1 
ATOM   1511 N N   . VAL A 1 212 ? -19.003 9.417   10.612  1.00 59.54  ? 1800 VAL A N   1 
ATOM   1512 C CA  . VAL A 1 212 ? -19.972 8.588   11.321  1.00 67.42  ? 1800 VAL A CA  1 
ATOM   1513 C C   . VAL A 1 212 ? -20.778 9.471   12.275  1.00 76.49  ? 1800 VAL A C   1 
ATOM   1514 O O   . VAL A 1 212 ? -21.932 9.176   12.597  1.00 78.96  ? 1800 VAL A O   1 
ATOM   1515 C CB  . VAL A 1 212 ? -19.260 7.475   12.132  1.00 65.68  ? 1800 VAL A CB  1 
ATOM   1516 C CG1 . VAL A 1 212 ? -18.183 6.816   11.288  1.00 58.34  ? 1800 VAL A CG1 1 
ATOM   1517 C CG2 . VAL A 1 212 ? -18.648 8.054   13.383  1.00 71.36  ? 1800 VAL A CG2 1 
ATOM   1518 N N   . GLN A 1 213 ? -20.144 10.557  12.716  1.00 83.21  ? 1801 GLN A N   1 
ATOM   1519 C CA  . GLN A 1 213 ? -20.752 11.525  13.626  1.00 90.88  ? 1801 GLN A CA  1 
ATOM   1520 C C   . GLN A 1 213 ? -20.033 12.868  13.478  1.00 96.30  ? 1801 GLN A C   1 
ATOM   1521 O O   . GLN A 1 213 ? -20.726 13.901  13.337  1.00 100.44 ? 1801 GLN A O   1 
ATOM   1522 C CB  . GLN A 1 213 ? -20.660 11.032  15.072  1.00 88.05  ? 1801 GLN A CB  1 
HETATM 1523 O O   . HOH B 2 .   ? -0.666  -10.506 2.122   1.00 15.56  ? 1    HOH A O   1 
HETATM 1524 O O   . HOH B 2 .   ? 2.906   3.041   -5.645  1.00 16.05  ? 2    HOH A O   1 
HETATM 1525 O O   . HOH B 2 .   ? -1.382  -12.636 -10.952 1.00 21.10  ? 3    HOH A O   1 
HETATM 1526 O O   . HOH B 2 .   ? 3.258   0.746   -8.550  1.00 22.68  ? 4    HOH A O   1 
HETATM 1527 O O   . HOH B 2 .   ? -6.565  17.299  10.994  1.00 27.00  ? 5    HOH A O   1 
HETATM 1528 O O   . HOH B 2 .   ? -3.075  -15.975 -4.594  1.00 27.80  ? 6    HOH A O   1 
HETATM 1529 O O   . HOH B 2 .   ? -0.533  -23.663 -1.691  1.00 28.96  ? 7    HOH A O   1 
HETATM 1530 O O   . HOH B 2 .   ? -5.673  19.790  23.692  1.00 27.38  ? 8    HOH A O   1 
HETATM 1531 O O   . HOH B 2 .   ? -4.838  -12.439 -3.039  1.00 25.31  ? 9    HOH A O   1 
HETATM 1532 O O   . HOH B 2 .   ? 1.680   10.572  0.350   1.00 25.91  ? 10   HOH A O   1 
HETATM 1533 O O   . HOH B 2 .   ? -3.721  -7.692  4.875   1.00 30.46  ? 11   HOH A O   1 
HETATM 1534 O O   . HOH B 2 .   ? 1.655   -14.063 -0.034  1.00 26.77  ? 12   HOH A O   1 
HETATM 1535 O O   . HOH B 2 .   ? -1.515  1.760   -11.157 1.00 26.03  ? 13   HOH A O   1 
HETATM 1536 O O   . HOH B 2 .   ? -0.399  -7.847  3.640   1.00 26.18  ? 14   HOH A O   1 
HETATM 1537 O O   . HOH B 2 .   ? 6.957   -11.054 1.438   1.00 31.00  ? 15   HOH A O   1 
HETATM 1538 O O   . HOH B 2 .   ? -2.336  -23.632 -3.828  1.00 36.38  ? 16   HOH A O   1 
HETATM 1539 O O   . HOH B 2 .   ? -6.994  17.903  21.857  1.00 32.77  ? 17   HOH A O   1 
HETATM 1540 O O   . HOH B 2 .   ? -14.152 3.170   -9.287  1.00 34.23  ? 18   HOH A O   1 
HETATM 1541 O O   . HOH B 2 .   ? -4.749  21.717  22.592  1.00 35.56  ? 19   HOH A O   1 
HETATM 1542 O O   . HOH B 2 .   ? 3.402   0.879   -15.670 1.00 39.20  ? 20   HOH A O   1 
HETATM 1543 O O   . HOH B 2 .   ? -3.570  7.008   16.239  1.00 36.42  ? 21   HOH A O   1 
HETATM 1544 O O   . HOH B 2 .   ? 8.155   6.680   -6.257  1.00 35.53  ? 22   HOH A O   1 
HETATM 1545 O O   . HOH B 2 .   ? 5.198   -5.881  5.842   1.00 34.76  ? 23   HOH A O   1 
HETATM 1546 O O   . HOH B 2 .   ? -5.511  1.114   -6.251  1.00 32.33  ? 24   HOH A O   1 
HETATM 1547 O O   . HOH B 2 .   ? -1.316  18.741  11.413  1.00 36.05  ? 25   HOH A O   1 
HETATM 1548 O O   . HOH B 2 .   ? 1.890   -11.358 3.369   1.00 33.64  ? 26   HOH A O   1 
HETATM 1549 O O   . HOH B 2 .   ? -7.110  -13.135 -4.768  1.00 43.17  ? 27   HOH A O   1 
HETATM 1550 O O   . HOH B 2 .   ? 5.211   -24.265 -5.925  1.00 41.34  ? 28   HOH A O   1 
HETATM 1551 O O   . HOH B 2 .   ? -2.596  13.197  -4.585  1.00 43.37  ? 29   HOH A O   1 
HETATM 1552 O O   . HOH B 2 .   ? 1.381   -8.145  5.923   1.00 39.68  ? 30   HOH A O   1 
HETATM 1553 O O   . HOH B 2 .   ? -1.212  1.801   -14.093 1.00 37.03  ? 31   HOH A O   1 
HETATM 1554 O O   . HOH B 2 .   ? -6.552  2.358   -8.418  1.00 37.72  ? 32   HOH A O   1 
HETATM 1555 O O   . HOH B 2 .   ? 4.379   13.150  2.162   1.00 41.42  ? 33   HOH A O   1 
HETATM 1556 O O   . HOH B 2 .   ? -6.655  20.578  17.281  1.00 40.08  ? 34   HOH A O   1 
HETATM 1557 O O   . HOH B 2 .   ? -9.778  -6.982  -0.580  1.00 41.34  ? 35   HOH A O   1 
HETATM 1558 O O   . HOH B 2 .   ? 9.071   2.916   -6.917  1.00 45.81  ? 36   HOH A O   1 
HETATM 1559 O O   . HOH B 2 .   ? -12.238 1.673   -12.294 1.00 37.93  ? 37   HOH A O   1 
HETATM 1560 O O   . HOH B 2 .   ? 1.092   -17.786 1.480   1.00 44.24  ? 38   HOH A O   1 
HETATM 1561 O O   . HOH B 2 .   ? 0.532   -22.466 -7.905  1.00 42.44  ? 39   HOH A O   1 
HETATM 1562 O O   . HOH B 2 .   ? 1.377   16.567  8.955   1.00 41.50  ? 40   HOH A O   1 
HETATM 1563 O O   . HOH B 2 .   ? 3.526   20.889  17.626  1.00 37.05  ? 41   HOH A O   1 
HETATM 1564 O O   . HOH B 2 .   ? -6.846  8.821   -9.243  1.00 41.08  ? 42   HOH A O   1 
HETATM 1565 O O   . HOH B 2 .   ? -2.049  -21.965 -5.775  1.00 40.73  ? 43   HOH A O   1 
HETATM 1566 O O   . HOH B 2 .   ? -13.990 16.819  10.433  1.00 49.37  ? 44   HOH A O   1 
HETATM 1567 O O   . HOH B 2 .   ? 1.428   -20.084 -9.729  1.00 47.42  ? 45   HOH A O   1 
HETATM 1568 O O   . HOH B 2 .   ? 20.743  0.253   -11.593 1.00 45.05  ? 46   HOH A O   1 
HETATM 1569 O O   . HOH B 2 .   ? 10.419  1.153   -5.628  1.00 43.34  ? 47   HOH A O   1 
HETATM 1570 O O   . HOH B 2 .   ? 4.543   -10.589 6.403   1.00 45.59  ? 48   HOH A O   1 
HETATM 1571 O O   . HOH B 2 .   ? 1.604   -25.696 -0.831  1.00 42.29  ? 49   HOH A O   1 
HETATM 1572 O O   . HOH B 2 .   ? 3.995   -19.489 2.416   1.00 43.53  ? 50   HOH A O   1 
HETATM 1573 O O   . HOH B 2 .   ? 2.608   -21.305 -12.382 1.00 44.64  ? 51   HOH A O   1 
HETATM 1574 O O   . HOH B 2 .   ? 14.310  -1.460  -9.124  1.00 42.28  ? 52   HOH A O   1 
HETATM 1575 O O   . HOH B 2 .   ? 0.213   12.589  20.253  1.00 46.35  ? 53   HOH A O   1 
HETATM 1576 O O   . HOH B 2 .   ? -11.678 16.990  10.946  1.00 50.09  ? 54   HOH A O   1 
HETATM 1577 O O   . HOH B 2 .   ? -11.251 -2.856  5.519   1.00 49.59  ? 55   HOH A O   1 
HETATM 1578 O O   . HOH B 2 .   ? -12.434 -5.158  0.176   1.00 44.54  ? 56   HOH A O   1 
HETATM 1579 O O   . HOH B 2 .   ? -11.268 10.460  -5.054  1.00 43.06  ? 57   HOH A O   1 
HETATM 1580 O O   . HOH B 2 .   ? -1.160  -19.362 -9.346  1.00 44.71  ? 58   HOH A O   1 
HETATM 1581 O O   . HOH B 2 .   ? 2.830   12.965  -3.058  1.00 48.38  ? 59   HOH A O   1 
HETATM 1582 O O   . HOH B 2 .   ? 9.619   8.331   -11.625 1.00 49.52  ? 60   HOH A O   1 
HETATM 1583 O O   . HOH B 2 .   ? -6.736  20.687  1.114   1.00 65.64  ? 61   HOH A O   1 
HETATM 1584 O O   . HOH B 2 .   ? 5.277   -21.339 -13.265 1.00 50.64  ? 62   HOH A O   1 
HETATM 1585 O O   . HOH B 2 .   ? -14.562 7.921   -11.246 1.00 47.33  ? 63   HOH A O   1 
HETATM 1586 O O   . HOH B 2 .   ? 5.861   -24.911 -10.462 1.00 49.57  ? 64   HOH A O   1 
HETATM 1587 O O   . HOH B 2 .   ? -15.253 -1.156  -9.636  1.00 45.19  ? 65   HOH A O   1 
HETATM 1588 O O   . HOH B 2 .   ? -13.132 17.005  3.396   1.00 49.90  ? 66   HOH A O   1 
HETATM 1589 O O   . HOH B 2 .   ? -7.006  18.675  3.188   1.00 60.80  ? 67   HOH A O   1 
HETATM 1590 O O   . HOH B 2 .   ? -15.499 -5.176  -3.378  1.00 51.97  ? 68   HOH A O   1 
HETATM 1591 O O   . HOH B 2 .   ? -2.163  7.685   -13.394 1.00 47.59  ? 69   HOH A O   1 
HETATM 1592 O O   . HOH B 2 .   ? -0.085  -2.806  -15.858 1.00 46.41  ? 70   HOH A O   1 
HETATM 1593 O O   . HOH B 2 .   ? 6.381   11.409  -0.528  1.00 46.58  ? 71   HOH A O   1 
HETATM 1594 O O   . HOH B 2 .   ? -0.504  4.891   27.716  1.00 52.59  ? 72   HOH A O   1 
HETATM 1595 O O   . HOH B 2 .   ? 6.517   13.372  6.353   1.00 47.86  ? 73   HOH A O   1 
HETATM 1596 O O   . HOH B 2 .   ? 17.287  -11.853 -18.015 1.00 50.87  ? 74   HOH A O   1 
HETATM 1597 O O   . HOH B 2 .   ? 0.361   6.554   -20.545 1.00 52.35  ? 75   HOH A O   1 
HETATM 1598 O O   . HOH B 2 .   ? -8.579  1.831   -10.568 1.00 47.81  ? 76   HOH A O   1 
HETATM 1599 O O   . HOH B 2 .   ? 10.402  5.111   -8.341  1.00 48.04  ? 77   HOH A O   1 
HETATM 1600 O O   . HOH B 2 .   ? -0.979  13.409  22.463  1.00 45.24  ? 78   HOH A O   1 
HETATM 1601 O O   . HOH B 2 .   ? -2.971  20.686  6.513   1.00 88.89  ? 79   HOH A O   1 
HETATM 1602 O O   . HOH B 2 .   ? 9.007   -22.054 -11.425 1.00 45.62  ? 80   HOH A O   1 
HETATM 1603 O O   . HOH B 2 .   ? -6.927  9.027   23.804  1.00 54.23  ? 81   HOH A O   1 
HETATM 1604 O O   . HOH B 2 .   ? 8.480   -14.808 1.809   1.00 49.94  ? 82   HOH A O   1 
HETATM 1605 O O   . HOH B 2 .   ? -6.707  -14.165 -8.641  1.00 49.73  ? 83   HOH A O   1 
HETATM 1606 O O   . HOH B 2 .   ? -5.298  16.470  2.291   1.00 93.50  ? 84   HOH A O   1 
HETATM 1607 O O   . HOH B 2 .   ? 0.489   11.001  -11.995 1.00 56.14  ? 85   HOH A O   1 
HETATM 1608 O O   . HOH B 2 .   ? 10.986  -22.326 -2.694  1.00 51.75  ? 86   HOH A O   1 
HETATM 1609 O O   . HOH B 2 .   ? -3.777  10.261  -11.552 1.00 50.17  ? 87   HOH A O   1 
HETATM 1610 O O   . HOH B 2 .   ? 17.659  -17.469 0.293   1.00 48.45  ? 88   HOH A O   1 
HETATM 1611 O O   . HOH B 2 .   ? 3.274   -12.760 -25.281 1.00 53.81  ? 89   HOH A O   1 
HETATM 1612 O O   . HOH B 2 .   ? 6.162   17.488  1.574   1.00 50.68  ? 90   HOH A O   1 
HETATM 1613 O O   . HOH B 2 .   ? 8.280   3.277   2.547   1.00 48.67  ? 91   HOH A O   1 
HETATM 1614 O O   . HOH B 2 .   ? 15.665  -6.024  -13.647 1.00 58.22  ? 92   HOH A O   1 
HETATM 1615 O O   . HOH B 2 .   ? 9.791   -6.662  -21.116 1.00 50.30  ? 93   HOH A O   1 
HETATM 1616 O O   . HOH B 2 .   ? 16.804  -11.613 0.062   1.00 52.56  ? 94   HOH A O   1 
HETATM 1617 O O   . HOH B 2 .   ? -8.520  -9.784  -7.720  1.00 50.63  ? 95   HOH A O   1 
HETATM 1618 O O   . HOH B 2 .   ? 7.186   10.112  5.376   1.00 56.77  ? 96   HOH A O   1 
HETATM 1619 O O   . HOH B 2 .   ? -8.968  16.200  1.922   1.00 57.12  ? 97   HOH A O   1 
HETATM 1620 O O   . HOH B 2 .   ? 4.166   -1.660  -23.714 1.00 51.25  ? 98   HOH A O   1 
HETATM 1621 O O   . HOH B 2 .   ? 12.768  -25.106 -25.909 1.00 56.44  ? 99   HOH A O   1 
HETATM 1622 O O   . HOH B 2 .   ? -14.371 5.661   19.153  1.00 60.94  ? 100  HOH A O   1 
HETATM 1623 O O   . HOH B 2 .   ? -7.639  19.051  19.459  1.00 51.11  ? 101  HOH A O   1 
HETATM 1624 O O   . HOH B 2 .   ? -15.645 -3.292  14.687  1.00 52.41  ? 102  HOH A O   1 
HETATM 1625 O O   . HOH B 2 .   ? 2.431   13.180  -11.239 1.00 49.96  ? 103  HOH A O   1 
HETATM 1626 O O   . HOH B 2 .   ? 9.102   8.202   -2.036  1.00 51.72  ? 104  HOH A O   1 
HETATM 1627 O O   . HOH B 2 .   ? 8.096   6.680   -14.015 1.00 57.80  ? 105  HOH A O   1 
HETATM 1628 O O   . HOH B 2 .   ? -6.002  -13.721 -13.849 1.00 53.46  ? 106  HOH A O   1 
HETATM 1629 O O   . HOH B 2 .   ? -1.539  -17.809 -11.322 1.00 55.68  ? 107  HOH A O   1 
HETATM 1630 O O   . HOH B 2 .   ? 9.596   -19.227 -25.376 1.00 54.67  ? 108  HOH A O   1 
HETATM 1631 O O   . HOH B 2 .   ? -16.834 0.228   21.203  1.00 63.92  ? 109  HOH A O   1 
HETATM 1632 O O   . HOH B 2 .   ? 10.516  5.423   -4.342  1.00 57.42  ? 110  HOH A O   1 
HETATM 1633 O O   . HOH B 2 .   ? 10.898  -14.864 2.416   1.00 52.74  ? 111  HOH A O   1 
HETATM 1634 O O   . HOH B 2 .   ? -11.041 -9.607  -9.324  1.00 53.95  ? 112  HOH A O   1 
HETATM 1635 O O   . HOH B 2 .   ? -4.555  -6.514  16.806  1.00 61.02  ? 113  HOH A O   1 
HETATM 1636 O O   . HOH B 2 .   ? -17.480 -2.936  16.549  1.00 57.49  ? 114  HOH A O   1 
HETATM 1637 O O   . HOH B 2 .   ? -2.796  -11.610 -15.045 1.00 55.22  ? 115  HOH A O   1 
HETATM 1638 O O   . HOH B 2 .   ? 7.786   -23.417 -15.422 1.00 52.61  ? 116  HOH A O   1 
HETATM 1639 O O   . HOH B 2 .   ? -13.062 6.871   -14.552 1.00 67.12  ? 117  HOH A O   1 
HETATM 1640 O O   . HOH B 2 .   ? -2.740  25.981  17.024  1.00 60.06  ? 118  HOH A O   1 
HETATM 1641 O O   . HOH B 2 .   ? 3.243   -25.213 -8.568  1.00 58.50  ? 119  HOH A O   1 
HETATM 1642 O O   . HOH B 2 .   ? -8.777  8.619   -11.872 1.00 64.54  ? 120  HOH A O   1 
HETATM 1643 O O   . HOH B 2 .   ? -3.689  15.174  -10.715 1.00 64.03  ? 121  HOH A O   1 
HETATM 1644 O O   . HOH B 2 .   ? 20.064  -4.739  3.431   1.00 60.04  ? 122  HOH A O   1 
HETATM 1645 O O   . HOH B 2 .   ? -6.972  24.969  17.311  1.00 59.19  ? 123  HOH A O   1 
HETATM 1646 O O   . HOH B 2 .   ? -5.439  13.311  -12.581 1.00 59.01  ? 124  HOH A O   1 
HETATM 1647 O O   . HOH B 2 .   ? -0.115  0.945   17.799  1.00 54.42  ? 125  HOH A O   1 
HETATM 1648 O O   . HOH B 2 .   ? 4.151   9.500   1.110   1.00 55.54  ? 126  HOH A O   1 
HETATM 1649 O O   . HOH B 2 .   ? -16.458 9.792   20.602  1.00 58.23  ? 127  HOH A O   1 
HETATM 1650 O O   . HOH B 2 .   ? 2.741   -8.874  -20.768 1.00 61.23  ? 128  HOH A O   1 
HETATM 1651 O O   . HOH B 2 .   ? -9.765  9.354   -8.900  1.00 63.49  ? 129  HOH A O   1 
HETATM 1652 O O   . HOH B 2 .   ? 14.644  -2.684  7.582   1.00 58.34  ? 130  HOH A O   1 
HETATM 1653 O O   . HOH B 2 .   ? 13.762  2.260   -16.984 1.00 51.32  ? 131  HOH A O   1 
HETATM 1654 O O   . HOH B 2 .   ? -1.679  7.550   29.058  1.00 61.92  ? 132  HOH A O   1 
HETATM 1655 O O   . HOH B 2 .   ? -9.698  17.294  4.060   1.00 60.36  ? 133  HOH A O   1 
HETATM 1656 O O   . HOH B 2 .   ? 24.195  -7.394  -4.571  1.00 61.12  ? 134  HOH A O   1 
HETATM 1657 O O   . HOH B 2 .   ? -21.052 18.372  9.045   1.00 57.62  ? 135  HOH A O   1 
HETATM 1658 O O   . HOH B 2 .   ? -8.451  22.385  10.498  1.00 57.04  ? 136  HOH A O   1 
HETATM 1659 O O   . HOH B 2 .   ? 17.257  4.461   4.792   1.00 71.31  ? 137  HOH A O   1 
HETATM 1660 O O   . HOH B 2 .   ? 9.225   -11.735 -24.999 1.00 62.59  ? 138  HOH A O   1 
HETATM 1661 O O   . HOH B 2 .   ? -10.975 -4.334  -14.601 1.00 61.39  ? 139  HOH A O   1 
HETATM 1662 O O   . HOH B 2 .   ? 11.124  -24.994 -18.682 1.00 74.24  ? 140  HOH A O   1 
HETATM 1663 O O   . HOH B 2 .   ? 14.250  -26.367 -7.534  1.00 64.54  ? 141  HOH A O   1 
HETATM 1664 O O   . HOH B 2 .   ? -1.595  24.818  18.878  1.00 61.57  ? 142  HOH A O   1 
HETATM 1665 O O   . HOH B 2 .   ? -11.527 12.481  -7.464  1.00 58.51  ? 143  HOH A O   1 
HETATM 1666 O O   . HOH B 2 .   ? 12.098  -8.489  -22.365 1.00 61.77  ? 144  HOH A O   1 
HETATM 1667 O O   . HOH B 2 .   ? 12.329  -12.008 5.684   1.00 63.47  ? 145  HOH A O   1 
HETATM 1668 O O   . HOH B 2 .   ? 6.629   -6.812  11.462  1.00 62.29  ? 146  HOH A O   1 
HETATM 1669 O O   . HOH B 2 .   ? 11.739  -13.905 7.907   1.00 60.45  ? 147  HOH A O   1 
HETATM 1670 O O   . HOH B 2 .   ? 3.491   15.909  12.649  1.00 62.86  ? 148  HOH A O   1 
HETATM 1671 O O   . HOH B 2 .   ? -0.336  -19.945 -14.126 1.00 56.65  ? 149  HOH A O   1 
HETATM 1672 O O   . HOH B 2 .   ? 3.085   -19.756 -17.473 1.00 72.31  ? 150  HOH A O   1 
HETATM 1673 O O   . HOH B 2 .   ? -9.441  -6.987  -21.124 1.00 68.69  ? 151  HOH A O   1 
HETATM 1674 O O   . HOH B 2 .   ? 18.140  -24.215 -3.626  1.00 59.41  ? 152  HOH A O   1 
HETATM 1675 O O   . HOH B 2 .   ? -3.001  15.254  -0.947  1.00 67.83  ? 153  HOH A O   1 
HETATM 1676 O O   . HOH B 2 .   ? -12.939 16.164  22.941  1.00 57.55  ? 154  HOH A O   1 
HETATM 1677 O O   . HOH B 2 .   ? -5.109  24.693  19.153  1.00 61.48  ? 155  HOH A O   1 
HETATM 1678 O O   . HOH B 2 .   ? 19.449  -15.968 -15.931 1.00 57.75  ? 156  HOH A O   1 
HETATM 1679 O O   . HOH B 2 .   ? 19.468  -21.900 -16.676 1.00 67.12  ? 157  HOH A O   1 
HETATM 1680 O O   . HOH B 2 .   ? 5.446   13.128  -2.112  1.00 62.20  ? 158  HOH A O   1 
HETATM 1681 O O   . HOH B 2 .   ? -12.435 -3.019  -13.011 1.00 64.80  ? 159  HOH A O   1 
HETATM 1682 O O   . HOH B 2 .   ? -13.531 10.999  20.922  1.00 55.75  ? 160  HOH A O   1 
HETATM 1683 O O   . HOH B 2 .   ? 15.838  -10.403 -22.265 1.00 60.94  ? 161  HOH A O   1 
HETATM 1684 O O   . HOH B 2 .   ? 18.775  -7.969  -5.767  1.00 65.32  ? 162  HOH A O   1 
HETATM 1685 O O   . HOH B 2 .   ? 11.718  -4.260  -14.236 1.00 68.23  ? 163  HOH A O   1 
HETATM 1686 O O   . HOH B 2 .   ? -11.243 15.379  20.734  1.00 65.28  ? 164  HOH A O   1 
HETATM 1687 O O   . HOH B 2 .   ? 24.555  -3.111  -5.563  1.00 62.92  ? 165  HOH A O   1 
HETATM 1688 O O   . HOH B 2 .   ? 3.480   11.394  -13.139 1.00 70.46  ? 166  HOH A O   1 
HETATM 1689 O O   . HOH B 2 .   ? -6.856  -15.666 -6.572  1.00 61.04  ? 167  HOH A O   1 
HETATM 1690 O O   . HOH B 2 .   ? -12.156 -6.279  3.311   1.00 70.82  ? 168  HOH A O   1 
HETATM 1691 O O   . HOH B 2 .   ? -12.971 7.471   24.417  1.00 59.99  ? 169  HOH A O   1 
HETATM 1692 O O   . HOH B 2 .   ? 12.440  -1.562  -21.505 1.00 70.26  ? 170  HOH A O   1 
HETATM 1693 O O   . HOH B 2 .   ? -14.959 -1.678  3.982   1.00 70.30  ? 171  HOH A O   1 
HETATM 1694 O O   . HOH B 2 .   ? -13.973 4.831   -16.783 1.00 74.53  ? 172  HOH A O   1 
HETATM 1695 O O   . HOH B 2 .   ? -18.682 16.299  14.011  1.00 74.60  ? 173  HOH A O   1 
HETATM 1696 O O   . HOH B 2 .   ? -4.643  17.310  -0.028  1.00 62.49  ? 174  HOH A O   1 
HETATM 1697 O O   . HOH B 2 .   ? -13.816 -0.477  -13.551 1.00 65.36  ? 175  HOH A O   1 
HETATM 1698 O O   . HOH B 2 .   ? 14.887  2.967   -8.480  1.00 67.47  ? 176  HOH A O   1 
HETATM 1699 O O   . HOH B 2 .   ? -11.849 -9.855  -5.541  1.00 74.47  ? 177  HOH A O   1 
# 
